data_6GRG
#
_entry.id   6GRG
#
_cell.length_a   180.640
_cell.length_b   83.280
_cell.length_c   86.790
_cell.angle_alpha   90.000
_cell.angle_beta   91.430
_cell.angle_gamma   90.000
#
_symmetry.space_group_name_H-M   'C 1 2 1'
#
loop_
_entity.id
_entity.type
_entity.pdbx_description
1 polymer 'Bacteriocin microcin B17'
2 polymer 'Microcin B17-processing protein McbB'
3 polymer 'Microcin B17-processing protein McbC'
4 polymer 'Microcin B17-processing protein McbD'
5 non-polymer 'FLAVIN MONONUCLEOTIDE'
6 non-polymer 'ZINC ION'
7 non-polymer 'SULFATE ION'
8 non-polymer GLYCEROL
9 non-polymer "ADENOSINE-5'-TRIPHOSPHATE"
10 non-polymer 1,2-ETHANEDIOL
11 non-polymer "ADENOSINE-5'-DIPHOSPHATE"
12 non-polymer 'PHOSPHATE ION'
13 non-polymer 'MAGNESIUM ION'
14 non-polymer 'CHLORIDE ION'
15 water water
#
loop_
_entity_poly.entity_id
_entity_poly.type
_entity_poly.pdbx_seq_one_letter_code
_entity_poly.pdbx_strand_id
1 'polypeptide(L)'
;MGHHHHHHMELKASEFGVVLSVDALKLSRQSPLGVGIGGGGGGGGG(OTZ)GGQGG(F75)G(TOZ)N(TOZ)GGNG
(F6N)G(F6N)GSHI
;
A
2 'polypeptide(L)'
;MVLPDIKKGKDMINILPFEIISRNTKTLLITYISSVDITHEGMKKVLESLRSKQGIISEYLLDKLLDESLIDKDKGKEFL
ITTGVINKTKTSPLWVNSVIISDVPHLFSNAREQWKCDGVFVSHIIDIKDNNINVSDSTLIWLHLENYHSDIVKRIYSKF
ESNPGVAFIQSYYLKESFRIDGVYSPDLGTPCHFCHIERWLSREEKSFRRNEMSWANLLQLLKKYQMTLPALALGESERG
FSYHLIKRRLQELTGTSLVKSHVDNFMSSVSADLITCILCKEPVIHWQACSCLER
;
1,2
3 'polypeptide(L)'
;MSKHELSLVEVTHYTDPEVLAIVKDFHVRGNFASLPEFAERTFVSAVPLAHLEKFENKEVLFRPGFSSVINISSSHNFSR
ERLPSGINFCDKNKLSIRTIEKLLVNAFSSPDPGSVRRPYPSGGALYPIEVFLCRLSENTENWQAGTNVYHYLPLSQALE
PVATCNTQSLYRSLSGGDSERLGKPHFALVYCIIFEKALFKYRYRGYRMALMETGSMYQNAVLVADQIGLKNRVWAGYTD
SYVAKTMNLDQRTVAPLIVQFFGDVNDDKCLQ
;
C
4 'polypeptide(L)'
;MINVYSNLMSAWPATMAMSPKLNRNMPTFSQIWDYERITPASAAGETLKSIQGAIGEYFERRHFFNEIVTGGQKTLYEMM
PPSAAKAFTEAFFQISSLTRDEIITHKFKTVRAFNLFSLEQQEIPAVIIALDNITAADDLKFYPDRDTCGCSFHGSLNDA
IEGSLCEFMERQSLLLYWLQGKANTEISSEIVTGINHIDEILLALRSEGDIRIFDITLPGAPGHAVLTLYGTKNKISRIK
YSTGLSYANSLKKALCKSVVELWQSYICLHNFLIGGYTDDDIIDSYQRHFMSCNKYESFTDLCENTVLLSDDVKLTLEEN
ITSDTNLLNYLQQISDNIFVYYARERVSNSLVWYTKIVSPDFFLHMNNSGAININNKIYHTGDGIKVRESKMVPFP
;
D
#
loop_
_chem_comp.id
_chem_comp.type
_chem_comp.name
_chem_comp.formula
ADP non-polymer ADENOSINE-5'-DIPHOSPHATE 'C10 H15 N5 O10 P2'
ATP non-polymer ADENOSINE-5'-TRIPHOSPHATE 'C10 H16 N5 O13 P3'
CL non-polymer 'CHLORIDE ION' 'Cl -1'
EDO non-polymer 1,2-ETHANEDIOL 'C2 H6 O2'
FMN non-polymer 'FLAVIN MONONUCLEOTIDE' 'C17 H21 N4 O9 P'
GOL non-polymer GLYCEROL 'C3 H8 O3'
MG non-polymer 'MAGNESIUM ION' 'Mg 2'
PO4 non-polymer 'PHOSPHATE ION' 'O4 P -3'
SO4 non-polymer 'SULFATE ION' 'O4 S -2'
ZN non-polymer 'ZINC ION' 'Zn 2'
#
# COMPACT_ATOMS: atom_id res chain seq x y z
N ALA A 13 27.80 4.72 -17.05
CA ALA A 13 29.28 4.72 -16.87
C ALA A 13 29.81 6.13 -17.15
N SER A 14 30.79 6.56 -16.37
CA SER A 14 31.51 7.77 -16.66
C SER A 14 32.94 7.64 -16.14
N GLU A 15 33.76 8.60 -16.57
CA GLU A 15 35.17 8.63 -16.26
C GLU A 15 35.42 8.99 -14.78
N PHE A 16 34.36 9.23 -14.00
CA PHE A 16 34.50 9.80 -12.64
C PHE A 16 34.29 8.71 -11.57
N GLY A 17 33.63 7.61 -11.94
CA GLY A 17 33.33 6.52 -10.97
C GLY A 17 32.42 5.45 -11.56
N VAL A 18 31.87 4.62 -10.67
CA VAL A 18 30.84 3.65 -11.00
C VAL A 18 29.66 3.84 -10.05
N VAL A 19 28.45 3.92 -10.63
CA VAL A 19 27.18 4.04 -9.91
C VAL A 19 26.85 2.72 -9.19
N LEU A 20 26.77 2.80 -7.85
CA LEU A 20 26.40 1.70 -6.97
C LEU A 20 24.89 1.54 -6.86
N SER A 21 24.19 2.63 -6.57
CA SER A 21 22.76 2.57 -6.30
C SER A 21 22.07 3.84 -6.76
N VAL A 22 20.76 3.71 -6.97
CA VAL A 22 19.90 4.76 -7.44
C VAL A 22 18.52 4.54 -6.80
N ASP A 23 17.97 5.65 -6.29
CA ASP A 23 16.58 5.76 -5.89
C ASP A 23 15.83 6.23 -7.12
N ALA A 24 15.20 5.24 -7.78
CA ALA A 24 14.58 5.43 -9.10
C ALA A 24 13.48 6.49 -9.03
N LEU A 25 12.70 6.48 -7.93
CA LEU A 25 11.55 7.38 -7.75
C LEU A 25 12.03 8.84 -7.64
N LYS A 26 13.04 9.10 -6.80
CA LYS A 26 13.59 10.45 -6.64
C LYS A 26 14.31 10.89 -7.93
N LEU A 27 14.99 9.96 -8.64
CA LEU A 27 15.72 10.30 -9.92
C LEU A 27 14.72 10.69 -11.03
N SER A 28 13.48 10.17 -10.99
CA SER A 28 12.46 10.55 -11.98
C SER A 28 12.04 12.03 -11.80
N ARG A 29 12.14 12.54 -10.57
CA ARG A 29 11.54 13.81 -10.14
C ARG A 29 12.58 14.94 -10.10
N F6N A 64 -2.92 23.01 -14.57
CA1 F6N A 64 -4.11 22.33 -14.05
C2 F6N A 64 -4.87 21.51 -15.04
N2 F6N A 64 -4.45 21.04 -16.17
CA2 F6N A 64 -5.48 20.34 -16.78
C F6N A 64 -5.36 19.73 -18.18
O F6N A 64 -6.29 19.09 -18.67
C5 F6N A 64 -6.57 20.41 -15.90
O3 F6N A 64 -6.17 21.15 -14.81
N GLY A 65 -4.25 20.02 -18.88
CA GLY A 65 -4.07 19.61 -20.28
C GLY A 65 -3.88 18.12 -20.33
N SER A 66 -3.73 17.56 -21.56
CA SER A 66 -3.33 16.16 -21.80
C SER A 66 -1.87 16.09 -22.25
N HIS A 67 -1.14 14.99 -21.91
CA HIS A 67 0.20 14.64 -22.49
C HIS A 67 0.11 14.54 -24.02
N MET B 12 21.06 29.40 -11.30
CA MET B 12 21.21 29.20 -9.84
C MET B 12 21.53 27.74 -9.60
N ILE B 13 22.80 27.43 -9.32
CA ILE B 13 23.21 26.10 -8.92
C ILE B 13 22.93 25.96 -7.43
N ASN B 14 22.04 25.02 -7.09
CA ASN B 14 21.73 24.63 -5.68
C ASN B 14 22.54 23.38 -5.34
N ILE B 15 23.30 23.43 -4.25
CA ILE B 15 24.04 22.28 -3.74
C ILE B 15 23.12 21.49 -2.82
N LEU B 16 22.94 20.21 -3.13
CA LEU B 16 22.00 19.31 -2.47
C LEU B 16 22.73 18.56 -1.35
N PRO B 17 21.97 17.85 -0.49
CA PRO B 17 22.58 17.08 0.60
C PRO B 17 23.35 15.89 0.03
N PHE B 18 24.61 15.75 0.45
CA PHE B 18 25.40 14.57 0.14
C PHE B 18 26.59 14.48 1.10
N GLU B 19 27.27 13.33 1.07
CA GLU B 19 28.56 13.18 1.71
C GLU B 19 29.49 12.52 0.68
N ILE B 20 30.78 12.71 0.93
CA ILE B 20 31.87 12.19 0.13
C ILE B 20 32.86 11.61 1.16
N ILE B 21 32.96 10.27 1.22
CA ILE B 21 33.71 9.59 2.29
C ILE B 21 34.87 8.79 1.67
N SER B 22 36.02 8.81 2.36
CA SER B 22 37.23 8.12 1.93
C SER B 22 37.80 7.30 3.10
N ARG B 23 38.31 6.09 2.82
CA ARG B 23 39.12 5.31 3.77
C ARG B 23 39.99 4.35 2.97
N ASN B 24 41.26 4.26 3.37
CA ASN B 24 42.34 3.78 2.52
C ASN B 24 42.17 4.48 1.16
N THR B 25 42.04 3.67 0.10
CA THR B 25 42.02 4.14 -1.30
C THR B 25 40.60 4.11 -1.90
N LYS B 26 39.59 3.89 -1.05
CA LYS B 26 38.23 3.83 -1.48
C LYS B 26 37.57 5.17 -1.15
N THR B 27 36.86 5.76 -2.13
CA THR B 27 36.10 7.03 -1.95
C THR B 27 34.67 6.87 -2.48
N LEU B 28 33.70 7.20 -1.64
CA LEU B 28 32.29 7.05 -2.01
C LEU B 28 31.56 8.39 -1.85
N LEU B 29 30.76 8.69 -2.89
CA LEU B 29 29.75 9.73 -2.94
C LEU B 29 28.36 9.11 -2.68
N ILE B 30 27.60 9.74 -1.78
CA ILE B 30 26.25 9.33 -1.45
C ILE B 30 25.35 10.56 -1.41
N THR B 31 24.27 10.51 -2.17
CA THR B 31 23.27 11.55 -2.21
C THR B 31 21.90 10.91 -1.99
N TYR B 32 20.88 11.78 -2.08
CA TYR B 32 19.51 11.40 -1.96
C TYR B 32 19.14 10.57 -3.19
N ILE B 33 19.86 10.78 -4.28
CA ILE B 33 19.53 10.24 -5.59
C ILE B 33 20.34 8.96 -5.81
N SER B 34 21.59 8.96 -5.38
CA SER B 34 22.48 7.95 -5.85
C SER B 34 23.75 7.83 -4.98
N SER B 35 24.49 6.77 -5.28
CA SER B 35 25.77 6.50 -4.71
C SER B 35 26.75 6.06 -5.81
N VAL B 36 28.02 6.52 -5.74
CA VAL B 36 29.03 6.32 -6.78
C VAL B 36 30.36 5.98 -6.09
N ASP B 37 31.07 5.00 -6.67
CA ASP B 37 32.46 4.69 -6.33
C ASP B 37 33.34 5.62 -7.20
N ILE B 38 33.89 6.68 -6.59
CA ILE B 38 34.59 7.76 -7.30
C ILE B 38 36.00 7.29 -7.67
N THR B 39 36.30 7.23 -8.97
CA THR B 39 37.59 6.70 -9.48
C THR B 39 38.39 7.80 -10.19
N HIS B 40 38.45 8.98 -9.58
CA HIS B 40 38.99 10.19 -10.19
C HIS B 40 39.25 11.23 -9.09
N GLU B 41 40.52 11.61 -8.96
CA GLU B 41 41.04 12.51 -7.95
C GLU B 41 40.41 13.90 -8.14
N GLY B 42 40.40 14.38 -9.38
CA GLY B 42 39.86 15.69 -9.69
C GLY B 42 38.43 15.87 -9.22
N MET B 43 37.58 14.89 -9.53
CA MET B 43 36.16 14.94 -9.20
C MET B 43 36.00 14.79 -7.67
N LYS B 44 36.89 14.02 -7.03
CA LYS B 44 36.93 13.93 -5.56
C LYS B 44 37.16 15.33 -4.95
N LYS B 45 38.09 16.09 -5.53
CA LYS B 45 38.44 17.42 -5.03
C LYS B 45 37.23 18.34 -5.23
N VAL B 46 36.71 18.34 -6.45
CA VAL B 46 35.48 19.10 -6.76
C VAL B 46 34.44 18.84 -5.66
N LEU B 47 34.20 17.56 -5.35
CA LEU B 47 33.14 17.13 -4.46
C LEU B 47 33.43 17.55 -3.00
N GLU B 48 34.69 17.60 -2.59
CA GLU B 48 35.00 18.02 -1.23
C GLU B 48 34.78 19.53 -1.10
N SER B 49 35.20 20.26 -2.14
CA SER B 49 35.02 21.69 -2.19
C SER B 49 33.54 22.03 -2.12
N LEU B 50 32.72 21.35 -2.92
CA LEU B 50 31.27 21.60 -2.91
C LEU B 50 30.66 21.25 -1.53
N ARG B 51 31.12 20.17 -0.90
CA ARG B 51 30.61 19.74 0.40
C ARG B 51 30.88 20.81 1.49
N SER B 52 31.92 21.61 1.27
CA SER B 52 32.35 22.68 2.13
C SER B 52 31.44 23.90 2.02
N LYS B 53 31.06 24.27 0.78
N LYS B 53 31.19 24.36 0.78
CA LYS B 53 30.19 25.42 0.50
CA LYS B 53 30.50 25.64 0.54
C LYS B 53 28.77 25.18 1.02
C LYS B 53 29.02 25.49 0.88
N GLN B 54 28.13 26.27 1.46
N GLN B 54 28.34 24.64 0.10
CA GLN B 54 26.72 26.26 1.85
CA GLN B 54 26.96 24.26 0.34
C GLN B 54 25.83 26.65 0.67
C GLN B 54 26.04 25.38 -0.13
N GLY B 55 24.94 25.74 0.26
N GLY B 55 24.73 25.11 -0.06
CA GLY B 55 23.72 26.05 -0.50
CA GLY B 55 23.70 26.09 -0.46
C GLY B 55 23.97 26.39 -1.96
C GLY B 55 23.74 26.39 -1.95
N ILE B 56 23.91 27.67 -2.30
CA ILE B 56 24.00 28.12 -3.70
C ILE B 56 25.47 28.37 -4.05
N ILE B 57 25.83 28.17 -5.32
CA ILE B 57 27.17 28.48 -5.81
C ILE B 57 27.03 29.11 -7.20
N SER B 58 27.84 30.14 -7.47
CA SER B 58 27.91 30.73 -8.80
C SER B 58 28.35 29.66 -9.81
N GLU B 59 27.60 29.51 -10.90
CA GLU B 59 28.02 28.64 -11.97
C GLU B 59 29.48 28.98 -12.38
N TYR B 60 29.95 30.20 -12.13
CA TYR B 60 31.37 30.57 -12.41
C TYR B 60 32.34 29.87 -11.46
N LEU B 61 32.00 29.86 -10.16
CA LEU B 61 32.81 29.15 -9.18
C LEU B 61 32.91 27.67 -9.57
N LEU B 62 31.81 27.09 -10.08
CA LEU B 62 31.70 25.65 -10.40
C LEU B 62 32.61 25.31 -11.58
N ASP B 63 32.51 26.13 -12.63
CA ASP B 63 33.35 26.03 -13.81
C ASP B 63 34.83 26.15 -13.39
N LYS B 64 35.12 27.13 -12.52
CA LYS B 64 36.48 27.42 -12.02
C LYS B 64 37.04 26.19 -11.30
N LEU B 65 36.20 25.60 -10.47
CA LEU B 65 36.54 24.43 -9.67
C LEU B 65 36.72 23.19 -10.55
N LEU B 66 35.92 23.10 -11.61
CA LEU B 66 36.04 22.03 -12.61
C LEU B 66 37.35 22.20 -13.39
N ASP B 67 37.61 23.39 -13.92
CA ASP B 67 38.81 23.66 -14.71
C ASP B 67 40.06 23.42 -13.85
N GLU B 68 39.98 23.75 -12.57
CA GLU B 68 41.09 23.60 -11.62
C GLU B 68 41.48 22.12 -11.54
N SER B 69 40.48 21.21 -11.48
CA SER B 69 40.71 19.73 -11.39
C SER B 69 40.87 19.08 -12.78
N LEU B 70 41.04 19.91 -13.82
CA LEU B 70 41.17 19.51 -15.23
C LEU B 70 39.96 18.71 -15.73
N ILE B 71 38.77 19.00 -15.23
CA ILE B 71 37.59 18.26 -15.63
C ILE B 71 36.79 19.09 -16.64
N ASP B 72 36.37 18.46 -17.75
CA ASP B 72 35.45 19.08 -18.70
C ASP B 72 34.21 19.60 -17.96
N LYS B 73 33.66 20.72 -18.43
CA LYS B 73 32.69 21.46 -17.66
C LYS B 73 31.29 20.84 -17.80
N ASP B 74 30.88 20.48 -19.01
CA ASP B 74 29.52 19.94 -19.21
C ASP B 74 29.46 18.47 -18.75
N LYS B 75 30.55 17.73 -18.94
CA LYS B 75 30.62 16.33 -18.47
C LYS B 75 30.54 16.31 -16.94
N GLY B 76 31.40 17.12 -16.31
CA GLY B 76 31.39 17.34 -14.86
C GLY B 76 30.00 17.71 -14.34
N LYS B 77 29.33 18.63 -15.02
CA LYS B 77 28.04 19.18 -14.55
C LYS B 77 26.92 18.13 -14.66
N GLU B 78 26.89 17.47 -15.81
CA GLU B 78 25.93 16.42 -16.10
C GLU B 78 26.02 15.32 -15.01
N PHE B 79 27.26 14.96 -14.64
CA PHE B 79 27.59 14.05 -13.55
C PHE B 79 27.01 14.57 -12.21
N LEU B 80 27.34 15.82 -11.86
CA LEU B 80 26.92 16.42 -10.58
C LEU B 80 25.39 16.53 -10.48
N ILE B 81 24.71 16.85 -11.59
CA ILE B 81 23.24 16.96 -11.61
C ILE B 81 22.61 15.55 -11.49
N THR B 82 23.02 14.62 -12.36
CA THR B 82 22.26 13.37 -12.50
C THR B 82 22.47 12.47 -11.27
N THR B 83 23.64 12.58 -10.63
CA THR B 83 23.96 11.81 -9.42
C THR B 83 23.31 12.43 -8.16
N GLY B 84 22.76 13.64 -8.24
CA GLY B 84 22.01 14.29 -7.15
C GLY B 84 22.86 15.19 -6.26
N VAL B 85 23.97 15.71 -6.79
CA VAL B 85 24.86 16.57 -5.99
C VAL B 85 24.39 18.02 -6.02
N ILE B 86 23.89 18.46 -7.18
CA ILE B 86 23.47 19.84 -7.44
C ILE B 86 22.24 19.80 -8.34
N ASN B 87 21.63 20.97 -8.53
CA ASN B 87 20.71 21.14 -9.63
C ASN B 87 20.71 22.61 -10.05
N LYS B 88 20.17 22.83 -11.25
CA LYS B 88 20.05 24.12 -11.91
C LYS B 88 18.57 24.58 -11.78
N THR B 89 18.31 25.74 -11.15
CA THR B 89 16.96 26.33 -11.12
C THR B 89 17.00 27.71 -11.83
N LYS B 90 15.87 28.05 -12.46
CA LYS B 90 15.75 29.14 -13.45
C LYS B 90 14.84 30.28 -12.96
N THR B 91 13.87 29.99 -12.05
CA THR B 91 12.72 30.90 -11.80
C THR B 91 13.07 31.97 -10.75
N SER B 92 12.67 33.21 -11.02
CA SER B 92 12.64 34.29 -10.03
C SER B 92 11.53 34.02 -9.01
N PRO B 93 11.82 33.95 -7.68
CA PRO B 93 10.85 33.55 -6.65
C PRO B 93 9.91 34.68 -6.19
N LEU B 94 8.83 34.36 -5.47
CA LEU B 94 7.78 35.40 -5.20
C LEU B 94 8.28 36.40 -4.16
N TRP B 95 8.82 35.89 -3.06
CA TRP B 95 9.45 36.74 -2.08
C TRP B 95 10.96 36.67 -2.27
N VAL B 96 11.55 37.86 -2.41
CA VAL B 96 12.96 38.01 -2.69
C VAL B 96 13.80 37.85 -1.40
N ASN B 97 13.17 37.60 -0.26
CA ASN B 97 13.81 37.80 1.02
C ASN B 97 12.83 37.39 2.12
N SER B 98 13.36 36.88 3.24
CA SER B 98 12.61 36.51 4.44
C SER B 98 13.16 37.25 5.65
N VAL B 99 12.27 37.57 6.60
CA VAL B 99 12.65 38.01 7.92
C VAL B 99 11.86 37.18 8.94
N ILE B 100 12.51 36.95 10.07
CA ILE B 100 11.90 36.33 11.18
C ILE B 100 11.71 37.36 12.27
N ILE B 101 10.46 37.52 12.69
CA ILE B 101 10.14 38.39 13.81
C ILE B 101 9.67 37.50 14.97
N SER B 102 10.24 37.73 16.14
CA SER B 102 10.05 36.80 17.21
C SER B 102 10.16 37.50 18.57
N ASP B 103 9.44 36.93 19.55
CA ASP B 103 9.63 37.19 20.97
C ASP B 103 10.81 36.39 21.52
N VAL B 104 11.27 35.35 20.78
CA VAL B 104 12.42 34.50 21.22
C VAL B 104 13.51 34.50 20.14
N PRO B 105 14.08 35.68 19.81
CA PRO B 105 15.10 35.78 18.77
C PRO B 105 16.40 35.00 19.03
N HIS B 106 16.78 34.80 20.30
CA HIS B 106 17.98 34.00 20.63
C HIS B 106 17.89 32.63 19.94
N LEU B 107 16.69 32.01 19.97
CA LEU B 107 16.45 30.69 19.34
C LEU B 107 16.85 30.70 17.85
N PHE B 108 17.13 31.87 17.25
CA PHE B 108 17.31 31.97 15.81
C PHE B 108 18.69 32.57 15.50
N SER B 109 19.57 32.57 16.49
CA SER B 109 20.79 33.34 16.39
C SER B 109 21.79 32.68 15.42
N ASN B 110 21.62 31.41 15.06
CA ASN B 110 22.51 30.87 14.05
C ASN B 110 21.74 30.57 12.75
N ALA B 111 20.44 30.87 12.73
CA ALA B 111 19.54 30.45 11.67
C ALA B 111 19.94 31.08 10.34
N ARG B 112 20.32 32.35 10.37
CA ARG B 112 20.67 33.06 9.17
C ARG B 112 21.83 32.35 8.48
N GLU B 113 22.82 31.95 9.28
CA GLU B 113 24.04 31.34 8.83
C GLU B 113 23.76 29.92 8.33
N GLN B 114 23.13 29.12 9.19
CA GLN B 114 22.94 27.67 8.93
C GLN B 114 22.03 27.47 7.73
N TRP B 115 20.93 28.22 7.65
CA TRP B 115 19.89 27.90 6.71
C TRP B 115 20.28 28.35 5.30
N LYS B 116 21.41 29.02 5.15
CA LYS B 116 21.98 29.31 3.82
C LYS B 116 22.23 27.98 3.11
N CYS B 117 22.62 26.96 3.86
CA CYS B 117 23.00 25.72 3.21
C CYS B 117 21.74 24.99 2.72
N ASP B 118 20.56 25.40 3.21
CA ASP B 118 19.27 24.86 2.77
C ASP B 118 18.66 25.77 1.70
N GLY B 119 19.39 26.84 1.34
CA GLY B 119 19.06 27.70 0.23
C GLY B 119 18.05 28.77 0.63
N VAL B 120 17.93 28.99 1.94
CA VAL B 120 17.00 29.96 2.48
C VAL B 120 17.78 31.25 2.82
N PHE B 121 17.34 32.37 2.25
CA PHE B 121 17.85 33.72 2.54
C PHE B 121 16.93 34.37 3.59
N VAL B 122 17.36 34.37 4.85
CA VAL B 122 16.71 35.14 5.91
C VAL B 122 17.64 36.33 6.17
N SER B 123 17.17 37.57 5.96
CA SER B 123 18.03 38.75 6.03
C SER B 123 18.19 39.23 7.48
N HIS B 124 17.15 39.09 8.31
CA HIS B 124 17.18 39.62 9.66
C HIS B 124 16.34 38.76 10.60
N ILE B 125 16.84 38.64 11.83
CA ILE B 125 16.10 38.21 12.99
C ILE B 125 15.72 39.45 13.80
N ILE B 126 14.41 39.71 13.93
CA ILE B 126 13.92 40.93 14.56
C ILE B 126 13.24 40.59 15.89
N ASP B 127 13.70 41.20 16.98
CA ASP B 127 13.04 41.13 18.29
C ASP B 127 11.78 41.99 18.23
N ILE B 128 10.66 41.44 18.67
CA ILE B 128 9.35 42.12 18.57
C ILE B 128 9.37 43.40 19.43
N LYS B 129 10.14 43.39 20.53
CA LYS B 129 10.38 44.53 21.41
C LYS B 129 10.88 45.77 20.67
N ASP B 130 11.45 45.61 19.48
CA ASP B 130 12.10 46.70 18.76
C ASP B 130 11.03 47.61 18.13
N ASN B 131 11.26 48.92 18.23
CA ASN B 131 10.54 49.97 17.48
C ASN B 131 11.20 50.17 16.11
N ASN B 132 10.53 50.92 15.23
CA ASN B 132 11.06 51.27 13.89
C ASN B 132 11.51 49.99 13.18
N ILE B 133 10.68 48.94 13.25
CA ILE B 133 10.89 47.71 12.49
C ILE B 133 10.61 48.04 11.03
N ASN B 134 11.60 47.80 10.16
CA ASN B 134 11.50 48.07 8.72
C ASN B 134 11.49 46.76 7.93
N VAL B 135 10.68 46.67 6.87
CA VAL B 135 10.67 45.52 5.96
C VAL B 135 10.55 45.99 4.49
N SER B 136 11.52 45.63 3.66
CA SER B 136 11.48 45.89 2.24
C SER B 136 10.32 45.16 1.56
N ASP B 137 10.12 45.53 0.30
CA ASP B 137 9.10 45.04 -0.61
C ASP B 137 9.40 43.58 -0.97
N SER B 138 8.33 42.79 -1.10
CA SER B 138 8.39 41.42 -1.57
C SER B 138 9.16 40.57 -0.55
N THR B 139 8.96 40.91 0.73
CA THR B 139 9.53 40.17 1.82
C THR B 139 8.47 39.31 2.49
N LEU B 140 8.83 38.05 2.74
CA LEU B 140 7.99 37.13 3.47
C LEU B 140 8.30 37.33 4.95
N ILE B 141 7.31 37.76 5.74
CA ILE B 141 7.52 38.01 7.16
C ILE B 141 7.06 36.77 7.93
N TRP B 142 8.02 36.09 8.58
CA TRP B 142 7.76 35.01 9.55
C TRP B 142 7.70 35.58 10.98
N LEU B 143 6.50 35.61 11.55
CA LEU B 143 6.28 36.00 12.93
C LEU B 143 6.07 34.73 13.75
N HIS B 144 7.00 34.45 14.67
CA HIS B 144 6.97 33.29 15.53
C HIS B 144 6.94 33.75 16.98
N LEU B 145 5.87 33.40 17.71
CA LEU B 145 5.66 33.76 19.14
C LEU B 145 5.57 32.52 20.03
N GLU B 146 6.39 32.51 21.09
CA GLU B 146 6.21 31.60 22.21
C GLU B 146 5.10 32.11 23.14
N ASN B 147 5.14 33.40 23.50
CA ASN B 147 4.09 34.01 24.34
C ASN B 147 3.08 34.72 23.42
N TYR B 148 1.99 34.02 23.10
CA TYR B 148 1.00 34.51 22.12
C TYR B 148 0.21 35.71 22.66
N HIS B 149 0.08 36.73 21.83
CA HIS B 149 -0.96 37.74 21.97
C HIS B 149 -1.38 38.22 20.59
N SER B 150 -2.69 38.34 20.39
CA SER B 150 -3.26 38.71 19.10
C SER B 150 -2.87 40.15 18.73
N ASP B 151 -2.74 41.05 19.70
CA ASP B 151 -2.27 42.40 19.46
C ASP B 151 -0.89 42.42 18.78
N ILE B 152 -0.05 41.42 19.06
CA ILE B 152 1.27 41.37 18.39
C ILE B 152 1.08 41.19 16.87
N VAL B 153 0.21 40.26 16.49
CA VAL B 153 -0.09 40.02 15.07
C VAL B 153 -0.73 41.29 14.45
N LYS B 154 -1.69 41.89 15.17
CA LYS B 154 -2.40 43.06 14.66
C LYS B 154 -1.39 44.16 14.34
N ARG B 155 -0.42 44.34 15.24
CA ARG B 155 0.59 45.36 15.11
C ARG B 155 1.39 45.15 13.81
N ILE B 156 1.73 43.90 13.51
CA ILE B 156 2.57 43.57 12.39
C ILE B 156 1.80 43.77 11.08
N TYR B 157 0.62 43.17 10.96
CA TYR B 157 -0.31 43.42 9.84
C TYR B 157 -0.45 44.93 9.62
N SER B 158 -0.71 45.65 10.70
CA SER B 158 -0.88 47.07 10.64
C SER B 158 0.36 47.77 10.06
N LYS B 159 1.57 47.42 10.55
CA LYS B 159 2.84 48.02 10.10
C LYS B 159 3.00 47.69 8.60
N PHE B 160 2.69 46.45 8.16
CA PHE B 160 3.29 45.87 6.89
C PHE B 160 2.31 45.35 5.82
N GLU B 161 1.01 45.25 6.11
CA GLU B 161 0.01 44.77 5.10
C GLU B 161 0.10 45.54 3.77
N SER B 162 0.43 46.83 3.84
CA SER B 162 0.48 47.69 2.68
C SER B 162 1.75 47.51 1.85
N ASN B 163 2.78 46.86 2.41
CA ASN B 163 4.03 46.71 1.66
C ASN B 163 3.80 45.94 0.37
N PRO B 164 4.21 46.50 -0.78
CA PRO B 164 4.15 45.83 -2.08
C PRO B 164 4.76 44.41 -2.05
N GLY B 165 3.96 43.41 -2.36
CA GLY B 165 4.42 42.03 -2.52
C GLY B 165 4.66 41.30 -1.21
N VAL B 166 4.20 41.85 -0.09
CA VAL B 166 4.44 41.25 1.20
C VAL B 166 3.63 39.95 1.31
N ALA B 167 4.12 39.04 2.14
CA ALA B 167 3.32 37.97 2.69
C ALA B 167 3.79 37.72 4.14
N PHE B 168 3.00 36.98 4.90
CA PHE B 168 3.28 36.68 6.27
C PHE B 168 3.03 35.19 6.54
N ILE B 169 3.85 34.62 7.45
CA ILE B 169 3.54 33.36 8.12
C ILE B 169 3.58 33.64 9.63
N GLN B 170 2.66 33.02 10.37
CA GLN B 170 2.62 33.12 11.80
C GLN B 170 2.78 31.69 12.33
N SER B 171 3.62 31.56 13.38
CA SER B 171 3.75 30.32 14.13
C SER B 171 3.68 30.60 15.65
N TYR B 172 3.05 29.69 16.38
CA TYR B 172 2.69 29.89 17.77
C TYR B 172 2.19 28.56 18.32
N TYR B 173 1.96 28.49 19.64
CA TYR B 173 1.54 27.23 20.25
C TYR B 173 0.11 27.34 20.76
N LEU B 174 -0.61 26.23 20.64
CA LEU B 174 -1.97 26.04 21.12
C LEU B 174 -2.08 24.63 21.69
N LYS B 175 -2.24 24.55 23.00
CA LYS B 175 -2.45 23.32 23.77
C LYS B 175 -1.19 22.46 23.72
N GLU B 176 -1.20 21.38 22.95
CA GLU B 176 0.00 20.59 22.80
C GLU B 176 0.47 20.61 21.35
N SER B 177 -0.07 21.56 20.56
CA SER B 177 0.28 21.65 19.15
C SER B 177 1.21 22.86 18.88
N PHE B 178 2.05 22.73 17.85
CA PHE B 178 2.76 23.84 17.24
C PHE B 178 2.03 24.19 15.96
N ARG B 179 1.72 25.47 15.76
CA ARG B 179 0.92 25.88 14.60
C ARG B 179 1.76 26.76 13.66
N ILE B 180 1.71 26.42 12.38
CA ILE B 180 2.21 27.24 11.33
C ILE B 180 1.03 27.60 10.42
N ASP B 181 0.64 28.89 10.35
CA ASP B 181 -0.49 29.31 9.50
C ASP B 181 -0.09 29.18 8.02
N GLY B 182 -1.10 28.99 7.17
CA GLY B 182 -1.01 29.25 5.73
C GLY B 182 -0.32 30.58 5.45
N VAL B 183 0.20 30.74 4.25
CA VAL B 183 0.82 31.97 3.88
C VAL B 183 -0.31 32.98 3.72
N TYR B 184 -0.15 34.11 4.40
CA TYR B 184 -1.06 35.21 4.30
C TYR B 184 -0.48 36.20 3.30
N SER B 185 -1.14 36.35 2.15
CA SER B 185 -0.70 37.19 1.04
C SER B 185 -1.84 38.10 0.61
N PRO B 186 -1.91 39.39 1.02
CA PRO B 186 -2.92 40.30 0.47
C PRO B 186 -3.06 40.17 -1.06
N ASP B 187 -1.93 40.16 -1.78
CA ASP B 187 -1.91 40.09 -3.26
C ASP B 187 -2.69 38.86 -3.75
N LEU B 188 -2.51 37.70 -3.10
CA LEU B 188 -3.06 36.42 -3.60
C LEU B 188 -4.46 36.12 -3.04
N GLY B 189 -4.86 36.82 -1.96
CA GLY B 189 -6.20 36.76 -1.36
C GLY B 189 -6.35 35.66 -0.33
N THR B 190 -5.26 35.27 0.33
CA THR B 190 -5.27 34.09 1.18
C THR B 190 -5.63 34.43 2.62
N PRO B 191 -6.20 33.47 3.37
CA PRO B 191 -6.60 33.73 4.74
C PRO B 191 -5.44 34.15 5.65
N CYS B 192 -5.74 35.06 6.58
CA CYS B 192 -4.80 35.63 7.53
C CYS B 192 -4.72 34.78 8.80
N HIS B 193 -3.88 35.20 9.76
CA HIS B 193 -3.75 34.54 11.07
C HIS B 193 -5.11 34.29 11.73
N PHE B 194 -5.96 35.32 11.76
CA PHE B 194 -7.18 35.26 12.56
C PHE B 194 -8.14 34.26 11.89
N CYS B 195 -8.02 34.09 10.57
CA CYS B 195 -8.82 33.08 9.87
C CYS B 195 -8.42 31.70 10.41
N HIS B 196 -7.12 31.55 10.72
CA HIS B 196 -6.56 30.30 11.18
C HIS B 196 -6.97 30.01 12.63
N ILE B 197 -6.68 30.95 13.54
CA ILE B 197 -6.81 30.64 14.95
C ILE B 197 -8.29 30.46 15.33
N GLU B 198 -9.19 31.10 14.57
CA GLU B 198 -10.64 30.86 14.73
C GLU B 198 -11.02 29.46 14.26
N ARG B 199 -10.39 28.97 13.18
CA ARG B 199 -10.64 27.59 12.72
C ARG B 199 -10.25 26.59 13.80
N TRP B 200 -9.08 26.78 14.44
CA TRP B 200 -8.61 25.88 15.50
C TRP B 200 -9.43 26.05 16.80
N LEU B 201 -9.75 27.28 17.21
CA LEU B 201 -10.58 27.46 18.45
C LEU B 201 -11.98 26.86 18.26
N SER B 202 -12.52 26.87 17.04
CA SER B 202 -13.75 26.18 16.70
C SER B 202 -13.61 24.66 16.89
N ARG B 203 -12.64 24.03 16.22
CA ARG B 203 -12.41 22.59 16.35
C ARG B 203 -12.21 22.17 17.81
N GLU B 204 -11.58 23.03 18.64
CA GLU B 204 -11.25 22.63 20.01
C GLU B 204 -12.50 22.62 20.92
N GLU B 205 -13.56 23.39 20.59
CA GLU B 205 -14.83 23.34 21.36
C GLU B 205 -15.39 21.91 21.27
N LYS B 206 -15.78 21.31 22.42
CA LYS B 206 -16.43 19.97 22.48
C LYS B 206 -17.92 20.17 22.11
N SER B 207 -18.12 20.50 20.82
CA SER B 207 -19.36 21.03 20.27
C SER B 207 -20.09 19.97 19.45
N PHE B 208 -19.34 18.95 18.98
CA PHE B 208 -19.74 17.93 17.93
C PHE B 208 -20.37 18.63 16.71
N ARG B 209 -19.82 19.80 16.37
CA ARG B 209 -20.35 20.72 15.33
C ARG B 209 -19.16 21.50 14.75
N ARG B 210 -19.11 21.56 13.42
CA ARG B 210 -18.17 22.39 12.68
C ARG B 210 -18.52 23.87 12.87
N ASN B 211 -19.81 24.21 12.78
CA ASN B 211 -20.28 25.58 12.89
C ASN B 211 -20.02 26.12 14.31
N GLU B 212 -19.22 27.20 14.39
CA GLU B 212 -18.75 27.76 15.67
C GLU B 212 -19.76 28.76 16.25
N MET B 213 -20.79 29.19 15.48
CA MET B 213 -21.60 30.43 15.80
C MET B 213 -22.79 30.11 16.72
N SER B 214 -22.95 30.95 17.75
CA SER B 214 -24.04 30.89 18.73
C SER B 214 -24.10 32.24 19.48
N TRP B 215 -25.12 32.44 20.30
CA TRP B 215 -25.22 33.72 20.97
C TRP B 215 -24.09 33.91 21.99
N ALA B 216 -23.56 32.83 22.55
CA ALA B 216 -22.36 32.95 23.41
C ALA B 216 -21.20 33.58 22.62
N ASN B 217 -21.00 33.16 21.36
CA ASN B 217 -19.96 33.74 20.51
C ASN B 217 -20.30 35.17 20.11
N LEU B 218 -21.55 35.42 19.70
CA LEU B 218 -21.98 36.74 19.29
C LEU B 218 -21.63 37.79 20.37
N LEU B 219 -21.99 37.50 21.62
CA LEU B 219 -21.74 38.38 22.78
C LEU B 219 -20.24 38.64 23.00
N GLN B 220 -19.40 37.62 22.85
CA GLN B 220 -17.97 37.79 22.97
C GLN B 220 -17.41 38.69 21.86
N LEU B 221 -18.03 38.67 20.67
CA LEU B 221 -17.57 39.49 19.55
C LEU B 221 -17.84 40.98 19.80
N LEU B 222 -18.70 41.33 20.76
CA LEU B 222 -18.93 42.77 21.10
C LEU B 222 -17.68 43.42 21.70
N LYS B 223 -16.88 42.64 22.43
CA LYS B 223 -15.63 43.15 23.05
C LYS B 223 -14.53 43.27 22.02
N LYS B 224 -13.60 44.18 22.32
CA LYS B 224 -12.37 44.37 21.60
C LYS B 224 -11.75 42.97 21.41
N TYR B 225 -11.52 42.59 20.16
CA TYR B 225 -10.84 41.32 19.85
C TYR B 225 -9.47 41.30 20.53
N GLN B 226 -9.23 40.28 21.36
CA GLN B 226 -8.05 40.29 22.18
C GLN B 226 -7.87 38.89 22.76
N MET B 227 -6.67 38.30 22.66
CA MET B 227 -6.50 37.01 23.31
C MET B 227 -5.07 36.50 23.38
N THR B 228 -4.94 35.62 24.37
CA THR B 228 -3.83 34.77 24.66
C THR B 228 -4.27 33.31 24.36
N LEU B 229 -3.32 32.38 24.32
CA LEU B 229 -3.60 30.98 24.01
C LEU B 229 -3.05 30.10 25.12
N PRO B 230 -3.81 29.10 25.63
CA PRO B 230 -3.25 28.14 26.57
C PRO B 230 -2.42 27.14 25.75
N ALA B 231 -1.26 26.73 26.30
CA ALA B 231 -0.33 25.78 25.67
C ALA B 231 0.63 25.26 26.73
N LEU B 232 1.16 24.05 26.52
CA LEU B 232 2.03 23.42 27.52
C LEU B 232 3.38 24.12 27.47
N ALA B 233 4.15 23.99 28.55
CA ALA B 233 5.46 24.62 28.62
C ALA B 233 6.39 23.92 27.62
N LEU B 234 7.29 24.68 27.02
CA LEU B 234 8.22 24.17 26.05
C LEU B 234 9.53 23.80 26.76
N GLY B 235 10.17 22.72 26.31
CA GLY B 235 11.55 22.40 26.65
C GLY B 235 12.42 22.71 25.44
N GLU B 236 13.73 22.44 25.55
CA GLU B 236 14.69 22.62 24.44
C GLU B 236 14.29 21.71 23.25
N SER B 237 13.70 20.54 23.56
CA SER B 237 13.34 19.55 22.53
C SER B 237 12.16 20.03 21.68
N GLU B 238 11.11 20.59 22.30
CA GLU B 238 10.00 21.17 21.52
C GLU B 238 10.52 22.33 20.67
N ARG B 239 11.43 23.14 21.22
CA ARG B 239 12.01 24.26 20.46
C ARG B 239 12.78 23.76 19.25
N GLY B 240 13.57 22.67 19.45
CA GLY B 240 14.34 22.01 18.39
C GLY B 240 13.48 21.53 17.24
N PHE B 241 12.43 20.79 17.58
CA PHE B 241 11.43 20.32 16.65
C PHE B 241 10.82 21.49 15.86
N SER B 242 10.54 22.59 16.57
CA SER B 242 9.88 23.77 15.98
C SER B 242 10.81 24.44 14.96
N TYR B 243 12.10 24.50 15.31
CA TYR B 243 13.14 25.10 14.51
C TYR B 243 13.23 24.36 13.17
N HIS B 244 13.13 23.02 13.20
CA HIS B 244 13.24 22.21 12.00
C HIS B 244 12.03 22.42 11.06
N LEU B 245 10.80 22.49 11.62
CA LEU B 245 9.60 22.71 10.81
C LEU B 245 9.61 24.11 10.21
N ILE B 246 10.07 25.12 10.98
CA ILE B 246 10.19 26.46 10.46
C ILE B 246 11.14 26.40 9.27
N LYS B 247 12.33 25.84 9.46
CA LYS B 247 13.33 25.79 8.37
C LYS B 247 12.77 25.12 7.10
N ARG B 248 12.11 23.97 7.28
CA ARG B 248 11.64 23.14 6.15
C ARG B 248 10.49 23.83 5.44
N ARG B 249 9.63 24.50 6.21
CA ARG B 249 8.51 25.29 5.66
C ARG B 249 9.05 26.46 4.85
N LEU B 250 10.02 27.20 5.40
CA LEU B 250 10.67 28.30 4.66
C LEU B 250 11.35 27.74 3.40
N GLN B 251 12.00 26.59 3.55
CA GLN B 251 12.69 25.92 2.47
C GLN B 251 11.71 25.56 1.35
N GLU B 252 10.55 24.98 1.71
CA GLU B 252 9.51 24.64 0.73
C GLU B 252 9.19 25.89 -0.11
N LEU B 253 9.01 27.02 0.57
CA LEU B 253 8.45 28.22 -0.06
C LEU B 253 9.54 28.97 -0.83
N THR B 254 10.73 29.16 -0.22
CA THR B 254 11.72 30.13 -0.80
C THR B 254 13.12 29.54 -0.95
N GLY B 255 13.35 28.28 -0.53
CA GLY B 255 14.72 27.72 -0.51
C GLY B 255 14.96 26.64 -1.57
N THR B 256 15.99 25.82 -1.35
CA THR B 256 16.27 24.67 -2.23
C THR B 256 15.19 23.61 -2.01
N SER B 257 14.31 23.49 -3.01
CA SER B 257 13.28 22.46 -3.07
C SER B 257 13.96 21.08 -3.22
N LEU B 258 13.70 20.17 -2.27
CA LEU B 258 14.15 18.81 -2.36
C LEU B 258 13.00 17.92 -2.85
N VAL B 259 11.78 18.16 -2.34
CA VAL B 259 10.56 17.41 -2.66
C VAL B 259 9.51 18.45 -3.02
N LYS B 260 9.00 18.42 -4.24
CA LYS B 260 7.95 19.32 -4.73
C LYS B 260 6.63 19.09 -3.99
N SER B 261 5.95 20.19 -3.68
CA SER B 261 4.60 20.18 -3.06
C SER B 261 3.54 20.22 -4.16
N HIS B 262 2.41 19.52 -3.96
CA HIS B 262 1.26 19.68 -4.85
C HIS B 262 0.68 21.10 -4.68
N VAL B 263 0.18 21.62 -5.80
CA VAL B 263 -0.36 22.97 -5.91
C VAL B 263 -1.54 23.14 -4.93
N ASP B 264 -2.24 22.04 -4.59
CA ASP B 264 -3.48 22.16 -3.77
C ASP B 264 -3.20 22.33 -2.26
N ASN B 265 -1.92 22.23 -1.84
N ASN B 265 -1.93 22.28 -1.83
CA ASN B 265 -1.52 22.24 -0.43
CA ASN B 265 -1.63 22.39 -0.41
C ASN B 265 -0.34 23.20 -0.17
C ASN B 265 -0.29 23.10 -0.19
N PHE B 266 0.28 23.72 -1.23
CA PHE B 266 1.58 24.42 -1.14
C PHE B 266 1.57 25.56 -0.10
N MET B 267 0.43 26.26 0.04
CA MET B 267 0.36 27.44 0.89
C MET B 267 -0.41 27.20 2.20
N SER B 268 -0.87 25.97 2.42
CA SER B 268 -1.74 25.60 3.53
C SER B 268 -1.02 25.63 4.87
N SER B 269 -1.84 25.61 5.90
CA SER B 269 -1.37 25.54 7.25
C SER B 269 -0.66 24.21 7.48
N VAL B 270 0.27 24.18 8.44
CA VAL B 270 0.94 22.96 8.95
C VAL B 270 0.80 23.00 10.47
N SER B 271 0.16 21.98 11.03
CA SER B 271 0.00 21.82 12.48
C SER B 271 0.76 20.55 12.93
N ALA B 272 1.35 20.58 14.11
CA ALA B 272 2.10 19.43 14.65
C ALA B 272 1.74 19.20 16.12
N ASP B 273 1.38 17.96 16.44
CA ASP B 273 1.28 17.52 17.80
C ASP B 273 2.69 17.30 18.36
N LEU B 274 3.00 17.97 19.47
CA LEU B 274 4.30 17.86 20.05
C LEU B 274 4.43 16.58 20.87
N ILE B 275 3.32 15.92 21.20
CA ILE B 275 3.36 14.65 21.94
C ILE B 275 3.72 13.47 20.99
N THR B 276 3.05 13.45 19.86
CA THR B 276 2.94 12.39 18.92
C THR B 276 3.89 12.64 17.76
N CYS B 277 4.24 13.91 17.52
CA CYS B 277 5.10 14.37 16.42
C CYS B 277 4.46 14.22 15.02
N ILE B 278 3.14 14.02 14.95
CA ILE B 278 2.46 13.85 13.69
C ILE B 278 2.11 15.21 13.11
N LEU B 279 2.39 15.40 11.82
CA LEU B 279 2.04 16.60 11.08
C LEU B 279 0.65 16.48 10.49
N CYS B 280 -0.02 17.63 10.40
CA CYS B 280 -1.30 17.81 9.66
C CYS B 280 -1.30 19.10 8.83
N LYS B 281 -1.23 18.94 7.51
CA LYS B 281 -1.24 19.97 6.46
C LYS B 281 -2.68 20.13 5.97
N GLU B 282 -3.24 21.36 5.97
CA GLU B 282 -4.72 21.59 5.93
C GLU B 282 -5.05 22.99 5.44
N PRO B 283 -5.80 23.17 4.33
CA PRO B 283 -6.18 24.51 3.91
C PRO B 283 -7.42 24.96 4.70
N VAL B 284 -7.33 26.18 5.21
CA VAL B 284 -8.31 26.82 6.03
C VAL B 284 -9.13 27.77 5.13
N ILE B 285 -10.43 27.88 5.41
CA ILE B 285 -11.31 28.85 4.72
C ILE B 285 -11.20 30.25 5.36
N HIS B 286 -11.62 31.27 4.62
CA HIS B 286 -11.76 32.58 5.22
C HIS B 286 -12.80 32.50 6.36
N TRP B 287 -12.47 33.10 7.51
CA TRP B 287 -13.41 33.28 8.61
C TRP B 287 -14.42 34.39 8.26
N GLN B 288 -15.71 34.11 8.49
CA GLN B 288 -16.82 34.95 8.01
C GLN B 288 -16.77 36.34 8.67
N ALA B 289 -16.27 36.40 9.91
CA ALA B 289 -16.31 37.60 10.67
C ALA B 289 -14.97 38.34 10.55
N CYS B 290 -14.11 37.91 9.61
CA CYS B 290 -12.79 38.47 9.49
C CYS B 290 -12.81 39.59 8.47
N SER B 291 -11.80 40.46 8.58
CA SER B 291 -11.69 41.70 7.81
C SER B 291 -10.65 41.58 6.68
N CYS B 292 -9.84 40.51 6.64
CA CYS B 292 -8.65 40.47 5.79
C CYS B 292 -9.02 40.56 4.30
N LEU B 293 -10.22 40.13 3.91
CA LEU B 293 -10.68 40.21 2.52
C LEU B 293 -11.03 41.65 2.12
N GLU B 294 -11.45 42.47 3.09
CA GLU B 294 -11.96 43.81 2.84
C GLU B 294 -10.79 44.81 2.74
N ARG B 295 -9.62 44.44 3.22
CA ARG B 295 -8.44 45.31 3.14
C ARG B 295 -7.93 45.28 1.69
N ILE C 13 2.87 -13.98 34.17
CA ILE C 13 2.99 -15.02 33.09
C ILE C 13 2.29 -14.51 31.82
N ASN C 14 3.03 -14.42 30.70
CA ASN C 14 2.44 -14.26 29.37
C ASN C 14 2.52 -15.62 28.63
N ILE C 15 1.38 -16.09 28.10
CA ILE C 15 1.34 -17.28 27.26
C ILE C 15 1.65 -16.89 25.82
N LEU C 16 2.77 -17.37 25.27
CA LEU C 16 3.20 -16.95 23.93
C LEU C 16 2.38 -17.69 22.88
N PRO C 17 2.38 -17.23 21.62
CA PRO C 17 1.82 -18.02 20.53
C PRO C 17 2.62 -19.31 20.26
N PHE C 18 1.89 -20.41 20.11
CA PHE C 18 2.47 -21.69 19.72
C PHE C 18 1.37 -22.54 19.09
N GLU C 19 1.81 -23.67 18.51
CA GLU C 19 0.94 -24.66 17.91
C GLU C 19 1.32 -26.03 18.46
N ILE C 20 0.32 -26.91 18.54
CA ILE C 20 0.49 -28.30 18.78
C ILE C 20 -0.30 -29.02 17.69
N ILE C 21 0.33 -30.03 17.09
CA ILE C 21 -0.22 -30.86 16.02
C ILE C 21 -0.21 -32.33 16.47
N SER C 22 -1.32 -33.03 16.25
CA SER C 22 -1.54 -34.40 16.72
C SER C 22 -1.99 -35.32 15.58
N ARG C 23 -1.57 -36.58 15.66
CA ARG C 23 -1.75 -37.61 14.61
C ARG C 23 -1.25 -38.92 15.23
N ASN C 24 -1.94 -40.03 14.98
CA ASN C 24 -1.78 -41.22 15.84
C ASN C 24 -1.95 -40.72 17.30
N THR C 25 -1.20 -41.30 18.24
CA THR C 25 -1.06 -40.75 19.59
C THR C 25 0.12 -39.76 19.66
N LYS C 26 0.56 -39.27 18.50
CA LYS C 26 1.75 -38.42 18.40
C LYS C 26 1.33 -36.94 18.54
N THR C 27 2.23 -36.11 19.07
CA THR C 27 2.00 -34.69 19.26
C THR C 27 3.32 -33.92 19.11
N LEU C 28 3.27 -32.83 18.37
CA LEU C 28 4.44 -32.02 18.13
C LEU C 28 4.09 -30.56 18.49
N LEU C 29 4.87 -30.05 19.46
CA LEU C 29 4.86 -28.66 19.92
C LEU C 29 5.84 -27.83 19.09
N ILE C 30 5.32 -26.74 18.52
CA ILE C 30 6.15 -25.76 17.88
C ILE C 30 5.81 -24.39 18.46
N THR C 31 6.88 -23.69 18.85
CA THR C 31 6.85 -22.40 19.45
C THR C 31 7.70 -21.49 18.57
N TYR C 32 7.92 -20.26 19.02
CA TYR C 32 8.65 -19.36 18.18
C TYR C 32 10.11 -19.79 18.07
N ILE C 33 10.65 -20.58 19.01
CA ILE C 33 12.11 -20.94 19.05
C ILE C 33 12.36 -22.46 19.08
N SER C 34 11.31 -23.28 19.11
CA SER C 34 11.46 -24.71 19.41
C SER C 34 10.44 -25.57 18.66
N SER C 35 10.80 -26.85 18.59
CA SER C 35 10.06 -27.90 17.95
C SER C 35 10.27 -29.14 18.80
N VAL C 36 9.22 -29.68 19.43
CA VAL C 36 9.42 -30.65 20.51
C VAL C 36 8.37 -31.77 20.47
N ASP C 37 8.85 -33.01 20.55
CA ASP C 37 8.01 -34.20 20.60
C ASP C 37 7.44 -34.31 22.02
N ILE C 38 6.11 -34.33 22.12
CA ILE C 38 5.43 -34.39 23.37
C ILE C 38 4.87 -35.81 23.54
N THR C 39 5.49 -36.58 24.45
CA THR C 39 5.15 -37.96 24.64
C THR C 39 4.44 -38.17 25.98
N HIS C 40 4.54 -37.20 26.90
CA HIS C 40 3.90 -37.24 28.21
C HIS C 40 2.46 -36.70 28.11
N GLU C 41 1.47 -37.52 28.51
CA GLU C 41 0.04 -37.19 28.31
C GLU C 41 -0.30 -35.92 29.10
N GLY C 42 0.27 -35.84 30.31
CA GLY C 42 0.14 -34.69 31.18
C GLY C 42 0.43 -33.39 30.47
N MET C 43 1.56 -33.36 29.74
CA MET C 43 2.03 -32.12 29.10
C MET C 43 1.15 -31.79 27.87
N LYS C 44 0.60 -32.81 27.18
CA LYS C 44 -0.37 -32.59 26.11
C LYS C 44 -1.60 -31.86 26.70
N LYS C 45 -2.03 -32.29 27.91
CA LYS C 45 -3.24 -31.73 28.56
C LYS C 45 -2.96 -30.27 28.97
N VAL C 46 -1.72 -29.98 29.38
CA VAL C 46 -1.26 -28.65 29.81
C VAL C 46 -1.13 -27.69 28.62
N LEU C 47 -0.52 -28.17 27.52
CA LEU C 47 -0.35 -27.38 26.31
C LEU C 47 -1.71 -27.15 25.63
N GLU C 48 -2.57 -28.18 25.56
CA GLU C 48 -3.90 -28.03 24.92
C GLU C 48 -4.72 -26.97 25.64
N SER C 49 -4.55 -26.95 26.97
CA SER C 49 -5.23 -26.03 27.83
C SER C 49 -4.72 -24.61 27.58
N LEU C 50 -3.40 -24.44 27.50
CA LEU C 50 -2.77 -23.11 27.30
C LEU C 50 -3.00 -22.58 25.87
N ARG C 51 -3.19 -23.50 24.92
CA ARG C 51 -3.37 -23.18 23.51
C ARG C 51 -4.66 -22.36 23.33
N SER C 52 -5.69 -22.64 24.14
CA SER C 52 -7.02 -22.00 24.02
C SER C 52 -7.13 -20.77 24.93
N LYS C 53 -6.32 -20.69 26.00
CA LYS C 53 -6.20 -19.48 26.83
C LYS C 53 -5.33 -18.46 26.09
N GLN C 54 -5.85 -17.25 25.92
CA GLN C 54 -5.25 -16.20 25.08
C GLN C 54 -4.44 -15.23 25.95
N GLY C 55 -3.10 -15.38 25.96
CA GLY C 55 -2.15 -14.41 26.53
C GLY C 55 -1.99 -14.56 28.05
N ILE C 56 -1.74 -13.43 28.72
CA ILE C 56 -1.54 -13.25 30.20
C ILE C 56 -2.46 -14.20 31.04
N ILE C 57 -1.83 -14.95 31.94
CA ILE C 57 -2.41 -15.86 32.95
C ILE C 57 -1.71 -15.57 34.29
N SER C 58 -2.29 -16.06 35.40
CA SER C 58 -1.67 -15.99 36.74
C SER C 58 -0.86 -17.26 37.05
N GLU C 59 0.30 -17.06 37.68
CA GLU C 59 1.13 -18.09 38.34
C GLU C 59 0.24 -19.09 39.10
N TYR C 60 -0.80 -18.63 39.79
CA TYR C 60 -1.67 -19.52 40.56
C TYR C 60 -2.42 -20.47 39.61
N LEU C 61 -2.99 -19.94 38.51
CA LEU C 61 -3.79 -20.82 37.64
C LEU C 61 -2.88 -21.83 36.92
N LEU C 62 -1.72 -21.39 36.44
CA LEU C 62 -0.70 -22.30 35.83
C LEU C 62 -0.35 -23.46 36.77
N ASP C 63 -0.08 -23.13 38.04
CA ASP C 63 0.28 -24.11 39.06
C ASP C 63 -0.88 -25.07 39.27
N LYS C 64 -2.12 -24.55 39.25
CA LYS C 64 -3.32 -25.41 39.43
C LYS C 64 -3.38 -26.44 38.31
N LEU C 65 -3.10 -25.98 37.09
CA LEU C 65 -3.13 -26.75 35.85
C LEU C 65 -2.08 -27.87 35.85
N LEU C 66 -0.84 -27.50 36.18
CA LEU C 66 0.26 -28.44 36.32
C LEU C 66 -0.09 -29.55 37.32
N ASP C 67 -0.55 -29.18 38.54
CA ASP C 67 -0.88 -30.15 39.61
C ASP C 67 -1.92 -31.16 39.11
N GLU C 68 -2.89 -30.65 38.33
CA GLU C 68 -4.00 -31.43 37.75
C GLU C 68 -3.43 -32.48 36.79
N SER C 69 -2.47 -32.07 35.96
CA SER C 69 -1.90 -32.90 34.89
C SER C 69 -0.73 -33.77 35.40
N LEU C 70 -0.54 -33.81 36.73
CA LEU C 70 0.50 -34.58 37.42
C LEU C 70 1.88 -34.26 36.82
N ILE C 71 2.25 -32.98 36.81
CA ILE C 71 3.56 -32.55 36.35
C ILE C 71 4.18 -31.68 37.44
N ASP C 72 5.38 -32.04 37.90
CA ASP C 72 6.14 -31.20 38.82
C ASP C 72 5.98 -29.74 38.37
N LYS C 73 5.69 -28.85 39.34
CA LYS C 73 5.44 -27.43 39.12
C LYS C 73 6.72 -26.75 38.61
N ASP C 74 7.83 -26.94 39.33
CA ASP C 74 9.14 -26.28 39.09
C ASP C 74 9.70 -26.66 37.70
N LYS C 75 9.61 -27.96 37.39
CA LYS C 75 10.24 -28.61 36.24
C LYS C 75 9.40 -28.32 34.98
N GLY C 76 8.08 -28.47 35.16
CA GLY C 76 7.07 -28.21 34.14
C GLY C 76 7.19 -26.80 33.62
N LYS C 77 7.34 -25.86 34.56
CA LYS C 77 7.48 -24.43 34.32
C LYS C 77 8.79 -24.13 33.57
N GLU C 78 9.90 -24.72 34.03
CA GLU C 78 11.24 -24.62 33.38
C GLU C 78 11.12 -25.04 31.91
N PHE C 79 10.40 -26.15 31.65
CA PHE C 79 10.13 -26.59 30.30
C PHE C 79 9.41 -25.48 29.51
N LEU C 80 8.28 -24.99 30.04
CA LEU C 80 7.42 -24.07 29.30
C LEU C 80 8.20 -22.79 29.01
N ILE C 81 9.02 -22.35 29.96
CA ILE C 81 9.82 -21.11 29.81
C ILE C 81 10.93 -21.31 28.75
N THR C 82 11.59 -22.46 28.82
CA THR C 82 12.76 -22.78 28.01
C THR C 82 12.35 -23.01 26.55
N THR C 83 11.22 -23.68 26.31
CA THR C 83 10.77 -23.92 24.94
C THR C 83 9.98 -22.73 24.35
N GLY C 84 9.73 -21.69 25.14
CA GLY C 84 9.00 -20.46 24.65
C GLY C 84 7.47 -20.62 24.58
N VAL C 85 6.88 -21.43 25.47
CA VAL C 85 5.42 -21.45 25.66
C VAL C 85 5.01 -20.28 26.58
N ILE C 86 5.82 -19.95 27.58
CA ILE C 86 5.48 -18.86 28.51
C ILE C 86 6.71 -17.98 28.74
N ASN C 87 6.50 -16.73 29.18
CA ASN C 87 7.57 -15.89 29.76
C ASN C 87 7.02 -15.30 31.06
N LYS C 88 7.94 -14.97 31.98
CA LYS C 88 7.64 -14.61 33.36
C LYS C 88 7.79 -13.09 33.51
N THR C 89 6.78 -12.34 33.04
CA THR C 89 6.89 -10.87 32.77
C THR C 89 6.37 -10.01 33.94
N LYS C 90 6.83 -8.76 34.01
CA LYS C 90 6.55 -7.83 35.14
C LYS C 90 5.24 -7.06 34.91
N THR C 91 4.40 -6.99 35.97
CA THR C 91 3.20 -6.14 36.01
C THR C 91 3.58 -4.66 36.25
N SER C 92 4.78 -4.42 36.81
CA SER C 92 5.34 -3.06 36.98
C SER C 92 6.22 -2.73 35.79
N PRO C 93 6.70 -1.46 35.64
CA PRO C 93 7.40 -1.03 34.44
C PRO C 93 8.70 -1.81 34.18
N LEU C 94 8.89 -2.15 32.90
CA LEU C 94 9.88 -3.09 32.44
C LEU C 94 11.28 -2.48 32.63
N TRP C 95 11.42 -1.17 32.51
CA TRP C 95 12.75 -0.58 32.59
C TRP C 95 12.72 0.60 33.56
N VAL C 96 13.40 0.42 34.71
CA VAL C 96 13.38 1.41 35.75
C VAL C 96 14.28 2.56 35.28
N ASN C 97 15.28 2.26 34.45
CA ASN C 97 16.09 3.33 33.89
C ASN C 97 16.46 3.04 32.44
N SER C 98 17.19 3.99 31.86
CA SER C 98 17.51 4.03 30.51
C SER C 98 18.86 4.73 30.34
N VAL C 99 19.61 4.34 29.31
CA VAL C 99 20.89 4.95 29.01
C VAL C 99 20.95 5.13 27.50
N ILE C 100 21.65 6.19 27.09
CA ILE C 100 21.84 6.49 25.70
C ILE C 100 23.33 6.28 25.39
N ILE C 101 23.59 5.37 24.45
CA ILE C 101 24.93 5.16 23.88
C ILE C 101 24.94 5.75 22.47
N SER C 102 25.91 6.62 22.20
CA SER C 102 25.92 7.38 20.98
C SER C 102 27.34 7.72 20.53
N ASP C 103 27.46 7.98 19.22
CA ASP C 103 28.66 8.55 18.59
C ASP C 103 28.59 10.07 18.56
N VAL C 104 27.49 10.64 19.05
CA VAL C 104 27.33 12.07 19.16
C VAL C 104 26.75 12.37 20.55
N PRO C 105 27.40 11.86 21.63
CA PRO C 105 26.86 11.99 22.97
C PRO C 105 26.65 13.45 23.41
N HIS C 106 27.52 14.36 22.95
CA HIS C 106 27.42 15.77 23.24
C HIS C 106 26.01 16.32 22.89
N LEU C 107 25.34 15.78 21.87
CA LEU C 107 23.94 16.18 21.57
C LEU C 107 23.05 15.90 22.79
N PHE C 108 23.43 15.01 23.71
CA PHE C 108 22.54 14.72 24.81
C PHE C 108 23.07 15.26 26.13
N SER C 109 23.91 16.31 26.09
CA SER C 109 24.58 16.78 27.33
C SER C 109 23.59 17.32 28.39
N ASN C 110 22.40 17.77 27.97
CA ASN C 110 21.39 18.26 28.91
C ASN C 110 20.16 17.33 28.99
N ALA C 111 20.14 16.25 28.19
CA ALA C 111 18.96 15.39 28.04
C ALA C 111 18.50 14.84 29.40
N ARG C 112 19.44 14.45 30.26
CA ARG C 112 19.09 13.82 31.55
C ARG C 112 18.31 14.83 32.43
N GLU C 113 18.88 16.02 32.59
CA GLU C 113 18.29 17.16 33.27
C GLU C 113 16.90 17.48 32.70
N GLN C 114 16.85 17.84 31.40
CA GLN C 114 15.66 18.34 30.71
C GLN C 114 14.49 17.34 30.82
N TRP C 115 14.74 16.07 30.49
CA TRP C 115 13.68 15.08 30.20
C TRP C 115 13.00 14.53 31.48
N LYS C 116 13.65 14.70 32.63
CA LYS C 116 13.04 14.62 33.97
C LYS C 116 11.59 15.12 33.97
N CYS C 117 11.36 16.36 33.51
CA CYS C 117 10.01 16.95 33.64
C CYS C 117 9.04 16.37 32.62
N ASP C 118 9.53 15.62 31.65
CA ASP C 118 8.69 14.83 30.79
C ASP C 118 8.41 13.47 31.43
N GLY C 119 8.94 13.24 32.63
CA GLY C 119 8.90 11.93 33.30
C GLY C 119 9.80 10.88 32.63
N VAL C 120 10.89 11.31 32.00
CA VAL C 120 11.82 10.39 31.31
C VAL C 120 13.15 10.37 32.07
N PHE C 121 13.60 9.18 32.43
CA PHE C 121 14.70 9.02 33.35
C PHE C 121 15.81 8.29 32.62
N VAL C 122 16.83 9.06 32.21
CA VAL C 122 18.05 8.62 31.56
C VAL C 122 19.22 8.82 32.53
N SER C 123 19.87 7.72 32.95
CA SER C 123 20.92 7.77 33.99
C SER C 123 22.28 8.21 33.44
N HIS C 124 22.58 7.86 32.19
CA HIS C 124 23.94 8.02 31.68
C HIS C 124 23.92 8.29 30.17
N ILE C 125 24.76 9.23 29.73
CA ILE C 125 25.10 9.35 28.32
C ILE C 125 26.46 8.72 28.11
N ILE C 126 26.58 7.92 27.06
CA ILE C 126 27.74 7.08 26.87
C ILE C 126 28.21 7.19 25.42
N ASP C 127 29.50 7.49 25.28
CA ASP C 127 30.21 7.52 24.02
C ASP C 127 30.45 6.07 23.57
N ILE C 128 30.01 5.76 22.35
CA ILE C 128 30.21 4.46 21.72
C ILE C 128 31.71 4.11 21.71
N LYS C 129 32.59 5.13 21.66
CA LYS C 129 34.05 4.96 21.57
C LYS C 129 34.64 4.63 22.95
N ASP C 130 33.84 4.71 24.02
CA ASP C 130 34.32 4.26 25.32
C ASP C 130 34.62 2.76 25.21
N ASN C 131 35.79 2.35 25.70
CA ASN C 131 36.05 0.98 26.13
C ASN C 131 35.33 0.78 27.47
N ASN C 132 34.94 -0.48 27.76
CA ASN C 132 34.44 -0.89 29.07
C ASN C 132 33.13 -0.18 29.44
N ILE C 133 32.10 -0.32 28.61
CA ILE C 133 30.78 0.16 28.94
C ILE C 133 30.11 -0.89 29.85
N ASN C 134 29.71 -0.50 31.07
CA ASN C 134 28.76 -1.28 31.92
C ASN C 134 27.36 -0.68 31.83
N VAL C 135 26.34 -1.50 32.17
CA VAL C 135 24.94 -1.14 32.18
C VAL C 135 24.18 -2.04 33.18
N SER C 136 23.55 -1.42 34.19
CA SER C 136 22.63 -2.06 35.17
C SER C 136 21.60 -2.99 34.53
N ASP C 137 21.12 -3.93 35.37
CA ASP C 137 19.91 -4.74 35.11
C ASP C 137 18.70 -3.84 34.90
N SER C 138 17.66 -4.43 34.31
CA SER C 138 16.37 -3.77 33.99
C SER C 138 16.60 -2.36 33.45
N THR C 139 17.47 -2.26 32.43
CA THR C 139 17.76 -1.00 31.79
C THR C 139 17.53 -1.13 30.27
N LEU C 140 16.90 -0.10 29.69
CA LEU C 140 16.72 0.00 28.25
C LEU C 140 17.90 0.79 27.68
N ILE C 141 18.54 0.21 26.66
CA ILE C 141 19.73 0.77 26.06
C ILE C 141 19.30 1.39 24.74
N TRP C 142 19.41 2.73 24.68
CA TRP C 142 19.17 3.47 23.46
C TRP C 142 20.51 3.69 22.73
N LEU C 143 20.67 3.01 21.60
CA LEU C 143 21.84 3.16 20.78
C LEU C 143 21.48 4.12 19.63
N HIS C 144 22.05 5.34 19.66
CA HIS C 144 21.85 6.33 18.59
C HIS C 144 23.16 6.60 17.83
N LEU C 145 23.10 6.48 16.49
CA LEU C 145 24.24 6.53 15.57
C LEU C 145 23.94 7.45 14.38
N GLU C 146 24.84 8.41 14.15
CA GLU C 146 24.90 9.19 12.92
C GLU C 146 25.77 8.45 11.90
N ASN C 147 26.69 7.62 12.39
CA ASN C 147 27.54 6.81 11.56
C ASN C 147 27.22 5.34 11.83
N TYR C 148 26.35 4.79 10.98
CA TYR C 148 25.81 3.44 11.13
C TYR C 148 26.79 2.39 10.60
N HIS C 149 27.07 1.39 11.44
CA HIS C 149 27.74 0.15 11.05
C HIS C 149 27.13 -0.98 11.89
N SER C 150 26.79 -2.08 11.24
CA SER C 150 26.03 -3.16 11.88
C SER C 150 26.84 -3.85 13.00
N ASP C 151 28.17 -3.79 12.96
CA ASP C 151 29.00 -4.39 13.98
C ASP C 151 28.94 -3.58 15.28
N ILE C 152 28.52 -2.30 15.19
CA ILE C 152 28.37 -1.50 16.39
C ILE C 152 27.16 -2.05 17.17
N VAL C 153 26.08 -2.38 16.43
CA VAL C 153 24.93 -2.99 17.03
C VAL C 153 25.32 -4.39 17.54
N LYS C 154 26.08 -5.13 16.73
CA LYS C 154 26.46 -6.48 17.13
C LYS C 154 27.20 -6.45 18.48
N ARG C 155 28.12 -5.48 18.66
CA ARG C 155 28.97 -5.32 19.88
C ARG C 155 28.13 -5.11 21.15
N ILE C 156 27.20 -4.16 21.08
CA ILE C 156 26.30 -3.78 22.18
C ILE C 156 25.42 -4.98 22.57
N TYR C 157 24.84 -5.63 21.58
CA TYR C 157 24.06 -6.84 21.79
C TYR C 157 24.89 -7.88 22.57
N SER C 158 26.08 -8.21 22.06
CA SER C 158 26.97 -9.23 22.71
C SER C 158 27.25 -8.87 24.18
N LYS C 159 27.66 -7.63 24.44
CA LYS C 159 27.94 -7.19 25.79
C LYS C 159 26.72 -7.35 26.71
N PHE C 160 25.50 -7.02 26.24
CA PHE C 160 24.40 -6.76 27.22
C PHE C 160 23.24 -7.76 27.09
N GLU C 161 23.17 -8.54 26.01
CA GLU C 161 22.05 -9.48 25.84
C GLU C 161 21.74 -10.24 27.13
N SER C 162 22.75 -10.54 27.95
CA SER C 162 22.63 -11.42 29.11
C SER C 162 22.19 -10.70 30.39
N ASN C 163 22.28 -9.36 30.42
CA ASN C 163 21.83 -8.59 31.60
C ASN C 163 20.34 -8.86 31.86
N PRO C 164 19.97 -9.23 33.11
CA PRO C 164 18.58 -9.31 33.51
C PRO C 164 17.73 -8.09 33.14
N GLY C 165 16.61 -8.35 32.44
CA GLY C 165 15.60 -7.33 32.14
C GLY C 165 16.07 -6.27 31.14
N VAL C 166 17.18 -6.53 30.45
CA VAL C 166 17.74 -5.59 29.47
C VAL C 166 16.80 -5.52 28.25
N ALA C 167 16.77 -4.36 27.61
CA ALA C 167 16.22 -4.26 26.29
C ALA C 167 17.06 -3.25 25.51
N PHE C 168 16.80 -3.15 24.20
CA PHE C 168 17.56 -2.33 23.29
C PHE C 168 16.62 -1.64 22.30
N ILE C 169 17.02 -0.45 21.90
CA ILE C 169 16.39 0.17 20.80
C ILE C 169 17.50 0.96 20.14
N GLN C 170 17.41 1.10 18.81
CA GLN C 170 18.49 1.63 17.98
C GLN C 170 17.89 2.71 17.09
N SER C 171 18.53 3.88 17.02
CA SER C 171 18.18 4.90 16.06
C SER C 171 19.38 5.24 15.14
N TYR C 172 19.09 5.47 13.85
CA TYR C 172 20.10 5.75 12.82
C TYR C 172 19.45 6.35 11.57
N TYR C 173 20.32 6.76 10.64
CA TYR C 173 20.01 7.52 9.43
C TYR C 173 20.25 6.67 8.17
N LEU C 174 19.24 6.68 7.30
CA LEU C 174 19.25 6.02 6.01
C LEU C 174 18.74 7.03 4.97
N LYS C 175 19.68 7.65 4.24
CA LYS C 175 19.38 8.68 3.22
C LYS C 175 18.60 9.81 3.91
N GLU C 176 17.34 10.04 3.54
CA GLU C 176 16.58 11.18 4.05
C GLU C 176 15.82 10.78 5.34
N SER C 177 15.93 9.52 5.76
CA SER C 177 15.10 9.02 6.82
C SER C 177 15.89 8.94 8.12
N PHE C 178 15.21 9.29 9.22
CA PHE C 178 15.62 8.94 10.57
C PHE C 178 14.81 7.70 10.99
N ARG C 179 15.50 6.56 11.24
CA ARG C 179 14.82 5.30 11.63
C ARG C 179 15.10 5.02 13.10
N ILE C 180 14.01 4.79 13.85
CA ILE C 180 14.01 4.24 15.19
C ILE C 180 13.48 2.80 15.06
N ASP C 181 14.30 1.81 15.44
CA ASP C 181 13.90 0.39 15.41
C ASP C 181 12.87 0.13 16.52
N GLY C 182 12.24 -1.04 16.47
CA GLY C 182 11.42 -1.51 17.57
C GLY C 182 12.30 -1.78 18.77
N VAL C 183 11.68 -2.11 19.91
CA VAL C 183 12.39 -2.51 21.09
C VAL C 183 12.75 -4.01 21.00
N TYR C 184 14.04 -4.30 21.13
CA TYR C 184 14.54 -5.67 21.19
C TYR C 184 14.72 -6.06 22.66
N SER C 185 13.88 -7.00 23.09
CA SER C 185 13.89 -7.52 24.44
C SER C 185 14.09 -9.02 24.40
N PRO C 186 15.26 -9.54 24.81
CA PRO C 186 15.42 -10.99 24.94
C PRO C 186 14.31 -11.62 25.81
N ASP C 187 14.07 -11.05 27.00
CA ASP C 187 13.08 -11.55 27.96
C ASP C 187 11.69 -11.76 27.34
N LEU C 188 11.22 -10.78 26.55
CA LEU C 188 9.88 -10.79 25.97
C LEU C 188 9.88 -11.46 24.59
N GLY C 189 11.07 -11.65 24.00
CA GLY C 189 11.20 -12.30 22.71
C GLY C 189 10.62 -11.47 21.57
N THR C 190 11.06 -10.20 21.50
CA THR C 190 10.66 -9.28 20.42
C THR C 190 11.79 -9.20 19.40
N PRO C 191 11.47 -8.80 18.14
CA PRO C 191 12.47 -8.76 17.09
C PRO C 191 13.61 -7.78 17.41
N CYS C 192 14.75 -8.08 16.80
CA CYS C 192 15.96 -7.27 16.98
C CYS C 192 16.21 -6.43 15.71
N HIS C 193 17.24 -5.60 15.79
CA HIS C 193 17.75 -4.75 14.73
C HIS C 193 17.90 -5.52 13.40
N PHE C 194 18.56 -6.69 13.49
CA PHE C 194 18.97 -7.49 12.33
C PHE C 194 17.76 -8.16 11.68
N CYS C 195 16.77 -8.52 12.48
CA CYS C 195 15.48 -8.99 11.99
C CYS C 195 14.91 -8.02 10.94
N HIS C 196 15.28 -6.73 10.98
CA HIS C 196 14.83 -5.78 9.95
C HIS C 196 15.83 -5.75 8.78
N ILE C 197 17.03 -5.24 9.08
CA ILE C 197 18.00 -4.83 8.04
C ILE C 197 18.61 -6.05 7.31
N GLU C 198 18.98 -7.12 8.03
CA GLU C 198 19.56 -8.35 7.44
C GLU C 198 18.49 -9.01 6.55
N ARG C 199 17.24 -8.97 7.00
CA ARG C 199 16.16 -9.50 6.19
C ARG C 199 15.98 -8.62 4.93
N TRP C 200 16.09 -7.30 5.10
CA TRP C 200 15.99 -6.35 3.99
C TRP C 200 17.08 -6.63 2.94
N LEU C 201 18.32 -6.86 3.41
CA LEU C 201 19.49 -7.17 2.55
C LEU C 201 19.29 -8.53 1.88
N SER C 202 18.84 -9.54 2.65
CA SER C 202 18.52 -10.83 2.07
C SER C 202 17.59 -10.63 0.86
N ARG C 203 16.55 -9.80 1.03
CA ARG C 203 15.55 -9.64 -0.02
C ARG C 203 16.18 -8.97 -1.25
N GLU C 204 17.13 -8.04 -1.06
CA GLU C 204 17.83 -7.41 -2.20
C GLU C 204 18.74 -8.45 -2.86
N GLU C 205 19.54 -9.16 -2.05
CA GLU C 205 20.52 -10.13 -2.51
C GLU C 205 19.78 -11.26 -3.24
N LYS C 206 18.65 -11.72 -2.71
CA LYS C 206 17.94 -12.88 -3.28
C LYS C 206 16.74 -12.49 -4.17
N SER C 207 16.71 -11.25 -4.66
CA SER C 207 15.68 -10.81 -5.60
C SER C 207 15.64 -11.72 -6.82
N PHE C 208 14.41 -11.90 -7.31
CA PHE C 208 14.10 -12.73 -8.46
C PHE C 208 14.79 -12.15 -9.71
N ARG C 209 14.83 -10.82 -9.79
CA ARG C 209 15.77 -10.11 -10.62
C ARG C 209 16.39 -8.95 -9.81
N ARG C 210 17.62 -9.17 -9.31
CA ARG C 210 18.42 -8.15 -8.63
C ARG C 210 18.29 -6.87 -9.46
N ASN C 211 17.89 -5.81 -8.76
CA ASN C 211 18.06 -4.49 -9.25
C ASN C 211 19.54 -4.15 -9.12
N GLU C 212 20.26 -4.06 -10.24
CA GLU C 212 21.71 -3.87 -10.18
C GLU C 212 22.07 -2.49 -9.60
N MET C 213 21.10 -1.56 -9.44
CA MET C 213 21.31 -0.27 -8.75
C MET C 213 20.64 -0.25 -7.38
N SER C 214 20.62 -1.39 -6.68
CA SER C 214 20.10 -1.53 -5.32
C SER C 214 20.97 -0.78 -4.30
N TRP C 215 20.32 -0.23 -3.26
CA TRP C 215 21.00 0.38 -2.09
C TRP C 215 21.77 -0.68 -1.26
N ALA C 216 21.38 -1.95 -1.32
CA ALA C 216 22.22 -3.04 -0.77
C ALA C 216 23.68 -2.94 -1.27
N ASN C 217 23.90 -2.58 -2.55
CA ASN C 217 25.25 -2.42 -3.14
C ASN C 217 26.08 -1.41 -2.34
N LEU C 218 25.47 -0.27 -1.95
CA LEU C 218 26.17 0.67 -1.13
C LEU C 218 26.46 0.03 0.24
N LEU C 219 25.45 -0.59 0.84
CA LEU C 219 25.57 -1.14 2.20
C LEU C 219 26.64 -2.23 2.26
N GLN C 220 26.64 -3.12 1.26
CA GLN C 220 27.59 -4.23 1.21
C GLN C 220 29.00 -3.69 0.89
N LEU C 221 29.11 -2.66 0.04
CA LEU C 221 30.44 -2.13 -0.27
C LEU C 221 31.06 -1.40 0.93
N LEU C 222 30.24 -0.89 1.86
CA LEU C 222 30.73 -0.17 3.04
C LEU C 222 31.31 -1.18 4.05
N LYS C 223 30.68 -2.34 4.20
CA LYS C 223 31.32 -3.45 4.92
C LYS C 223 32.69 -3.72 4.31
N LYS C 224 32.70 -4.16 3.03
CA LYS C 224 33.90 -4.57 2.30
C LYS C 224 35.04 -3.56 2.51
N TYR C 225 34.72 -2.26 2.57
CA TYR C 225 35.73 -1.19 2.70
C TYR C 225 35.88 -0.72 4.16
N GLN C 226 35.17 -1.37 5.11
CA GLN C 226 35.26 -1.03 6.54
C GLN C 226 34.90 0.45 6.78
N MET C 227 33.80 0.90 6.18
CA MET C 227 33.32 2.29 6.30
C MET C 227 31.90 2.29 6.87
N THR C 228 31.61 3.29 7.72
CA THR C 228 30.26 3.54 8.24
C THR C 228 29.37 4.23 7.19
N LEU C 229 28.06 4.11 7.41
CA LEU C 229 27.08 4.84 6.62
C LEU C 229 26.83 6.15 7.34
N PRO C 230 27.22 7.31 6.75
CA PRO C 230 26.96 8.61 7.39
C PRO C 230 25.51 9.07 7.16
N ALA C 231 24.96 9.76 8.16
CA ALA C 231 23.81 10.57 7.91
C ALA C 231 24.25 11.64 6.93
N LEU C 232 23.35 11.95 6.00
CA LEU C 232 23.64 12.84 4.92
C LEU C 232 23.41 14.30 5.36
N ALA C 233 24.51 14.97 5.72
CA ALA C 233 24.55 16.42 5.75
C ALA C 233 23.57 16.98 6.80
N LEU C 234 23.57 16.38 7.99
CA LEU C 234 22.76 16.83 9.12
C LEU C 234 23.24 18.22 9.54
N GLY C 235 22.30 19.16 9.77
CA GLY C 235 22.56 20.41 10.48
C GLY C 235 21.96 20.36 11.88
N GLU C 236 21.95 21.52 12.57
CA GLU C 236 21.38 21.67 13.92
C GLU C 236 19.90 21.27 13.91
N SER C 237 19.15 21.70 12.87
CA SER C 237 17.70 21.55 12.90
C SER C 237 17.31 20.06 12.84
N GLU C 238 17.97 19.29 11.98
CA GLU C 238 17.73 17.83 11.91
C GLU C 238 18.09 17.17 13.24
N ARG C 239 19.11 17.66 13.93
CA ARG C 239 19.46 17.05 15.22
C ARG C 239 18.42 17.39 16.29
N GLY C 240 17.96 18.65 16.30
CA GLY C 240 16.86 19.05 17.16
C GLY C 240 15.62 18.19 16.95
N PHE C 241 15.23 17.99 15.69
CA PHE C 241 14.09 17.15 15.34
C PHE C 241 14.29 15.73 15.89
N SER C 242 15.48 15.17 15.65
CA SER C 242 15.87 13.81 16.11
C SER C 242 15.71 13.70 17.63
N TYR C 243 16.33 14.64 18.33
CA TYR C 243 16.33 14.78 19.78
C TYR C 243 14.91 14.63 20.34
N HIS C 244 13.94 15.28 19.69
CA HIS C 244 12.60 15.38 20.19
C HIS C 244 11.90 14.02 19.97
N LEU C 245 12.15 13.42 18.82
CA LEU C 245 11.55 12.12 18.50
C LEU C 245 12.04 11.12 19.54
N ILE C 246 13.33 11.21 19.90
CA ILE C 246 13.92 10.30 20.85
C ILE C 246 13.20 10.51 22.18
N LYS C 247 13.08 11.78 22.60
CA LYS C 247 12.48 12.08 23.90
C LYS C 247 11.08 11.49 23.95
N ARG C 248 10.33 11.58 22.84
CA ARG C 248 8.92 11.25 22.88
C ARG C 248 8.73 9.73 22.82
N ARG C 249 9.59 9.00 22.10
CA ARG C 249 9.56 7.51 22.12
C ARG C 249 9.92 6.93 23.51
N LEU C 250 10.95 7.49 24.14
CA LEU C 250 11.35 7.14 25.51
C LEU C 250 10.18 7.40 26.48
N GLN C 251 9.52 8.55 26.36
CA GLN C 251 8.28 8.80 27.07
C GLN C 251 7.27 7.67 26.80
N GLU C 252 7.13 7.23 25.56
CA GLU C 252 6.18 6.14 25.23
C GLU C 252 6.60 4.85 25.91
N LEU C 253 7.90 4.65 26.13
CA LEU C 253 8.40 3.38 26.66
C LEU C 253 8.55 3.43 28.18
N THR C 254 8.18 4.55 28.81
CA THR C 254 8.27 4.80 30.26
C THR C 254 6.97 4.39 30.97
N GLY C 255 7.12 3.73 32.13
CA GLY C 255 6.02 3.24 32.98
C GLY C 255 5.32 2.02 32.38
N THR C 256 6.01 1.35 31.45
CA THR C 256 5.41 0.39 30.52
C THR C 256 5.66 -1.04 31.02
N SER C 257 4.58 -1.84 31.08
CA SER C 257 4.62 -3.29 31.31
C SER C 257 3.90 -3.98 30.14
N LEU C 258 3.79 -5.31 30.20
CA LEU C 258 2.85 -6.05 29.33
C LEU C 258 1.41 -6.02 29.92
N VAL C 259 1.22 -5.55 31.16
CA VAL C 259 -0.15 -5.29 31.69
C VAL C 259 -0.63 -3.88 31.25
N LYS C 260 0.23 -2.86 31.40
CA LYS C 260 -0.09 -1.49 30.94
C LYS C 260 -0.25 -1.51 29.41
N SER C 261 0.71 -2.13 28.70
CA SER C 261 0.99 -1.80 27.29
C SER C 261 1.00 -3.04 26.37
N HIS C 262 0.38 -2.88 25.20
CA HIS C 262 0.34 -3.90 24.17
C HIS C 262 1.73 -4.07 23.52
N VAL C 263 2.04 -5.30 23.04
CA VAL C 263 3.36 -5.61 22.41
C VAL C 263 3.62 -4.72 21.20
N ASP C 264 2.57 -4.20 20.59
CA ASP C 264 2.75 -3.42 19.37
C ASP C 264 3.42 -2.08 19.74
N ASN C 265 3.44 -1.72 21.03
CA ASN C 265 4.21 -0.56 21.48
C ASN C 265 5.69 -0.87 21.33
N PHE C 266 6.06 -2.15 21.31
CA PHE C 266 7.46 -2.53 21.18
C PHE C 266 7.75 -2.96 19.75
N MET C 267 6.81 -3.69 19.15
CA MET C 267 7.00 -4.32 17.83
C MET C 267 6.54 -3.37 16.71
N SER C 268 7.09 -2.13 16.76
CA SER C 268 6.82 -1.00 15.88
C SER C 268 8.08 -0.18 15.69
N SER C 269 8.35 0.21 14.43
CA SER C 269 9.40 1.14 14.08
C SER C 269 8.75 2.49 13.79
N VAL C 270 9.52 3.57 14.00
CA VAL C 270 9.19 4.92 13.62
C VAL C 270 10.24 5.41 12.63
N SER C 271 9.80 5.75 11.40
CA SER C 271 10.65 6.34 10.38
C SER C 271 10.14 7.74 10.09
N ALA C 272 11.04 8.73 10.13
CA ALA C 272 10.72 10.16 9.91
C ALA C 272 11.47 10.67 8.67
N ASP C 273 10.73 11.11 7.67
CA ASP C 273 11.29 11.74 6.49
C ASP C 273 11.76 13.13 6.92
N LEU C 274 13.07 13.36 6.91
CA LEU C 274 13.64 14.59 7.46
C LEU C 274 13.33 15.81 6.56
N ILE C 275 12.89 15.55 5.33
CA ILE C 275 12.60 16.64 4.44
C ILE C 275 11.16 17.10 4.72
N THR C 276 10.19 16.22 4.47
CA THR C 276 8.76 16.45 4.69
C THR C 276 8.39 16.47 6.18
N CYS C 277 9.22 15.89 7.04
CA CYS C 277 9.00 15.82 8.51
C CYS C 277 7.83 14.88 8.81
N ILE C 278 7.42 14.06 7.86
CA ILE C 278 6.32 13.14 8.04
C ILE C 278 6.86 11.88 8.70
N LEU C 279 6.08 11.29 9.61
CA LEU C 279 6.42 10.07 10.35
C LEU C 279 5.67 8.89 9.72
N CYS C 280 6.29 7.73 9.79
CA CYS C 280 5.72 6.49 9.34
C CYS C 280 5.94 5.42 10.41
N LYS C 281 4.85 4.96 11.03
CA LYS C 281 4.92 3.98 12.10
C LYS C 281 4.56 2.65 11.44
N GLU C 282 5.49 1.68 11.49
CA GLU C 282 5.33 0.44 10.80
C GLU C 282 5.51 -0.74 11.75
N PRO C 283 4.81 -1.87 11.54
CA PRO C 283 5.00 -3.03 12.39
C PRO C 283 6.36 -3.70 12.11
N VAL C 284 6.97 -4.24 13.17
CA VAL C 284 8.19 -5.00 13.06
C VAL C 284 7.87 -6.45 13.45
N ILE C 285 8.38 -7.38 12.65
CA ILE C 285 8.15 -8.78 12.88
C ILE C 285 9.48 -9.54 12.97
N HIS C 286 9.40 -10.76 13.49
CA HIS C 286 10.52 -11.65 13.59
C HIS C 286 10.90 -12.10 12.18
N TRP C 287 12.18 -12.45 12.02
CA TRP C 287 12.71 -13.13 10.83
C TRP C 287 13.15 -14.52 11.25
N GLN C 288 12.49 -15.56 10.69
CA GLN C 288 12.81 -16.97 10.99
C GLN C 288 14.34 -17.16 10.94
N ALA C 289 15.02 -16.56 9.96
CA ALA C 289 16.47 -16.79 9.74
C ALA C 289 17.37 -16.05 10.74
N CYS C 290 16.84 -15.11 11.53
CA CYS C 290 17.68 -14.31 12.39
C CYS C 290 18.25 -15.13 13.56
N SER C 291 19.46 -14.77 13.96
CA SER C 291 20.13 -15.47 15.01
C SER C 291 19.70 -14.98 16.39
N CYS C 292 18.88 -13.92 16.50
CA CYS C 292 18.28 -13.55 17.78
C CYS C 292 17.38 -14.70 18.27
N LEU C 293 16.85 -15.54 17.36
CA LEU C 293 16.02 -16.71 17.75
C LEU C 293 16.92 -17.91 18.09
N GLU C 294 18.11 -17.61 18.66
CA GLU C 294 19.30 -18.49 18.80
C GLU C 294 19.65 -18.97 17.40
N SER D 2 -12.72 -1.35 -25.70
CA SER D 2 -12.21 -2.73 -26.04
C SER D 2 -10.91 -2.58 -26.84
N LYS D 3 -10.91 -1.65 -27.79
CA LYS D 3 -9.71 -1.15 -28.48
C LYS D 3 -9.05 -0.02 -27.69
N HIS D 4 -9.86 0.79 -27.00
CA HIS D 4 -9.41 1.91 -26.19
C HIS D 4 -9.66 1.63 -24.70
N GLU D 5 -9.49 0.39 -24.29
CA GLU D 5 -9.80 -0.06 -22.96
C GLU D 5 -8.77 0.48 -21.96
N LEU D 6 -9.24 0.90 -20.79
CA LEU D 6 -8.37 1.19 -19.67
C LEU D 6 -8.83 0.39 -18.45
N SER D 7 -7.85 -0.23 -17.81
CA SER D 7 -8.03 -1.02 -16.62
C SER D 7 -7.89 -0.13 -15.39
N LEU D 8 -8.87 -0.18 -14.49
CA LEU D 8 -8.82 0.63 -13.29
C LEU D 8 -7.64 0.25 -12.38
N VAL D 9 -7.02 -0.91 -12.64
CA VAL D 9 -5.84 -1.33 -11.87
C VAL D 9 -4.69 -0.36 -12.15
N GLU D 10 -4.60 0.15 -13.37
CA GLU D 10 -3.55 1.11 -13.71
C GLU D 10 -3.76 2.41 -12.94
N VAL D 11 -5.03 2.81 -12.83
CA VAL D 11 -5.45 4.02 -12.20
C VAL D 11 -5.12 3.98 -10.70
N THR D 12 -5.46 2.89 -10.03
CA THR D 12 -5.38 2.84 -8.58
C THR D 12 -3.92 2.93 -8.11
N HIS D 13 -2.94 2.66 -8.99
CA HIS D 13 -1.52 2.72 -8.64
C HIS D 13 -1.14 4.15 -8.20
N TYR D 14 -1.96 5.14 -8.55
CA TYR D 14 -1.68 6.53 -8.25
C TYR D 14 -2.63 7.09 -7.19
N THR D 15 -3.55 6.30 -6.64
CA THR D 15 -4.57 6.84 -5.74
C THR D 15 -3.94 7.21 -4.39
N ASP D 16 -4.22 8.45 -3.96
CA ASP D 16 -4.03 8.85 -2.59
C ASP D 16 -5.26 8.40 -1.80
N PRO D 17 -5.12 7.47 -0.85
CA PRO D 17 -6.29 6.96 -0.13
C PRO D 17 -6.93 8.00 0.83
N GLU D 18 -6.12 8.91 1.36
CA GLU D 18 -6.63 10.03 2.14
C GLU D 18 -7.62 10.85 1.28
N VAL D 19 -7.21 11.16 0.04
CA VAL D 19 -7.99 12.03 -0.82
C VAL D 19 -9.34 11.34 -1.12
N LEU D 20 -9.29 10.04 -1.41
CA LEU D 20 -10.42 9.26 -1.81
C LEU D 20 -11.44 9.18 -0.68
N ALA D 21 -10.93 8.96 0.53
CA ALA D 21 -11.78 8.89 1.72
C ALA D 21 -12.46 10.22 2.02
N ILE D 22 -11.71 11.34 1.93
CA ILE D 22 -12.25 12.68 2.25
C ILE D 22 -13.31 13.10 1.20
N VAL D 23 -13.07 12.75 -0.07
CA VAL D 23 -14.00 13.08 -1.18
C VAL D 23 -15.29 12.26 -1.05
N LYS D 24 -15.18 10.96 -0.74
CA LYS D 24 -16.36 10.12 -0.62
C LYS D 24 -17.17 10.53 0.62
N ASP D 25 -16.49 10.78 1.76
CA ASP D 25 -17.15 11.30 2.97
C ASP D 25 -18.02 12.52 2.64
N PHE D 26 -17.42 13.42 1.86
CA PHE D 26 -18.11 14.62 1.46
C PHE D 26 -19.27 14.28 0.52
N HIS D 27 -18.97 13.53 -0.54
CA HIS D 27 -19.93 13.22 -1.59
C HIS D 27 -21.22 12.62 -1.01
N VAL D 28 -21.06 11.72 -0.06
CA VAL D 28 -22.16 10.96 0.49
C VAL D 28 -23.14 11.88 1.27
N ARG D 29 -22.68 13.07 1.73
CA ARG D 29 -23.53 14.06 2.46
C ARG D 29 -24.65 14.59 1.54
N GLY D 30 -24.37 14.58 0.23
CA GLY D 30 -25.30 14.94 -0.81
C GLY D 30 -26.21 13.81 -1.28
N ASN D 31 -26.08 12.58 -0.77
CA ASN D 31 -27.00 11.52 -1.18
C ASN D 31 -28.36 11.71 -0.53
N PHE D 32 -29.40 11.27 -1.26
CA PHE D 32 -30.79 11.40 -0.85
C PHE D 32 -31.39 10.03 -0.54
N ALA D 33 -32.35 10.02 0.39
CA ALA D 33 -33.25 8.92 0.69
C ALA D 33 -34.65 9.38 0.26
N SER D 34 -34.92 9.21 -1.03
CA SER D 34 -36.07 9.70 -1.71
C SER D 34 -36.86 8.50 -2.25
N LEU D 35 -38.01 8.23 -1.61
CA LEU D 35 -38.84 7.04 -1.81
C LEU D 35 -40.30 7.42 -1.59
N PRO D 36 -41.26 6.84 -2.35
CA PRO D 36 -42.69 7.01 -2.04
C PRO D 36 -43.08 6.77 -0.58
N GLU D 37 -42.44 5.79 0.07
CA GLU D 37 -42.83 5.34 1.39
C GLU D 37 -42.35 6.35 2.43
N PHE D 38 -41.43 7.27 2.08
CA PHE D 38 -40.89 8.25 3.03
C PHE D 38 -41.47 9.67 2.84
N ALA D 39 -42.41 9.83 1.90
CA ALA D 39 -42.98 11.14 1.51
C ALA D 39 -43.47 11.95 2.72
N GLU D 40 -44.19 11.31 3.65
CA GLU D 40 -44.86 12.06 4.70
C GLU D 40 -43.98 12.20 5.94
N ARG D 41 -42.72 11.76 5.88
CA ARG D 41 -41.87 11.94 7.04
C ARG D 41 -40.53 12.54 6.64
N THR D 42 -40.40 12.97 5.38
CA THR D 42 -39.17 13.61 4.95
C THR D 42 -39.50 14.88 4.18
N PHE D 43 -38.49 15.69 3.93
CA PHE D 43 -38.69 16.77 2.96
C PHE D 43 -37.42 17.00 2.14
N VAL D 44 -37.54 17.77 1.07
CA VAL D 44 -36.43 18.09 0.17
C VAL D 44 -35.98 19.56 0.30
N SER D 45 -36.95 20.51 0.31
CA SER D 45 -36.70 21.95 0.18
C SER D 45 -36.63 22.57 1.57
N ALA D 46 -35.56 23.34 1.87
CA ALA D 46 -35.52 24.09 3.12
C ALA D 46 -36.39 25.34 2.98
N VAL D 47 -36.73 25.74 1.75
CA VAL D 47 -37.63 26.84 1.52
C VAL D 47 -39.06 26.35 1.32
N PRO D 48 -40.05 26.85 2.09
CA PRO D 48 -41.47 26.63 1.81
C PRO D 48 -41.90 26.92 0.36
N LEU D 49 -42.85 26.13 -0.16
CA LEU D 49 -43.36 26.21 -1.55
C LEU D 49 -43.79 27.64 -1.87
N ALA D 50 -44.39 28.29 -0.87
CA ALA D 50 -45.02 29.60 -1.01
C ALA D 50 -43.99 30.72 -1.13
N HIS D 51 -42.72 30.50 -0.80
CA HIS D 51 -41.71 31.57 -0.85
C HIS D 51 -40.74 31.33 -2.00
N LEU D 52 -40.92 30.23 -2.74
CA LEU D 52 -39.94 29.75 -3.71
C LEU D 52 -39.86 30.65 -4.94
N GLU D 53 -41.00 31.16 -5.42
CA GLU D 53 -41.08 31.84 -6.71
C GLU D 53 -40.13 33.06 -6.72
N LYS D 54 -40.01 33.70 -5.56
CA LYS D 54 -39.14 34.86 -5.32
C LYS D 54 -37.68 34.48 -5.58
N PHE D 55 -37.34 33.19 -5.59
CA PHE D 55 -35.96 32.78 -5.73
C PHE D 55 -35.68 32.19 -7.12
N GLU D 56 -36.72 32.01 -7.94
CA GLU D 56 -36.63 31.26 -9.21
C GLU D 56 -36.41 32.19 -10.40
N ASN D 57 -35.40 31.88 -11.22
CA ASN D 57 -35.11 32.66 -12.43
C ASN D 57 -34.85 34.13 -12.04
N LYS D 58 -33.76 34.36 -11.30
CA LYS D 58 -33.42 35.72 -10.87
C LYS D 58 -31.96 36.02 -11.16
N GLU D 59 -31.57 37.28 -10.99
CA GLU D 59 -30.21 37.74 -11.13
C GLU D 59 -29.76 38.29 -9.79
N VAL D 60 -28.61 37.81 -9.32
CA VAL D 60 -27.88 38.42 -8.24
C VAL D 60 -26.96 39.46 -8.87
N LEU D 61 -26.94 40.65 -8.28
CA LEU D 61 -26.17 41.74 -8.81
C LEU D 61 -24.83 41.85 -8.07
N PHE D 62 -23.83 42.33 -8.81
CA PHE D 62 -22.54 42.66 -8.24
C PHE D 62 -22.64 43.99 -7.49
N ARG D 63 -23.52 44.90 -7.94
CA ARG D 63 -23.84 46.17 -7.20
C ARG D 63 -25.35 46.23 -6.94
N PRO D 64 -25.86 45.48 -5.93
CA PRO D 64 -27.29 45.39 -5.71
C PRO D 64 -27.85 46.80 -5.46
N GLY D 65 -29.09 47.02 -5.90
CA GLY D 65 -29.74 48.32 -5.77
C GLY D 65 -29.35 49.32 -6.84
N PHE D 66 -28.41 48.99 -7.73
CA PHE D 66 -27.95 49.89 -8.83
C PHE D 66 -28.29 49.25 -10.19
N SER D 67 -28.42 50.07 -11.22
CA SER D 67 -29.05 49.66 -12.44
C SER D 67 -28.18 50.01 -13.66
N SER D 68 -27.04 50.65 -13.42
CA SER D 68 -26.12 51.08 -14.47
C SER D 68 -25.45 49.84 -15.10
N VAL D 69 -25.73 49.62 -16.39
CA VAL D 69 -25.28 48.43 -17.09
C VAL D 69 -24.96 48.79 -18.55
N ILE D 70 -24.13 47.99 -19.20
CA ILE D 70 -24.02 47.99 -20.64
C ILE D 70 -24.99 46.93 -21.20
N ASN D 71 -26.09 47.39 -21.78
CA ASN D 71 -27.03 46.55 -22.47
C ASN D 71 -26.39 46.02 -23.76
N ILE D 72 -26.81 44.80 -24.13
CA ILE D 72 -26.37 44.00 -25.29
C ILE D 72 -27.58 43.63 -26.15
N SER D 73 -27.44 43.74 -27.48
CA SER D 73 -28.51 43.45 -28.41
C SER D 73 -28.85 41.95 -28.40
N SER D 74 -30.15 41.66 -28.51
CA SER D 74 -30.66 40.31 -28.68
C SER D 74 -30.63 39.93 -30.18
N SER D 75 -30.36 40.92 -31.05
CA SER D 75 -30.25 40.69 -32.49
C SER D 75 -29.08 39.75 -32.81
N HIS D 76 -28.13 39.58 -31.87
CA HIS D 76 -26.96 38.68 -32.01
C HIS D 76 -27.32 37.21 -31.76
N ASN D 77 -28.43 36.98 -31.06
CA ASN D 77 -28.88 35.63 -30.73
C ASN D 77 -29.41 34.98 -32.00
N PHE D 78 -28.82 33.83 -32.38
CA PHE D 78 -29.23 33.07 -33.59
C PHE D 78 -29.73 31.68 -33.21
N SER D 79 -29.88 31.44 -31.90
CA SER D 79 -30.28 30.16 -31.35
C SER D 79 -31.81 30.03 -31.32
N ARG D 80 -32.28 28.80 -31.13
CA ARG D 80 -33.66 28.46 -30.78
C ARG D 80 -33.77 28.51 -29.25
N GLU D 81 -34.94 28.81 -28.70
CA GLU D 81 -35.18 28.70 -27.28
C GLU D 81 -35.21 27.21 -26.92
N ARG D 82 -34.57 26.87 -25.79
CA ARG D 82 -34.60 25.51 -25.26
C ARG D 82 -36.06 25.19 -24.93
N LEU D 83 -36.49 23.96 -25.26
CA LEU D 83 -37.80 23.46 -24.93
C LEU D 83 -37.94 23.43 -23.41
N PRO D 84 -39.15 23.60 -22.84
CA PRO D 84 -39.36 23.32 -21.42
C PRO D 84 -39.03 21.86 -21.13
N SER D 85 -38.52 21.58 -19.92
CA SER D 85 -38.19 20.23 -19.50
C SER D 85 -39.49 19.43 -19.34
N GLY D 86 -39.60 18.27 -19.97
CA GLY D 86 -40.83 17.49 -20.00
C GLY D 86 -41.21 17.03 -18.60
N ILE D 87 -42.51 17.00 -18.31
CA ILE D 87 -43.01 16.42 -17.07
C ILE D 87 -44.27 15.64 -17.40
N ASN D 88 -44.73 14.81 -16.45
CA ASN D 88 -45.47 13.56 -16.69
C ASN D 88 -45.40 13.17 -18.17
N PHE D 89 -44.33 12.42 -18.45
CA PHE D 89 -44.07 11.76 -19.71
C PHE D 89 -45.19 10.73 -19.95
N CYS D 90 -45.37 10.40 -21.23
CA CYS D 90 -46.43 9.53 -21.69
C CYS D 90 -45.83 8.51 -22.67
N ASP D 91 -46.03 7.21 -22.40
CA ASP D 91 -45.36 6.13 -23.16
C ASP D 91 -46.35 5.41 -24.06
N LYS D 92 -47.35 6.13 -24.58
CA LYS D 92 -48.34 5.54 -25.46
C LYS D 92 -47.66 5.09 -26.76
N ASN D 93 -46.69 5.88 -27.27
CA ASN D 93 -46.03 5.59 -28.55
C ASN D 93 -44.89 4.60 -28.29
N LYS D 94 -44.65 3.69 -29.24
CA LYS D 94 -43.47 2.88 -29.25
C LYS D 94 -42.30 3.83 -29.52
N LEU D 95 -41.16 3.60 -28.87
CA LEU D 95 -39.96 4.39 -29.12
C LEU D 95 -38.87 3.43 -29.57
N SER D 96 -38.25 3.72 -30.71
CA SER D 96 -37.32 2.80 -31.34
C SER D 96 -35.93 2.89 -30.70
N ILE D 97 -35.16 1.82 -30.89
CA ILE D 97 -33.73 1.81 -30.58
C ILE D 97 -33.00 2.88 -31.43
N ARG D 98 -33.46 3.15 -32.66
CA ARG D 98 -32.77 4.11 -33.57
C ARG D 98 -32.76 5.53 -32.97
N THR D 99 -33.80 5.86 -32.21
CA THR D 99 -33.92 7.15 -31.60
C THR D 99 -32.96 7.24 -30.39
N ILE D 100 -32.85 6.15 -29.65
CA ILE D 100 -31.94 6.19 -28.49
C ILE D 100 -30.50 6.29 -29.02
N GLU D 101 -30.26 5.61 -30.13
CA GLU D 101 -28.96 5.54 -30.78
C GLU D 101 -28.54 6.93 -31.29
N LYS D 102 -29.49 7.63 -31.91
CA LYS D 102 -29.28 8.99 -32.41
C LYS D 102 -28.80 9.88 -31.26
N LEU D 103 -29.47 9.81 -30.11
CA LEU D 103 -29.13 10.63 -28.98
C LEU D 103 -27.70 10.33 -28.52
N LEU D 104 -27.40 9.04 -28.35
CA LEU D 104 -26.15 8.59 -27.77
C LEU D 104 -24.96 9.05 -28.61
N VAL D 105 -25.00 8.80 -29.93
CA VAL D 105 -23.83 9.09 -30.77
C VAL D 105 -23.65 10.61 -30.91
N ASN D 106 -24.74 11.36 -30.92
CA ASN D 106 -24.66 12.80 -31.16
C ASN D 106 -24.21 13.52 -29.87
N ALA D 107 -24.76 13.14 -28.70
CA ALA D 107 -24.42 13.82 -27.45
C ALA D 107 -22.99 13.49 -27.00
N PHE D 108 -22.48 12.29 -27.27
CA PHE D 108 -21.27 11.80 -26.51
C PHE D 108 -20.11 11.33 -27.41
N SER D 109 -20.35 11.17 -28.72
CA SER D 109 -19.39 10.54 -29.61
C SER D 109 -19.08 11.45 -30.78
N SER D 110 -17.89 11.23 -31.37
CA SER D 110 -17.53 11.84 -32.63
C SER D 110 -18.36 11.22 -33.73
N PRO D 111 -18.66 12.00 -34.80
CA PRO D 111 -19.22 11.45 -36.04
C PRO D 111 -18.27 10.46 -36.76
N ASP D 112 -16.97 10.66 -36.57
CA ASP D 112 -15.92 9.78 -37.10
C ASP D 112 -15.66 8.64 -36.10
N PRO D 113 -16.09 7.39 -36.38
CA PRO D 113 -15.88 6.30 -35.41
C PRO D 113 -14.42 5.89 -35.20
N GLY D 114 -13.53 6.31 -36.11
CA GLY D 114 -12.09 6.18 -35.95
C GLY D 114 -11.47 7.18 -34.99
N SER D 115 -12.15 8.30 -34.71
CA SER D 115 -11.61 9.37 -33.88
C SER D 115 -11.93 9.11 -32.40
N VAL D 116 -11.08 9.64 -31.50
CA VAL D 116 -11.29 9.51 -30.05
C VAL D 116 -11.69 10.84 -29.42
N ARG D 117 -11.99 11.84 -30.24
N ARG D 117 -11.97 11.86 -30.24
CA ARG D 117 -12.27 13.21 -29.78
CA ARG D 117 -12.28 13.23 -29.80
C ARG D 117 -13.78 13.39 -29.59
C ARG D 117 -13.79 13.38 -29.59
N ARG D 118 -14.21 13.41 -28.33
CA ARG D 118 -15.63 13.54 -27.93
C ARG D 118 -16.10 14.97 -28.08
N PRO D 119 -17.44 15.17 -28.25
CA PRO D 119 -18.03 16.51 -28.34
C PRO D 119 -18.13 17.28 -27.00
N TYR D 120 -17.35 16.89 -26.00
CA TYR D 120 -17.21 17.68 -24.77
C TYR D 120 -15.78 17.49 -24.29
N PRO D 121 -15.20 18.55 -23.72
CA PRO D 121 -13.82 18.50 -23.23
C PRO D 121 -13.73 17.78 -21.87
N SER D 122 -12.52 17.65 -21.33
CA SER D 122 -12.31 16.89 -20.09
C SER D 122 -10.92 17.16 -19.52
N GLY D 123 -10.88 17.54 -18.23
CA GLY D 123 -9.65 17.66 -17.50
C GLY D 123 -8.75 16.48 -17.79
N GLY D 124 -7.54 16.77 -18.29
CA GLY D 124 -6.52 15.77 -18.53
C GLY D 124 -6.87 14.76 -19.62
N ALA D 125 -7.98 14.99 -20.33
CA ALA D 125 -8.57 14.04 -21.28
C ALA D 125 -8.85 12.69 -20.58
N LEU D 126 -9.22 12.73 -19.30
CA LEU D 126 -9.35 11.53 -18.52
C LEU D 126 -10.78 10.98 -18.56
N TYR D 127 -11.77 11.83 -18.77
CA TYR D 127 -13.16 11.36 -19.03
C TYR D 127 -13.62 10.41 -17.95
N PRO D 128 -13.71 10.86 -16.67
CA PRO D 128 -14.05 9.98 -15.55
C PRO D 128 -15.53 9.66 -15.40
N ILE D 129 -16.37 10.25 -16.25
CA ILE D 129 -17.79 10.15 -16.09
C ILE D 129 -18.31 9.09 -17.05
N GLU D 130 -19.12 8.17 -16.53
CA GLU D 130 -19.67 7.03 -17.31
C GLU D 130 -21.17 7.22 -17.53
N VAL D 131 -21.64 6.91 -18.75
CA VAL D 131 -23.09 7.01 -19.14
C VAL D 131 -23.74 5.62 -19.14
N PHE D 132 -24.82 5.48 -18.35
CA PHE D 132 -25.59 4.25 -18.34
C PHE D 132 -26.98 4.54 -18.90
N LEU D 133 -27.55 3.55 -19.56
CA LEU D 133 -28.84 3.63 -20.22
C LEU D 133 -29.81 2.74 -19.44
N CYS D 134 -30.95 3.32 -19.08
CA CYS D 134 -31.99 2.61 -18.39
C CYS D 134 -33.27 2.68 -19.20
N ARG D 135 -33.82 1.51 -19.48
CA ARG D 135 -35.05 1.30 -20.22
C ARG D 135 -36.19 1.09 -19.24
N LEU D 136 -37.23 1.91 -19.36
CA LEU D 136 -38.20 2.15 -18.27
C LEU D 136 -39.62 1.85 -18.75
N SER D 137 -39.76 1.58 -20.05
CA SER D 137 -41.04 1.32 -20.62
C SER D 137 -40.98 0.06 -21.50
N GLU D 138 -41.97 -0.82 -21.31
CA GLU D 138 -42.23 -1.95 -22.19
C GLU D 138 -42.54 -1.47 -23.61
N ASN D 139 -42.93 -0.19 -23.78
CA ASN D 139 -43.15 0.42 -25.10
C ASN D 139 -41.84 0.96 -25.69
N THR D 140 -40.73 0.78 -24.98
CA THR D 140 -39.40 1.06 -25.51
C THR D 140 -38.85 -0.22 -26.15
N GLU D 141 -38.40 -0.11 -27.41
CA GLU D 141 -37.69 -1.15 -28.12
C GLU D 141 -36.39 -1.46 -27.37
N ASN D 142 -35.89 -2.69 -27.55
CA ASN D 142 -34.71 -3.16 -26.86
C ASN D 142 -33.84 -4.02 -27.79
N TRP D 143 -32.52 -3.92 -27.57
CA TRP D 143 -31.47 -4.59 -28.37
C TRP D 143 -31.29 -6.06 -27.99
N GLN D 144 -31.41 -6.35 -26.69
CA GLN D 144 -31.22 -7.66 -26.13
C GLN D 144 -32.31 -7.82 -25.06
N ALA D 145 -33.36 -8.58 -25.42
CA ALA D 145 -34.53 -8.82 -24.59
C ALA D 145 -34.08 -9.18 -23.18
N GLY D 146 -34.76 -8.59 -22.20
CA GLY D 146 -34.49 -8.87 -20.82
C GLY D 146 -33.47 -7.92 -20.24
N THR D 147 -32.68 -7.24 -21.08
CA THR D 147 -31.62 -6.31 -20.58
C THR D 147 -32.15 -4.87 -20.60
N ASN D 148 -32.24 -4.26 -19.42
CA ASN D 148 -32.78 -2.92 -19.27
C ASN D 148 -31.73 -1.90 -18.82
N VAL D 149 -30.56 -2.36 -18.35
CA VAL D 149 -29.48 -1.44 -18.10
C VAL D 149 -28.35 -1.76 -19.07
N TYR D 150 -27.81 -0.70 -19.67
CA TYR D 150 -26.69 -0.80 -20.56
C TYR D 150 -25.67 0.28 -20.14
N HIS D 151 -24.41 0.08 -20.56
CA HIS D 151 -23.33 1.05 -20.39
C HIS D 151 -22.91 1.52 -21.79
N TYR D 152 -22.92 2.85 -22.03
CA TYR D 152 -22.52 3.38 -23.32
C TYR D 152 -21.01 3.62 -23.32
N LEU D 153 -20.36 3.08 -24.37
CA LEU D 153 -18.95 3.18 -24.66
C LEU D 153 -18.82 4.21 -25.77
N PRO D 154 -18.51 5.47 -25.40
CA PRO D 154 -18.49 6.57 -26.37
C PRO D 154 -17.44 6.48 -27.48
N LEU D 155 -16.38 5.68 -27.29
CA LEU D 155 -15.30 5.64 -28.27
C LEU D 155 -15.48 4.47 -29.22
N SER D 156 -15.92 3.32 -28.73
CA SER D 156 -16.32 2.16 -29.55
C SER D 156 -17.69 2.38 -30.19
N GLN D 157 -18.48 3.29 -29.58
CA GLN D 157 -19.85 3.60 -30.01
C GLN D 157 -20.66 2.30 -29.91
N ALA D 158 -20.83 1.79 -28.68
CA ALA D 158 -21.44 0.50 -28.45
C ALA D 158 -22.04 0.47 -27.04
N LEU D 159 -23.05 -0.39 -26.87
CA LEU D 159 -23.68 -0.62 -25.62
C LEU D 159 -23.20 -1.96 -25.03
N GLU D 160 -22.87 -1.91 -23.74
CA GLU D 160 -22.43 -3.04 -22.93
C GLU D 160 -23.58 -3.39 -21.99
N PRO D 161 -24.20 -4.59 -22.07
CA PRO D 161 -25.20 -5.04 -21.10
C PRO D 161 -24.74 -4.90 -19.66
N VAL D 162 -25.63 -4.49 -18.76
CA VAL D 162 -25.27 -4.26 -17.38
C VAL D 162 -26.16 -5.09 -16.45
N ALA D 163 -27.49 -5.06 -16.67
CA ALA D 163 -28.44 -5.61 -15.71
C ALA D 163 -29.74 -6.03 -16.40
N THR D 164 -30.32 -7.10 -15.86
CA THR D 164 -31.59 -7.59 -16.33
C THR D 164 -32.67 -7.36 -15.26
N CYS D 165 -32.51 -6.32 -14.43
CA CYS D 165 -33.62 -5.91 -13.59
C CYS D 165 -34.82 -5.58 -14.51
N ASN D 166 -36.02 -5.77 -13.98
CA ASN D 166 -37.18 -5.45 -14.76
C ASN D 166 -37.33 -3.93 -14.77
N THR D 167 -38.29 -3.49 -15.58
CA THR D 167 -38.50 -2.11 -15.96
C THR D 167 -39.19 -1.34 -14.81
N GLN D 168 -40.04 -2.02 -14.03
CA GLN D 168 -40.73 -1.43 -12.88
C GLN D 168 -39.73 -1.10 -11.76
N SER D 169 -38.76 -1.97 -11.50
CA SER D 169 -37.80 -1.78 -10.41
C SER D 169 -36.88 -0.60 -10.71
N LEU D 170 -36.57 -0.41 -11.98
CA LEU D 170 -35.55 0.52 -12.40
C LEU D 170 -36.16 1.92 -12.36
N TYR D 171 -37.42 2.03 -12.84
CA TYR D 171 -38.28 3.22 -12.68
C TYR D 171 -38.43 3.60 -11.20
N ARG D 172 -38.73 2.63 -10.35
CA ARG D 172 -38.88 2.95 -8.94
C ARG D 172 -37.57 3.58 -8.44
N SER D 173 -36.39 3.02 -8.75
CA SER D 173 -35.13 3.53 -8.13
C SER D 173 -34.83 4.96 -8.60
N LEU D 174 -35.04 5.22 -9.89
CA LEU D 174 -34.66 6.48 -10.52
C LEU D 174 -35.65 7.61 -10.23
N SER D 175 -36.88 7.29 -9.85
CA SER D 175 -37.96 8.26 -9.89
C SER D 175 -38.27 8.78 -8.49
N GLY D 176 -37.51 8.31 -7.49
CA GLY D 176 -37.65 8.71 -6.08
C GLY D 176 -39.09 8.68 -5.61
N GLY D 177 -39.44 9.61 -4.71
CA GLY D 177 -40.81 9.76 -4.23
C GLY D 177 -41.72 10.61 -5.13
N ASP D 178 -41.21 11.16 -6.23
CA ASP D 178 -41.94 12.16 -7.06
C ASP D 178 -42.36 11.54 -8.41
N SER D 179 -42.58 10.22 -8.42
CA SER D 179 -42.78 9.45 -9.65
C SER D 179 -44.11 9.82 -10.32
N GLU D 180 -45.12 10.17 -9.52
CA GLU D 180 -46.45 10.43 -10.05
C GLU D 180 -46.45 11.69 -10.91
N ARG D 181 -45.63 12.67 -10.54
CA ARG D 181 -45.54 13.93 -11.30
C ARG D 181 -44.75 13.71 -12.58
N LEU D 182 -43.69 12.90 -12.44
CA LEU D 182 -42.80 12.51 -13.52
C LEU D 182 -43.55 11.81 -14.66
N GLY D 183 -44.58 11.02 -14.31
CA GLY D 183 -45.27 10.19 -15.27
C GLY D 183 -44.41 9.02 -15.69
N LYS D 184 -44.38 8.76 -17.01
CA LYS D 184 -43.83 7.55 -17.62
C LYS D 184 -42.88 7.87 -18.77
N PRO D 185 -41.58 8.08 -18.48
CA PRO D 185 -40.57 8.20 -19.53
C PRO D 185 -40.23 6.85 -20.19
N HIS D 186 -39.82 6.90 -21.45
CA HIS D 186 -39.43 5.70 -22.18
C HIS D 186 -38.08 5.17 -21.64
N PHE D 187 -37.16 6.10 -21.34
CA PHE D 187 -35.81 5.75 -20.89
C PHE D 187 -35.14 6.89 -20.10
N ALA D 188 -34.05 6.53 -19.40
CA ALA D 188 -33.16 7.51 -18.75
C ALA D 188 -31.68 7.22 -19.06
N LEU D 189 -30.87 8.29 -19.00
CA LEU D 189 -29.42 8.19 -18.83
C LEU D 189 -29.09 8.49 -17.37
N VAL D 190 -28.13 7.74 -16.82
CA VAL D 190 -27.56 7.98 -15.50
C VAL D 190 -26.07 8.26 -15.69
N TYR D 191 -25.62 9.42 -15.17
CA TYR D 191 -24.23 9.85 -15.24
C TYR D 191 -23.56 9.54 -13.90
N CYS D 192 -22.45 8.84 -13.97
CA CYS D 192 -21.78 8.30 -12.80
C CYS D 192 -20.30 8.68 -12.81
N ILE D 193 -19.80 9.02 -11.62
CA ILE D 193 -18.41 9.33 -11.41
C ILE D 193 -17.71 8.04 -10.98
N ILE D 194 -16.55 7.73 -11.57
CA ILE D 194 -15.61 6.74 -11.03
C ILE D 194 -14.58 7.49 -10.17
N PHE D 195 -14.71 7.36 -8.84
CA PHE D 195 -14.02 8.26 -7.93
C PHE D 195 -12.51 8.29 -8.21
N GLU D 196 -11.86 7.13 -8.28
CA GLU D 196 -10.39 7.07 -8.41
C GLU D 196 -9.92 7.68 -9.74
N LYS D 197 -10.77 7.58 -10.76
CA LYS D 197 -10.47 8.11 -12.10
C LYS D 197 -10.60 9.65 -12.09
N ALA D 198 -11.53 10.16 -11.29
CA ALA D 198 -11.69 11.60 -11.09
C ALA D 198 -10.53 12.14 -10.27
N LEU D 199 -9.93 11.32 -9.40
CA LEU D 199 -9.03 11.84 -8.34
C LEU D 199 -7.55 11.59 -8.61
N PHE D 200 -7.20 10.55 -9.39
CA PHE D 200 -5.82 10.05 -9.38
C PHE D 200 -4.79 11.08 -9.87
N LYS D 201 -5.16 11.92 -10.86
CA LYS D 201 -4.21 12.84 -11.47
C LYS D 201 -4.14 14.20 -10.74
N TYR D 202 -5.30 14.82 -10.53
CA TYR D 202 -5.37 16.21 -10.04
C TYR D 202 -5.82 16.29 -8.57
N ARG D 203 -6.06 15.15 -7.92
CA ARG D 203 -6.46 15.08 -6.52
C ARG D 203 -7.81 15.82 -6.40
N TYR D 204 -8.02 16.57 -5.31
CA TYR D 204 -9.36 17.05 -4.93
C TYR D 204 -10.03 17.85 -6.06
N ARG D 205 -9.25 18.71 -6.72
CA ARG D 205 -9.68 19.51 -7.84
C ARG D 205 -10.30 18.64 -8.95
N GLY D 206 -9.92 17.36 -8.98
CA GLY D 206 -10.49 16.42 -9.95
C GLY D 206 -11.97 16.18 -9.72
N TYR D 207 -12.40 16.20 -8.46
CA TYR D 207 -13.79 16.00 -8.12
C TYR D 207 -14.63 17.13 -8.75
N ARG D 208 -14.10 18.33 -8.64
CA ARG D 208 -14.72 19.53 -9.15
C ARG D 208 -14.83 19.41 -10.68
N MET D 209 -13.71 19.12 -11.34
CA MET D 209 -13.67 18.91 -12.79
C MET D 209 -14.64 17.78 -13.20
N ALA D 210 -14.78 16.70 -12.39
CA ALA D 210 -15.68 15.58 -12.81
C ALA D 210 -17.17 15.99 -12.77
N LEU D 211 -17.59 16.72 -11.74
CA LEU D 211 -18.99 17.09 -11.66
C LEU D 211 -19.38 18.04 -12.80
N MET D 212 -18.48 18.98 -13.13
CA MET D 212 -18.62 19.94 -14.24
C MET D 212 -18.73 19.17 -15.58
N GLU D 213 -17.87 18.18 -15.77
CA GLU D 213 -17.94 17.33 -16.94
C GLU D 213 -19.34 16.73 -17.03
N THR D 214 -19.90 16.26 -15.90
CA THR D 214 -21.21 15.64 -15.95
C THR D 214 -22.19 16.61 -16.61
N GLY D 215 -22.04 17.89 -16.26
CA GLY D 215 -22.95 18.91 -16.76
C GLY D 215 -22.78 19.16 -18.25
N SER D 216 -21.53 19.13 -18.74
CA SER D 216 -21.24 19.33 -20.17
C SER D 216 -21.92 18.22 -20.94
N MET D 217 -21.94 17.03 -20.33
CA MET D 217 -22.47 15.86 -20.97
C MET D 217 -23.99 15.93 -21.04
N TYR D 218 -24.68 16.10 -19.89
CA TYR D 218 -26.09 16.07 -19.98
C TYR D 218 -26.61 17.26 -20.81
N GLN D 219 -25.84 18.35 -20.91
CA GLN D 219 -26.23 19.50 -21.71
C GLN D 219 -26.24 19.12 -23.19
N ASN D 220 -25.19 18.48 -23.69
CA ASN D 220 -25.19 17.97 -25.07
C ASN D 220 -26.46 17.15 -25.30
N ALA D 221 -26.87 16.38 -24.27
CA ALA D 221 -28.04 15.48 -24.40
C ALA D 221 -29.32 16.33 -24.55
N VAL D 222 -29.39 17.41 -23.76
CA VAL D 222 -30.49 18.34 -23.79
C VAL D 222 -30.64 18.91 -25.21
N LEU D 223 -29.53 19.41 -25.75
CA LEU D 223 -29.54 20.05 -27.06
C LEU D 223 -29.90 19.04 -28.13
N VAL D 224 -29.44 17.79 -27.97
CA VAL D 224 -29.60 16.77 -29.00
C VAL D 224 -31.05 16.28 -28.96
N ALA D 225 -31.58 16.12 -27.74
CA ALA D 225 -32.98 15.74 -27.49
C ALA D 225 -33.92 16.73 -28.16
N ASP D 226 -33.65 18.02 -27.96
CA ASP D 226 -34.48 19.06 -28.54
C ASP D 226 -34.53 18.89 -30.07
N GLN D 227 -33.37 18.59 -30.67
CA GLN D 227 -33.21 18.53 -32.13
C GLN D 227 -33.87 17.27 -32.71
N ILE D 228 -33.92 16.16 -31.99
CA ILE D 228 -34.56 14.94 -32.55
C ILE D 228 -36.00 14.79 -32.04
N GLY D 229 -36.52 15.78 -31.31
CA GLY D 229 -37.94 15.83 -30.91
C GLY D 229 -38.27 14.89 -29.75
N LEU D 230 -37.32 14.74 -28.81
CA LEU D 230 -37.48 14.05 -27.53
C LEU D 230 -37.65 15.12 -26.45
N LYS D 231 -38.51 14.89 -25.45
CA LYS D 231 -38.54 15.74 -24.23
C LYS D 231 -37.57 15.13 -23.22
N ASN D 232 -37.10 15.94 -22.27
CA ASN D 232 -36.21 15.44 -21.24
C ASN D 232 -36.29 16.29 -19.98
N ARG D 233 -35.82 15.71 -18.87
CA ARG D 233 -35.71 16.40 -17.60
C ARG D 233 -34.53 15.82 -16.81
N VAL D 234 -33.55 16.68 -16.55
CA VAL D 234 -32.48 16.33 -15.65
C VAL D 234 -33.14 16.19 -14.27
N TRP D 235 -32.67 15.24 -13.45
CA TRP D 235 -33.40 14.78 -12.27
C TRP D 235 -32.45 14.44 -11.12
N ALA D 236 -32.70 15.03 -9.96
CA ALA D 236 -31.89 14.82 -8.77
C ALA D 236 -32.69 14.12 -7.67
N GLY D 237 -33.98 13.85 -7.90
CA GLY D 237 -34.88 13.22 -6.92
C GLY D 237 -34.81 11.69 -6.91
N TYR D 238 -33.64 11.15 -6.55
CA TYR D 238 -33.49 9.72 -6.51
C TYR D 238 -32.63 9.33 -5.30
N THR D 239 -32.82 8.09 -4.85
CA THR D 239 -31.99 7.51 -3.81
C THR D 239 -30.71 6.92 -4.43
N ASP D 240 -29.59 7.59 -4.17
CA ASP D 240 -28.33 7.34 -4.86
C ASP D 240 -27.93 5.85 -4.80
N SER D 241 -27.98 5.28 -3.58
CA SER D 241 -27.46 3.96 -3.35
C SER D 241 -28.40 2.91 -3.97
N TYR D 242 -29.69 3.21 -4.00
CA TYR D 242 -30.71 2.31 -4.50
C TYR D 242 -30.59 2.19 -6.04
N VAL D 243 -30.30 3.32 -6.69
CA VAL D 243 -30.07 3.37 -8.13
C VAL D 243 -28.84 2.51 -8.43
N ALA D 244 -27.73 2.87 -7.77
CA ALA D 244 -26.48 2.13 -7.79
C ALA D 244 -26.76 0.64 -7.65
N LYS D 245 -27.54 0.25 -6.64
CA LYS D 245 -27.77 -1.16 -6.32
C LYS D 245 -28.42 -1.86 -7.51
N THR D 246 -29.38 -1.14 -8.13
CA THR D 246 -30.33 -1.68 -9.08
C THR D 246 -29.64 -1.89 -10.43
N MET D 247 -28.66 -1.02 -10.69
CA MET D 247 -27.83 -1.04 -11.86
C MET D 247 -26.59 -1.93 -11.69
N ASN D 248 -26.43 -2.52 -10.49
CA ASN D 248 -25.34 -3.42 -10.12
C ASN D 248 -23.98 -2.70 -10.18
N LEU D 249 -23.97 -1.39 -9.91
CA LEU D 249 -22.74 -0.63 -9.69
C LEU D 249 -22.22 -0.92 -8.27
N ASP D 250 -20.91 -0.99 -8.13
CA ASP D 250 -20.24 -1.08 -6.89
C ASP D 250 -19.98 0.34 -6.40
N GLN D 251 -20.64 0.71 -5.29
CA GLN D 251 -20.61 2.09 -4.77
C GLN D 251 -19.23 2.47 -4.21
N ARG D 252 -18.35 1.51 -3.93
CA ARG D 252 -16.99 1.84 -3.48
C ARG D 252 -16.16 2.47 -4.62
N THR D 253 -16.56 2.21 -5.88
CA THR D 253 -15.81 2.65 -7.06
C THR D 253 -16.52 3.77 -7.82
N VAL D 254 -17.86 3.67 -7.90
CA VAL D 254 -18.64 4.47 -8.82
C VAL D 254 -19.97 4.85 -8.17
N ALA D 255 -20.48 6.05 -8.48
CA ALA D 255 -21.68 6.59 -7.90
C ALA D 255 -22.45 7.40 -8.94
N PRO D 256 -23.81 7.30 -8.95
CA PRO D 256 -24.66 8.17 -9.76
C PRO D 256 -24.73 9.61 -9.24
N LEU D 257 -24.39 10.55 -10.12
CA LEU D 257 -24.40 11.99 -9.84
C LEU D 257 -25.76 12.60 -10.20
N ILE D 258 -26.29 12.18 -11.34
CA ILE D 258 -27.51 12.74 -11.89
C ILE D 258 -28.16 11.73 -12.86
N VAL D 259 -29.49 11.78 -12.84
CA VAL D 259 -30.35 11.08 -13.75
C VAL D 259 -30.93 12.11 -14.73
N GLN D 260 -31.19 11.64 -15.96
CA GLN D 260 -31.82 12.43 -16.97
C GLN D 260 -32.90 11.58 -17.66
N PHE D 261 -34.14 12.09 -17.65
CA PHE D 261 -35.29 11.35 -18.20
C PHE D 261 -35.60 11.82 -19.63
N PHE D 262 -36.08 10.89 -20.46
CA PHE D 262 -36.41 11.12 -21.89
C PHE D 262 -37.72 10.43 -22.30
N GLY D 263 -38.45 11.06 -23.23
CA GLY D 263 -39.71 10.50 -23.72
C GLY D 263 -40.63 11.54 -24.35
N ASP D 264 -41.91 11.18 -24.48
CA ASP D 264 -42.95 12.05 -24.98
C ASP D 264 -43.70 12.72 -23.81
N VAL D 265 -44.56 13.66 -24.18
CA VAL D 265 -45.38 14.47 -23.29
C VAL D 265 -46.71 14.77 -24.03
N ASN D 266 -47.83 14.19 -23.56
CA ASN D 266 -49.18 14.42 -24.17
C ASN D 266 -49.84 15.64 -23.51
N MET E 1 -8.18 1.32 -4.25
CA MET E 1 -8.48 1.35 -2.80
C MET E 1 -7.34 0.68 -2.05
N ILE E 2 -7.36 0.82 -0.72
CA ILE E 2 -6.29 0.42 0.21
C ILE E 2 -5.09 1.36 0.02
N ASN E 3 -4.38 1.16 -1.10
CA ASN E 3 -3.32 2.03 -1.57
C ASN E 3 -2.32 2.33 -0.45
N VAL E 4 -1.75 1.28 0.16
CA VAL E 4 -0.64 1.41 1.10
C VAL E 4 0.68 1.37 0.33
N TYR E 5 1.48 2.45 0.47
CA TYR E 5 2.78 2.62 -0.19
C TYR E 5 3.91 2.66 0.84
N SER E 6 5.01 1.95 0.63
CA SER E 6 6.15 1.95 1.61
C SER E 6 7.41 2.47 0.91
N ASN E 7 8.18 3.28 1.63
CA ASN E 7 9.53 3.67 1.23
C ASN E 7 10.29 2.39 0.82
N LEU E 8 11.21 2.50 -0.16
CA LEU E 8 11.96 1.34 -0.67
C LEU E 8 12.89 0.75 0.42
N MET E 9 13.30 1.54 1.41
CA MET E 9 14.04 1.00 2.52
C MET E 9 13.12 0.46 3.64
N SER E 10 11.82 0.29 3.37
CA SER E 10 10.92 -0.28 4.37
C SER E 10 11.06 -1.81 4.36
N ALA E 11 10.69 -2.47 5.47
CA ALA E 11 10.44 -3.93 5.51
C ALA E 11 9.35 -4.36 4.53
N TRP E 12 8.39 -3.44 4.29
CA TRP E 12 7.12 -3.74 3.63
C TRP E 12 7.19 -3.44 2.13
N PRO E 13 6.36 -4.09 1.29
CA PRO E 13 6.47 -3.96 -0.15
C PRO E 13 6.11 -2.56 -0.64
N ALA E 14 6.52 -2.25 -1.88
CA ALA E 14 6.33 -0.96 -2.49
C ALA E 14 4.85 -0.58 -2.41
N THR E 15 3.94 -1.49 -2.78
CA THR E 15 2.54 -1.09 -2.85
C THR E 15 1.60 -2.29 -2.63
N MET E 16 0.44 -1.98 -2.05
CA MET E 16 -0.69 -2.85 -2.03
C MET E 16 -1.91 -2.05 -2.45
N ALA E 17 -2.70 -2.58 -3.38
CA ALA E 17 -3.93 -1.95 -3.83
C ALA E 17 -5.00 -3.01 -4.08
N MET E 18 -6.23 -2.61 -3.77
CA MET E 18 -7.45 -3.31 -4.18
C MET E 18 -8.01 -2.55 -5.38
N SER E 19 -8.28 -3.25 -6.47
CA SER E 19 -8.60 -2.60 -7.72
C SER E 19 -10.06 -2.13 -7.71
N PRO E 20 -10.35 -0.85 -8.04
CA PRO E 20 -11.75 -0.46 -8.26
C PRO E 20 -12.33 -1.35 -9.36
N LYS E 21 -13.66 -1.43 -9.39
CA LYS E 21 -14.44 -2.06 -10.46
C LYS E 21 -15.85 -1.43 -10.51
N LEU E 22 -16.42 -1.33 -11.72
CA LEU E 22 -17.77 -0.80 -11.89
C LEU E 22 -18.82 -1.78 -11.37
N ASN E 23 -18.63 -3.08 -11.62
CA ASN E 23 -19.62 -4.14 -11.49
C ASN E 23 -19.51 -4.81 -10.11
N ARG E 24 -20.60 -4.78 -9.33
CA ARG E 24 -20.54 -5.24 -7.93
C ARG E 24 -20.58 -6.77 -7.87
N ASN E 25 -21.04 -7.39 -8.97
CA ASN E 25 -21.13 -8.83 -9.08
C ASN E 25 -19.84 -9.44 -9.68
N MET E 26 -18.86 -8.62 -10.09
CA MET E 26 -17.53 -9.12 -10.48
C MET E 26 -16.69 -9.34 -9.23
N PRO E 27 -15.69 -10.25 -9.24
CA PRO E 27 -14.83 -10.43 -8.07
C PRO E 27 -13.85 -9.26 -7.89
N THR E 28 -13.50 -9.02 -6.65
CA THR E 28 -12.42 -8.18 -6.25
C THR E 28 -11.08 -8.84 -6.60
N PHE E 29 -10.18 -8.02 -7.15
CA PHE E 29 -8.80 -8.33 -7.39
C PHE E 29 -7.98 -7.42 -6.49
N SER E 30 -6.97 -7.98 -5.81
CA SER E 30 -6.05 -7.26 -4.94
C SER E 30 -4.64 -7.70 -5.28
N GLN E 31 -3.67 -6.80 -5.16
CA GLN E 31 -2.35 -7.15 -5.62
C GLN E 31 -1.30 -6.38 -4.83
N ILE E 32 -0.10 -6.97 -4.73
CA ILE E 32 1.05 -6.34 -4.13
C ILE E 32 2.20 -6.39 -5.13
N TRP E 33 2.76 -5.21 -5.40
CA TRP E 33 3.89 -5.03 -6.26
C TRP E 33 5.09 -4.65 -5.38
N ASP E 34 6.23 -5.35 -5.56
CA ASP E 34 7.48 -5.17 -4.77
C ASP E 34 8.70 -5.22 -5.73
N TYR E 35 8.72 -4.32 -6.71
CA TYR E 35 9.80 -4.18 -7.67
C TYR E 35 9.94 -5.50 -8.40
N GLU E 36 11.15 -6.07 -8.45
CA GLU E 36 11.36 -7.38 -9.02
C GLU E 36 12.01 -8.30 -7.99
N ARG E 37 11.75 -8.00 -6.71
CA ARG E 37 12.12 -8.84 -5.57
C ARG E 37 11.43 -10.21 -5.68
N ILE E 38 10.14 -10.15 -6.03
CA ILE E 38 9.29 -11.26 -6.50
C ILE E 38 8.41 -10.68 -7.61
N THR E 39 7.69 -11.54 -8.34
CA THR E 39 6.66 -11.02 -9.22
C THR E 39 5.44 -10.69 -8.39
N PRO E 40 4.55 -9.84 -8.89
CA PRO E 40 3.42 -9.35 -8.11
C PRO E 40 2.53 -10.45 -7.54
N ALA E 41 2.33 -10.43 -6.23
CA ALA E 41 1.39 -11.29 -5.60
C ALA E 41 -0.03 -10.74 -5.85
N SER E 42 -1.01 -11.66 -5.94
CA SER E 42 -2.38 -11.26 -6.10
C SER E 42 -3.32 -12.39 -5.62
N ALA E 43 -4.59 -12.01 -5.45
CA ALA E 43 -5.64 -12.94 -5.09
C ALA E 43 -6.96 -12.36 -5.60
N ALA E 44 -7.99 -13.21 -5.68
CA ALA E 44 -9.27 -12.77 -6.18
C ALA E 44 -10.40 -13.56 -5.51
N GLY E 45 -11.61 -12.95 -5.47
CA GLY E 45 -12.84 -13.53 -4.92
C GLY E 45 -13.69 -12.50 -4.21
N GLU E 46 -14.27 -12.87 -3.06
N GLU E 46 -14.27 -12.88 -3.07
CA GLU E 46 -14.89 -11.91 -2.11
CA GLU E 46 -14.87 -11.94 -2.13
C GLU E 46 -13.80 -10.94 -1.63
C GLU E 46 -13.79 -10.94 -1.67
N THR E 47 -14.21 -9.71 -1.37
CA THR E 47 -13.34 -8.57 -1.07
C THR E 47 -12.27 -8.92 -0.03
N LEU E 48 -12.67 -9.33 1.17
CA LEU E 48 -11.70 -9.51 2.23
C LEU E 48 -10.79 -10.71 1.91
N LYS E 49 -11.35 -11.81 1.36
CA LYS E 49 -10.63 -13.02 0.93
C LYS E 49 -9.52 -12.59 -0.04
N SER E 50 -9.88 -11.75 -1.02
CA SER E 50 -8.97 -11.17 -2.02
C SER E 50 -7.75 -10.50 -1.37
N ILE E 51 -8.03 -9.71 -0.34
CA ILE E 51 -7.07 -8.90 0.35
C ILE E 51 -6.19 -9.79 1.21
N GLN E 52 -6.80 -10.77 1.89
CA GLN E 52 -6.07 -11.73 2.75
C GLN E 52 -5.14 -12.58 1.86
N GLY E 53 -5.65 -12.97 0.70
CA GLY E 53 -5.00 -13.83 -0.29
C GLY E 53 -3.78 -13.18 -0.92
N ALA E 54 -3.89 -11.89 -1.29
CA ALA E 54 -2.78 -11.15 -1.85
C ALA E 54 -1.70 -10.92 -0.79
N ILE E 55 -2.11 -10.55 0.44
CA ILE E 55 -1.15 -10.40 1.56
C ILE E 55 -0.45 -11.75 1.78
N GLY E 56 -1.24 -12.83 1.89
CA GLY E 56 -0.78 -14.18 2.08
C GLY E 56 0.15 -14.64 0.98
N GLU E 57 -0.21 -14.38 -0.28
CA GLU E 57 0.61 -14.85 -1.37
C GLU E 57 1.92 -14.05 -1.32
N TYR E 58 1.84 -12.76 -0.98
CA TYR E 58 3.04 -11.93 -0.90
C TYR E 58 4.00 -12.49 0.17
N PHE E 59 3.50 -12.83 1.36
CA PHE E 59 4.36 -13.39 2.41
C PHE E 59 4.98 -14.73 1.96
N GLU E 60 4.15 -15.60 1.39
CA GLU E 60 4.51 -16.89 0.84
C GLU E 60 5.71 -16.76 -0.11
N ARG E 61 5.52 -15.98 -1.17
CA ARG E 61 6.45 -15.94 -2.29
C ARG E 61 7.76 -15.29 -1.84
N ARG E 62 7.67 -14.24 -1.01
CA ARG E 62 8.85 -13.53 -0.49
C ARG E 62 9.70 -14.52 0.33
N HIS E 63 9.03 -15.38 1.08
CA HIS E 63 9.71 -16.31 1.95
C HIS E 63 10.53 -17.28 1.09
N PHE E 64 9.86 -17.93 0.14
CA PHE E 64 10.44 -19.00 -0.68
C PHE E 64 11.44 -18.41 -1.68
N PHE E 65 11.15 -17.25 -2.28
CA PHE E 65 12.06 -16.64 -3.26
C PHE E 65 13.18 -15.84 -2.58
N ASN E 66 12.93 -15.19 -1.42
CA ASN E 66 13.89 -14.16 -0.97
C ASN E 66 14.48 -14.41 0.44
N GLU E 67 13.88 -15.28 1.28
CA GLU E 67 14.22 -15.19 2.73
C GLU E 67 14.71 -16.48 3.41
N ILE E 68 14.84 -17.61 2.68
CA ILE E 68 15.20 -18.88 3.34
C ILE E 68 16.68 -18.83 3.72
N VAL E 69 17.01 -19.39 4.88
CA VAL E 69 18.41 -19.67 5.26
C VAL E 69 18.46 -21.10 5.80
N THR E 70 19.47 -21.85 5.37
CA THR E 70 19.61 -23.28 5.61
C THR E 70 20.17 -23.50 7.01
N GLY E 71 19.85 -24.67 7.57
CA GLY E 71 20.31 -25.07 8.88
C GLY E 71 21.60 -25.84 8.80
N GLY E 72 22.36 -25.62 7.72
CA GLY E 72 23.62 -26.30 7.50
C GLY E 72 23.47 -27.47 6.54
N GLN E 73 24.37 -28.45 6.70
CA GLN E 73 24.96 -29.20 5.59
C GLN E 73 25.15 -30.69 5.95
N LYS E 74 24.36 -31.58 5.33
CA LYS E 74 24.42 -33.00 5.61
C LYS E 74 24.10 -33.81 4.36
N THR E 75 24.58 -35.06 4.37
CA THR E 75 24.20 -36.10 3.42
C THR E 75 22.76 -36.51 3.70
N LEU E 76 22.17 -37.20 2.71
CA LEU E 76 20.76 -37.56 2.75
C LEU E 76 20.48 -38.52 3.92
N TYR E 77 21.39 -39.49 4.14
CA TYR E 77 21.18 -40.56 5.14
C TYR E 77 21.50 -40.05 6.54
N GLU E 78 22.18 -38.89 6.64
CA GLU E 78 22.37 -38.19 7.92
C GLU E 78 21.12 -37.39 8.32
N MET E 79 20.47 -36.74 7.35
CA MET E 79 19.47 -35.71 7.67
C MET E 79 18.09 -36.34 7.95
N MET E 80 17.91 -37.62 7.64
CA MET E 80 16.58 -38.23 7.67
C MET E 80 16.69 -39.75 7.74
N PRO E 81 15.60 -40.47 8.13
CA PRO E 81 15.63 -41.93 8.21
C PRO E 81 15.95 -42.55 6.86
N PRO E 82 16.48 -43.79 6.84
CA PRO E 82 17.00 -44.42 5.62
C PRO E 82 16.05 -44.56 4.41
N SER E 83 14.84 -45.07 4.61
CA SER E 83 13.93 -45.37 3.47
C SER E 83 13.46 -44.07 2.77
N ALA E 84 13.57 -42.94 3.47
CA ALA E 84 13.32 -41.60 2.93
C ALA E 84 14.54 -41.11 2.14
N ALA E 85 15.74 -41.27 2.72
CA ALA E 85 16.99 -40.92 2.05
C ALA E 85 17.11 -41.66 0.70
N LYS E 86 16.67 -42.93 0.68
CA LYS E 86 16.63 -43.72 -0.54
C LYS E 86 15.64 -43.10 -1.53
N ALA E 87 14.43 -42.78 -1.07
CA ALA E 87 13.40 -42.21 -1.95
C ALA E 87 13.91 -40.92 -2.62
N PHE E 88 14.61 -40.08 -1.84
CA PHE E 88 15.19 -38.86 -2.36
C PHE E 88 16.29 -39.19 -3.37
N THR E 89 17.17 -40.14 -3.02
CA THR E 89 18.27 -40.58 -3.90
C THR E 89 17.73 -40.98 -5.29
N GLU E 90 16.58 -41.66 -5.30
CA GLU E 90 16.07 -42.24 -6.55
C GLU E 90 15.45 -41.12 -7.39
N ALA E 91 14.82 -40.17 -6.72
CA ALA E 91 14.30 -38.99 -7.38
C ALA E 91 15.44 -38.18 -8.03
N PHE E 92 16.49 -37.90 -7.24
CA PHE E 92 17.62 -37.08 -7.70
C PHE E 92 18.39 -37.80 -8.83
N PHE E 93 18.45 -39.13 -8.76
CA PHE E 93 19.19 -39.90 -9.76
C PHE E 93 18.49 -39.85 -11.13
N GLN E 94 17.22 -39.42 -11.17
CA GLN E 94 16.51 -39.19 -12.42
C GLN E 94 16.68 -37.75 -12.92
N ILE E 95 16.96 -36.83 -12.00
CA ILE E 95 16.77 -35.42 -12.27
C ILE E 95 18.07 -34.81 -12.83
N SER E 96 19.22 -35.31 -12.38
CA SER E 96 20.50 -34.95 -12.98
C SER E 96 21.16 -36.22 -13.52
N SER E 97 22.39 -36.08 -14.02
CA SER E 97 23.10 -37.16 -14.64
C SER E 97 24.20 -37.67 -13.70
N LEU E 98 24.19 -37.24 -12.44
CA LEU E 98 25.19 -37.68 -11.47
C LEU E 98 24.82 -39.07 -10.95
N THR E 99 25.82 -39.80 -10.48
CA THR E 99 25.68 -41.18 -10.03
C THR E 99 25.01 -41.20 -8.65
N ARG E 100 24.49 -42.39 -8.30
CA ARG E 100 23.93 -42.65 -7.00
C ARG E 100 25.01 -42.44 -5.93
N ASP E 101 26.25 -42.81 -6.26
CA ASP E 101 27.37 -42.66 -5.32
C ASP E 101 27.64 -41.18 -5.08
N GLU E 102 27.62 -40.38 -6.17
CA GLU E 102 27.75 -38.92 -6.06
C GLU E 102 26.62 -38.34 -5.22
N ILE E 103 25.39 -38.86 -5.35
CA ILE E 103 24.21 -38.28 -4.71
C ILE E 103 24.24 -38.56 -3.21
N ILE E 104 24.64 -39.78 -2.82
CA ILE E 104 24.48 -40.20 -1.44
C ILE E 104 25.65 -39.65 -0.60
N THR E 105 26.79 -39.33 -1.23
CA THR E 105 27.95 -38.77 -0.52
C THR E 105 27.92 -37.24 -0.49
N HIS E 106 27.03 -36.58 -1.26
CA HIS E 106 26.97 -35.10 -1.33
C HIS E 106 26.29 -34.51 -0.06
N LYS E 107 26.98 -33.54 0.54
CA LYS E 107 26.48 -32.79 1.69
C LYS E 107 25.50 -31.73 1.17
N PHE E 108 24.21 -31.95 1.40
CA PHE E 108 23.13 -31.05 0.97
C PHE E 108 22.82 -30.04 2.08
N LYS E 109 22.50 -28.81 1.66
CA LYS E 109 21.90 -27.79 2.51
C LYS E 109 20.52 -28.27 2.98
N THR E 110 20.21 -28.02 4.25
CA THR E 110 19.10 -28.65 5.00
C THR E 110 18.09 -27.59 5.40
N VAL E 111 16.83 -28.04 5.51
CA VAL E 111 15.74 -27.30 6.10
C VAL E 111 14.94 -28.26 6.98
N ARG E 112 14.35 -27.68 8.03
CA ARG E 112 13.49 -28.37 8.95
C ARG E 112 12.25 -28.86 8.18
N ALA E 113 11.77 -30.03 8.59
CA ALA E 113 10.56 -30.64 8.10
C ALA E 113 10.09 -31.66 9.14
N PHE E 114 8.86 -32.15 8.98
CA PHE E 114 8.37 -33.28 9.76
C PHE E 114 7.56 -34.18 8.85
N ASN E 115 7.49 -35.45 9.21
CA ASN E 115 6.76 -36.40 8.41
C ASN E 115 5.26 -36.13 8.58
N LEU E 116 4.55 -36.03 7.45
CA LEU E 116 3.09 -35.67 7.41
C LEU E 116 2.26 -36.62 8.29
N PHE E 117 2.70 -37.88 8.38
CA PHE E 117 1.92 -38.96 8.98
C PHE E 117 2.30 -39.14 10.46
N SER E 118 3.60 -39.29 10.74
CA SER E 118 4.15 -39.66 12.06
C SER E 118 4.59 -38.45 12.89
N LEU E 119 4.69 -37.28 12.25
CA LEU E 119 5.16 -36.03 12.87
C LEU E 119 6.63 -36.14 13.26
N GLU E 120 7.32 -37.17 12.76
CA GLU E 120 8.71 -37.36 13.10
C GLU E 120 9.51 -36.18 12.52
N GLN E 121 10.33 -35.57 13.38
CA GLN E 121 11.16 -34.46 13.00
C GLN E 121 12.37 -34.98 12.22
N GLN E 122 12.64 -34.33 11.08
CA GLN E 122 13.80 -34.63 10.25
C GLN E 122 14.20 -33.37 9.47
N GLU E 123 15.14 -33.54 8.54
CA GLU E 123 15.43 -32.52 7.59
C GLU E 123 15.28 -33.10 6.17
N ILE E 124 15.00 -32.20 5.23
CA ILE E 124 14.96 -32.47 3.82
C ILE E 124 15.90 -31.48 3.14
N PRO E 125 16.24 -31.73 1.86
CA PRO E 125 17.17 -30.87 1.12
C PRO E 125 16.57 -29.49 0.83
N ALA E 126 17.31 -28.46 1.24
CA ALA E 126 16.92 -27.05 1.05
C ALA E 126 16.75 -26.70 -0.44
N VAL E 127 17.47 -27.41 -1.33
CA VAL E 127 17.45 -27.14 -2.78
C VAL E 127 16.03 -27.29 -3.36
N ILE E 128 15.16 -28.10 -2.75
CA ILE E 128 13.77 -28.31 -3.23
C ILE E 128 12.91 -27.06 -2.93
N ILE E 129 13.20 -26.36 -1.82
CA ILE E 129 12.34 -25.33 -1.12
C ILE E 129 12.68 -23.89 -1.58
N ALA E 130 13.96 -23.55 -1.55
CA ALA E 130 14.46 -22.22 -1.91
C ALA E 130 14.32 -21.97 -3.41
N LEU E 131 13.70 -20.85 -3.75
CA LEU E 131 13.45 -20.50 -5.14
C LEU E 131 14.47 -19.47 -5.67
N ASP E 132 15.37 -18.97 -4.82
CA ASP E 132 16.56 -18.15 -5.23
C ASP E 132 17.71 -19.07 -5.68
N ASN E 133 18.79 -18.51 -6.25
CA ASN E 133 19.91 -19.37 -6.74
C ASN E 133 21.10 -19.36 -5.77
N ILE E 134 20.95 -18.82 -4.56
CA ILE E 134 22.10 -18.65 -3.65
C ILE E 134 22.02 -19.59 -2.44
N THR E 135 20.83 -19.73 -1.86
CA THR E 135 20.62 -20.48 -0.62
C THR E 135 21.33 -21.85 -0.70
N ALA E 136 21.17 -22.55 -1.83
CA ALA E 136 21.72 -23.90 -1.99
C ALA E 136 22.36 -24.00 -3.38
N ALA E 137 23.14 -22.99 -3.72
CA ALA E 137 23.90 -22.85 -4.93
C ALA E 137 24.64 -24.15 -5.28
N ASP E 138 25.33 -24.71 -4.29
CA ASP E 138 26.21 -25.86 -4.45
C ASP E 138 25.43 -27.18 -4.59
N ASP E 139 24.08 -27.09 -4.61
CA ASP E 139 23.21 -28.21 -4.65
C ASP E 139 22.45 -28.26 -5.99
N LEU E 140 22.56 -27.20 -6.79
CA LEU E 140 21.61 -27.01 -7.88
C LEU E 140 21.86 -27.99 -9.03
N LYS E 141 23.07 -28.56 -9.08
CA LYS E 141 23.40 -29.59 -10.09
C LYS E 141 22.50 -30.84 -9.88
N PHE E 142 21.97 -31.02 -8.66
CA PHE E 142 21.14 -32.18 -8.31
C PHE E 142 19.66 -31.96 -8.61
N TYR E 143 19.28 -30.68 -8.79
CA TYR E 143 17.87 -30.21 -8.79
C TYR E 143 17.82 -28.79 -9.35
N PRO E 144 18.07 -28.59 -10.66
CA PRO E 144 18.06 -27.27 -11.27
C PRO E 144 16.67 -26.62 -11.43
N ASP E 145 15.59 -27.39 -11.34
CA ASP E 145 14.27 -26.86 -11.66
C ASP E 145 13.39 -26.89 -10.41
N ARG E 146 13.10 -25.70 -9.85
CA ARG E 146 12.37 -25.55 -8.59
C ARG E 146 11.14 -24.68 -8.85
N ASP E 147 10.08 -24.83 -8.05
CA ASP E 147 8.89 -23.99 -8.23
C ASP E 147 8.07 -23.97 -6.94
N THR E 148 6.85 -23.41 -6.99
CA THR E 148 6.08 -23.01 -5.78
C THR E 148 4.96 -24.01 -5.47
N CYS E 149 4.89 -25.14 -6.19
CA CYS E 149 3.92 -26.22 -5.90
C CYS E 149 4.00 -26.65 -4.44
N GLY E 150 2.85 -26.59 -3.76
CA GLY E 150 2.70 -27.01 -2.37
C GLY E 150 3.06 -25.93 -1.38
N CYS E 151 3.54 -24.78 -1.86
CA CYS E 151 3.89 -23.66 -1.00
C CYS E 151 2.62 -22.98 -0.49
N SER E 152 2.69 -22.48 0.76
CA SER E 152 1.53 -21.91 1.37
C SER E 152 1.91 -21.06 2.60
N PHE E 153 1.11 -20.01 2.87
CA PHE E 153 1.26 -19.11 4.04
C PHE E 153 -0.09 -19.00 4.77
N HIS E 154 -0.05 -18.98 6.10
CA HIS E 154 -1.26 -18.68 6.90
C HIS E 154 -0.85 -18.32 8.33
N GLY E 155 -1.83 -17.84 9.13
CA GLY E 155 -1.65 -17.42 10.53
C GLY E 155 -1.93 -18.53 11.53
N SER E 156 -2.50 -19.62 11.05
CA SER E 156 -2.62 -20.92 11.76
C SER E 156 -1.76 -21.97 11.05
N LEU E 157 -1.05 -22.79 11.82
CA LEU E 157 -0.26 -23.89 11.25
C LEU E 157 -1.19 -24.86 10.50
N ASN E 158 -2.38 -25.11 11.04
CA ASN E 158 -3.34 -26.01 10.42
C ASN E 158 -3.74 -25.50 9.04
N ASP E 159 -4.07 -24.21 8.96
CA ASP E 159 -4.46 -23.61 7.70
C ASP E 159 -3.29 -23.68 6.72
N ALA E 160 -2.07 -23.42 7.18
CA ALA E 160 -0.93 -23.40 6.29
C ALA E 160 -0.76 -24.79 5.68
N ILE E 161 -0.83 -25.82 6.54
CA ILE E 161 -0.70 -27.24 6.12
C ILE E 161 -1.83 -27.58 5.12
N GLU E 162 -3.08 -27.37 5.54
CA GLU E 162 -4.29 -27.63 4.70
C GLU E 162 -4.12 -26.96 3.32
N GLY E 163 -3.55 -25.73 3.30
CA GLY E 163 -3.28 -24.99 2.05
C GLY E 163 -2.22 -25.68 1.19
N SER E 164 -1.09 -26.02 1.82
CA SER E 164 -0.02 -26.79 1.20
C SER E 164 -0.55 -28.14 0.67
N LEU E 165 -1.31 -28.87 1.49
CA LEU E 165 -1.81 -30.19 1.12
C LEU E 165 -2.76 -30.10 -0.09
N CYS E 166 -3.64 -29.10 -0.13
CA CYS E 166 -4.64 -29.01 -1.19
C CYS E 166 -3.94 -28.68 -2.50
N GLU E 167 -2.95 -27.76 -2.47
CA GLU E 167 -2.19 -27.38 -3.68
C GLU E 167 -1.36 -28.58 -4.18
N PHE E 168 -0.68 -29.29 -3.28
CA PHE E 168 -0.01 -30.54 -3.59
C PHE E 168 -0.99 -31.44 -4.35
N MET E 169 -2.21 -31.63 -3.82
CA MET E 169 -3.14 -32.57 -4.42
C MET E 169 -3.49 -32.12 -5.84
N GLU E 170 -3.61 -30.80 -6.01
CA GLU E 170 -4.16 -30.25 -7.24
C GLU E 170 -3.08 -30.35 -8.32
N ARG E 171 -1.82 -30.14 -7.94
CA ARG E 171 -0.74 -30.11 -8.88
C ARG E 171 -0.33 -31.55 -9.22
N GLN E 172 -0.46 -32.48 -8.27
CA GLN E 172 -0.19 -33.89 -8.59
C GLN E 172 -1.32 -34.36 -9.52
N SER E 173 -2.54 -33.97 -9.20
CA SER E 173 -3.67 -34.30 -10.07
C SER E 173 -3.47 -33.69 -11.46
N LEU E 174 -3.00 -32.45 -11.55
CA LEU E 174 -2.87 -31.76 -12.83
C LEU E 174 -1.85 -32.49 -13.74
N LEU E 175 -0.70 -32.84 -13.17
CA LEU E 175 0.36 -33.51 -13.90
C LEU E 175 -0.08 -34.89 -14.38
N LEU E 176 -0.83 -35.62 -13.54
CA LEU E 176 -1.25 -36.94 -13.94
C LEU E 176 -2.25 -36.83 -15.10
N TYR E 177 -3.15 -35.84 -15.04
CA TYR E 177 -4.12 -35.54 -16.12
C TYR E 177 -3.39 -35.18 -17.41
N TRP E 178 -2.38 -34.31 -17.28
CA TRP E 178 -1.61 -33.78 -18.39
C TRP E 178 -0.97 -34.93 -19.16
N LEU E 179 -0.40 -35.90 -18.42
CA LEU E 179 0.41 -36.98 -18.98
C LEU E 179 -0.48 -38.10 -19.53
N GLN E 180 -1.66 -38.31 -18.94
CA GLN E 180 -2.51 -39.47 -19.31
C GLN E 180 -3.78 -39.02 -20.05
N GLY E 181 -4.22 -37.78 -19.84
CA GLY E 181 -5.42 -37.30 -20.47
C GLY E 181 -6.70 -37.87 -19.86
N LYS E 182 -6.63 -38.39 -18.63
CA LYS E 182 -7.81 -38.99 -17.99
C LYS E 182 -8.36 -38.10 -16.86
N ALA E 183 -9.69 -37.91 -16.89
CA ALA E 183 -10.48 -37.13 -15.95
C ALA E 183 -11.62 -37.99 -15.43
N ASN E 184 -12.15 -37.66 -14.25
CA ASN E 184 -13.21 -38.45 -13.62
C ASN E 184 -14.56 -38.10 -14.24
N THR E 185 -14.79 -36.80 -14.45
CA THR E 185 -16.08 -36.27 -14.90
C THR E 185 -15.89 -34.89 -15.51
N GLU E 186 -16.80 -34.53 -16.40
CA GLU E 186 -17.01 -33.16 -16.77
C GLU E 186 -18.24 -32.68 -15.98
N ILE E 187 -18.10 -31.51 -15.34
CA ILE E 187 -19.20 -30.75 -14.74
C ILE E 187 -19.79 -29.88 -15.85
N SER E 188 -21.13 -29.87 -15.94
CA SER E 188 -21.85 -29.04 -16.88
C SER E 188 -21.20 -27.65 -16.96
N SER E 189 -20.83 -27.28 -18.19
CA SER E 189 -20.39 -25.95 -18.52
C SER E 189 -21.48 -24.94 -18.15
N GLU E 190 -22.75 -25.38 -18.17
CA GLU E 190 -23.89 -24.49 -17.90
C GLU E 190 -24.35 -24.51 -16.42
N ILE E 191 -23.54 -25.10 -15.54
CA ILE E 191 -23.77 -25.16 -14.11
C ILE E 191 -24.07 -23.76 -13.60
N VAL E 192 -25.07 -23.65 -12.73
CA VAL E 192 -25.30 -22.46 -11.91
C VAL E 192 -24.82 -22.73 -10.49
N THR E 193 -23.96 -21.83 -10.02
CA THR E 193 -23.25 -21.97 -8.77
C THR E 193 -24.09 -21.47 -7.60
N GLY E 194 -24.92 -20.45 -7.82
CA GLY E 194 -25.67 -19.79 -6.75
C GLY E 194 -24.91 -18.62 -6.12
N ILE E 195 -23.62 -18.48 -6.43
CA ILE E 195 -22.76 -17.44 -5.91
C ILE E 195 -22.57 -16.41 -7.01
N ASN E 196 -22.93 -15.16 -6.72
CA ASN E 196 -23.08 -14.13 -7.73
C ASN E 196 -21.82 -14.03 -8.60
N HIS E 197 -20.63 -13.87 -7.99
CA HIS E 197 -19.43 -13.52 -8.77
C HIS E 197 -18.94 -14.69 -9.63
N ILE E 198 -19.25 -15.91 -9.19
CA ILE E 198 -18.86 -17.11 -9.90
C ILE E 198 -19.75 -17.23 -11.15
N ASP E 199 -21.05 -17.05 -10.97
CA ASP E 199 -22.01 -17.05 -12.09
C ASP E 199 -21.67 -15.98 -13.13
N GLU E 200 -21.31 -14.76 -12.68
CA GLU E 200 -20.93 -13.62 -13.53
C GLU E 200 -19.80 -14.00 -14.48
N ILE E 201 -18.72 -14.54 -13.90
CA ILE E 201 -17.56 -14.97 -14.64
C ILE E 201 -17.99 -16.02 -15.69
N LEU E 202 -18.74 -17.06 -15.26
CA LEU E 202 -19.09 -18.15 -16.16
C LEU E 202 -19.90 -17.56 -17.30
N LEU E 203 -20.79 -16.60 -17.00
CA LEU E 203 -21.63 -16.06 -18.07
C LEU E 203 -20.78 -15.27 -19.07
N ALA E 204 -19.81 -14.51 -18.56
CA ALA E 204 -18.96 -13.68 -19.39
C ALA E 204 -18.11 -14.56 -20.33
N LEU E 205 -17.56 -15.67 -19.80
CA LEU E 205 -16.69 -16.64 -20.51
C LEU E 205 -17.52 -17.42 -21.55
N ARG E 206 -18.72 -17.88 -21.16
CA ARG E 206 -19.64 -18.59 -22.07
C ARG E 206 -19.94 -17.70 -23.27
N SER E 207 -20.11 -16.41 -23.04
CA SER E 207 -20.54 -15.53 -24.13
C SER E 207 -19.32 -15.01 -24.90
N GLU E 208 -18.13 -14.99 -24.28
CA GLU E 208 -16.91 -14.61 -24.98
C GLU E 208 -16.35 -15.79 -25.80
N GLY E 209 -16.60 -17.03 -25.36
CA GLY E 209 -15.95 -18.23 -25.89
C GLY E 209 -16.60 -19.50 -25.36
N ASP E 210 -15.81 -20.52 -25.01
CA ASP E 210 -16.31 -21.82 -24.55
C ASP E 210 -15.51 -22.30 -23.34
N ILE E 211 -16.19 -22.91 -22.37
CA ILE E 211 -15.54 -23.50 -21.18
C ILE E 211 -15.80 -25.01 -21.07
N ARG E 212 -14.86 -25.70 -20.42
CA ARG E 212 -15.03 -27.11 -20.03
C ARG E 212 -14.58 -27.23 -18.57
N ILE E 213 -15.37 -27.93 -17.76
CA ILE E 213 -15.07 -28.06 -16.34
C ILE E 213 -14.85 -29.55 -16.11
N PHE E 214 -13.68 -29.91 -15.58
CA PHE E 214 -13.26 -31.27 -15.43
C PHE E 214 -12.80 -31.54 -13.99
N ASP E 215 -13.30 -32.64 -13.42
CA ASP E 215 -12.77 -33.25 -12.22
C ASP E 215 -11.61 -34.20 -12.58
N ILE E 216 -10.38 -33.77 -12.29
CA ILE E 216 -9.16 -34.50 -12.59
C ILE E 216 -8.50 -35.05 -11.32
N THR E 217 -9.24 -35.11 -10.21
CA THR E 217 -8.74 -35.60 -8.91
C THR E 217 -7.98 -36.92 -9.09
N LEU E 218 -6.77 -37.04 -8.52
CA LEU E 218 -6.03 -38.29 -8.49
C LEU E 218 -7.02 -39.41 -8.23
N PRO E 219 -7.08 -40.45 -9.09
CA PRO E 219 -7.96 -41.61 -8.85
C PRO E 219 -7.91 -42.23 -7.44
N GLY E 220 -9.08 -42.59 -6.93
CA GLY E 220 -9.19 -43.13 -5.59
C GLY E 220 -9.21 -42.06 -4.51
N ALA E 221 -8.68 -40.87 -4.79
CA ALA E 221 -8.49 -39.81 -3.79
C ALA E 221 -9.85 -39.22 -3.33
N PRO E 222 -9.99 -38.83 -2.04
CA PRO E 222 -11.11 -38.01 -1.61
C PRO E 222 -10.90 -36.57 -2.08
N GLY E 223 -11.94 -35.76 -1.98
CA GLY E 223 -11.88 -34.36 -2.37
C GLY E 223 -12.06 -34.18 -3.86
N HIS E 224 -11.88 -32.96 -4.35
CA HIS E 224 -12.08 -32.71 -5.76
C HIS E 224 -11.03 -31.71 -6.21
N ALA E 225 -10.26 -32.11 -7.21
CA ALA E 225 -9.45 -31.23 -8.01
C ALA E 225 -10.29 -30.87 -9.23
N VAL E 226 -10.55 -29.58 -9.39
CA VAL E 226 -11.38 -29.11 -10.46
C VAL E 226 -10.52 -28.18 -11.33
N LEU E 227 -10.47 -28.51 -12.62
CA LEU E 227 -9.75 -27.76 -13.63
C LEU E 227 -10.80 -27.13 -14.56
N THR E 228 -10.68 -25.82 -14.77
CA THR E 228 -11.57 -25.07 -15.65
C THR E 228 -10.72 -24.55 -16.80
N LEU E 229 -11.24 -24.66 -18.02
CA LEU E 229 -10.52 -24.30 -19.25
C LEU E 229 -11.42 -23.38 -20.08
N TYR E 230 -10.81 -22.29 -20.55
CA TYR E 230 -11.42 -21.40 -21.50
C TYR E 230 -10.59 -21.35 -22.79
N GLY E 231 -11.29 -21.16 -23.91
CA GLY E 231 -10.68 -20.77 -25.15
C GLY E 231 -11.68 -20.07 -26.06
N THR E 232 -11.18 -19.17 -26.90
CA THR E 232 -12.02 -18.56 -27.92
C THR E 232 -11.25 -18.47 -29.25
N LYS E 233 -12.04 -18.52 -30.33
CA LYS E 233 -11.60 -18.26 -31.68
C LYS E 233 -11.90 -16.81 -32.03
N ASN E 234 -12.57 -16.09 -31.14
CA ASN E 234 -12.95 -14.72 -31.38
C ASN E 234 -11.70 -13.84 -31.62
N LYS E 235 -11.71 -13.14 -32.75
CA LYS E 235 -10.56 -12.43 -33.29
C LYS E 235 -10.22 -11.18 -32.45
N ILE E 236 -11.20 -10.48 -31.88
CA ILE E 236 -10.89 -9.22 -31.14
C ILE E 236 -10.61 -9.50 -29.67
N SER E 237 -10.75 -10.76 -29.22
CA SER E 237 -10.36 -11.17 -27.85
C SER E 237 -8.83 -11.30 -27.77
N ARG E 238 -8.23 -10.72 -26.75
CA ARG E 238 -6.78 -10.77 -26.54
C ARG E 238 -6.41 -12.07 -25.82
N ILE E 239 -7.34 -12.64 -25.04
CA ILE E 239 -7.14 -13.95 -24.41
C ILE E 239 -7.82 -15.03 -25.26
N LYS E 240 -7.01 -15.96 -25.76
CA LYS E 240 -7.53 -17.03 -26.59
C LYS E 240 -7.68 -18.31 -25.75
N TYR E 241 -6.96 -18.35 -24.62
CA TYR E 241 -6.96 -19.45 -23.69
C TYR E 241 -6.67 -18.93 -22.29
N SER E 242 -7.37 -19.51 -21.31
CA SER E 242 -7.00 -19.38 -19.90
C SER E 242 -7.41 -20.67 -19.20
N THR E 243 -7.05 -20.78 -17.92
CA THR E 243 -7.30 -21.98 -17.13
C THR E 243 -7.23 -21.61 -15.64
N GLY E 244 -7.90 -22.41 -14.80
CA GLY E 244 -7.82 -22.32 -13.34
C GLY E 244 -7.99 -23.67 -12.68
N LEU E 245 -7.52 -23.79 -11.44
CA LEU E 245 -7.45 -25.07 -10.76
C LEU E 245 -7.46 -24.86 -9.24
N SER E 246 -8.17 -25.76 -8.56
CA SER E 246 -8.20 -25.80 -7.12
C SER E 246 -8.65 -27.19 -6.67
N TYR E 247 -8.24 -27.56 -5.46
CA TYR E 247 -8.66 -28.77 -4.80
C TYR E 247 -9.22 -28.43 -3.41
N ALA E 248 -10.30 -29.12 -3.05
CA ALA E 248 -10.89 -29.06 -1.71
C ALA E 248 -11.70 -30.35 -1.46
N ASN E 249 -12.01 -30.62 -0.19
CA ASN E 249 -12.92 -31.67 0.22
C ASN E 249 -14.22 -31.49 -0.55
N SER E 250 -14.62 -30.23 -0.70
CA SER E 250 -15.91 -29.85 -1.24
C SER E 250 -15.80 -29.55 -2.73
N LEU E 251 -16.63 -30.23 -3.55
CA LEU E 251 -16.71 -30.02 -5.00
C LEU E 251 -17.01 -28.55 -5.32
N LYS E 252 -18.00 -27.96 -4.64
CA LYS E 252 -18.41 -26.55 -4.91
C LYS E 252 -17.24 -25.60 -4.64
N LYS E 253 -16.60 -25.76 -3.48
CA LYS E 253 -15.55 -24.90 -3.09
C LYS E 253 -14.44 -24.93 -4.15
N ALA E 254 -14.00 -26.13 -4.53
CA ALA E 254 -12.97 -26.33 -5.57
C ALA E 254 -13.39 -25.68 -6.90
N LEU E 255 -14.64 -25.88 -7.34
CA LEU E 255 -15.13 -25.31 -8.60
C LEU E 255 -15.04 -23.79 -8.57
N CYS E 256 -15.54 -23.19 -7.49
CA CYS E 256 -15.57 -21.72 -7.29
C CYS E 256 -14.16 -21.11 -7.30
N LYS E 257 -13.21 -21.66 -6.54
CA LYS E 257 -11.83 -21.18 -6.55
C LYS E 257 -11.22 -21.39 -7.94
N SER E 258 -11.50 -22.55 -8.55
CA SER E 258 -11.08 -22.84 -9.92
C SER E 258 -11.53 -21.74 -10.87
N VAL E 259 -12.81 -21.34 -10.77
CA VAL E 259 -13.36 -20.41 -11.74
C VAL E 259 -12.74 -19.04 -11.50
N VAL E 260 -12.50 -18.75 -10.22
CA VAL E 260 -12.03 -17.42 -9.86
C VAL E 260 -10.56 -17.26 -10.28
N GLU E 261 -9.79 -18.35 -10.15
CA GLU E 261 -8.40 -18.37 -10.54
C GLU E 261 -8.30 -18.26 -12.08
N LEU E 262 -9.20 -18.91 -12.84
CA LEU E 262 -9.20 -18.72 -14.30
C LEU E 262 -9.36 -17.23 -14.61
N TRP E 263 -10.33 -16.59 -13.97
CA TRP E 263 -10.59 -15.19 -14.22
C TRP E 263 -9.35 -14.35 -13.83
N GLN E 264 -8.70 -14.74 -12.73
CA GLN E 264 -7.54 -14.07 -12.17
C GLN E 264 -6.39 -14.08 -13.21
N SER E 265 -6.12 -15.26 -13.77
CA SER E 265 -5.12 -15.42 -14.82
C SER E 265 -5.59 -14.70 -16.08
N TYR E 266 -6.88 -14.81 -16.38
CA TYR E 266 -7.45 -14.21 -17.60
C TYR E 266 -7.16 -12.70 -17.59
N ILE E 267 -7.45 -12.04 -16.47
CA ILE E 267 -7.47 -10.58 -16.41
C ILE E 267 -6.06 -10.01 -16.25
N CYS E 268 -5.18 -10.72 -15.51
CA CYS E 268 -3.80 -10.30 -15.39
C CYS E 268 -3.13 -10.25 -16.76
N LEU E 269 -3.19 -11.36 -17.48
CA LEU E 269 -2.66 -11.41 -18.85
C LEU E 269 -3.35 -10.36 -19.71
N HIS E 270 -4.68 -10.19 -19.59
CA HIS E 270 -5.40 -9.28 -20.47
C HIS E 270 -4.83 -7.89 -20.27
N ASN E 271 -4.59 -7.55 -19.00
CA ASN E 271 -4.10 -6.22 -18.59
C ASN E 271 -2.65 -5.99 -19.06
N PHE E 272 -1.80 -7.02 -18.91
CA PHE E 272 -0.47 -7.03 -19.49
C PHE E 272 -0.55 -6.64 -20.98
N LEU E 273 -1.41 -7.35 -21.72
CA LEU E 273 -1.49 -7.21 -23.17
C LEU E 273 -2.05 -5.84 -23.59
N ILE E 274 -3.08 -5.32 -22.91
CA ILE E 274 -3.61 -4.00 -23.30
C ILE E 274 -2.71 -2.89 -22.73
N GLY E 275 -2.01 -3.16 -21.62
CA GLY E 275 -1.03 -2.24 -21.04
C GLY E 275 0.14 -1.89 -21.96
N GLY E 276 0.39 -2.69 -22.99
CA GLY E 276 1.50 -2.44 -23.93
C GLY E 276 2.80 -3.02 -23.43
N TYR E 277 2.82 -3.52 -22.19
CA TYR E 277 4.01 -4.06 -21.52
C TYR E 277 4.75 -5.04 -22.46
N THR E 278 6.08 -5.01 -22.33
CA THR E 278 7.06 -5.70 -23.16
C THR E 278 7.42 -7.08 -22.56
N ASP E 279 8.08 -7.93 -23.37
CA ASP E 279 8.63 -9.23 -22.88
C ASP E 279 9.66 -9.02 -21.74
N ASP E 280 10.41 -7.90 -21.75
CA ASP E 280 11.42 -7.62 -20.74
C ASP E 280 10.73 -7.43 -19.38
N ASP E 281 9.41 -7.24 -19.41
CA ASP E 281 8.61 -7.14 -18.20
C ASP E 281 8.40 -8.53 -17.58
N ILE E 282 8.51 -9.60 -18.38
CA ILE E 282 8.31 -10.97 -17.90
C ILE E 282 9.65 -11.53 -17.39
N ILE E 283 9.72 -11.81 -16.08
CA ILE E 283 10.92 -12.35 -15.40
C ILE E 283 10.71 -13.79 -14.95
N ASP E 284 9.50 -14.35 -15.09
CA ASP E 284 9.23 -15.69 -14.59
C ASP E 284 8.90 -16.61 -15.77
N SER E 285 9.64 -17.73 -15.89
CA SER E 285 9.56 -18.56 -17.10
C SER E 285 8.24 -19.36 -17.18
N TYR E 286 7.63 -19.71 -16.04
CA TYR E 286 6.25 -20.30 -16.00
C TYR E 286 5.24 -19.31 -16.62
N GLN E 287 5.41 -18.03 -16.30
CA GLN E 287 4.57 -16.99 -16.85
C GLN E 287 4.86 -16.80 -18.33
N ARG E 288 6.15 -16.68 -18.71
CA ARG E 288 6.54 -16.65 -20.12
C ARG E 288 5.90 -17.83 -20.86
N HIS E 289 6.00 -19.04 -20.30
CA HIS E 289 5.47 -20.24 -20.92
C HIS E 289 3.94 -20.17 -21.04
N PHE E 290 3.27 -19.73 -19.98
CA PHE E 290 1.83 -19.64 -20.01
C PHE E 290 1.39 -18.66 -21.11
N MET E 291 2.12 -17.55 -21.18
CA MET E 291 1.88 -16.48 -22.09
C MET E 291 2.06 -16.98 -23.54
N SER E 292 2.99 -17.92 -23.80
CA SER E 292 3.14 -18.46 -25.18
C SER E 292 2.09 -19.54 -25.46
N CYS E 293 1.31 -19.92 -24.44
CA CYS E 293 0.19 -20.85 -24.61
C CYS E 293 -1.13 -20.12 -24.85
N ASN E 294 -1.10 -18.80 -25.04
CA ASN E 294 -2.33 -18.03 -25.26
C ASN E 294 -2.77 -18.19 -26.72
N LYS E 295 -3.29 -19.38 -27.02
CA LYS E 295 -3.86 -19.72 -28.33
C LYS E 295 -4.91 -20.82 -28.16
N TYR E 296 -5.87 -20.83 -29.09
CA TYR E 296 -7.01 -21.69 -29.01
C TYR E 296 -6.56 -23.16 -28.99
N GLU E 297 -5.39 -23.42 -29.58
CA GLU E 297 -4.85 -24.75 -29.76
C GLU E 297 -4.44 -25.34 -28.41
N SER E 298 -4.25 -24.47 -27.39
CA SER E 298 -4.01 -24.97 -26.03
C SER E 298 -5.29 -25.64 -25.51
N PHE E 299 -6.43 -25.01 -25.82
CA PHE E 299 -7.74 -25.45 -25.35
C PHE E 299 -8.16 -26.75 -26.05
N THR E 300 -8.13 -26.77 -27.40
CA THR E 300 -8.57 -27.95 -28.17
C THR E 300 -7.67 -29.16 -27.87
N ASP E 301 -6.35 -28.97 -27.74
CA ASP E 301 -5.41 -30.04 -27.42
C ASP E 301 -5.81 -30.74 -26.11
N LEU E 302 -6.18 -29.99 -25.08
CA LEU E 302 -6.59 -30.64 -23.82
C LEU E 302 -7.95 -31.32 -24.02
N CYS E 303 -8.92 -30.58 -24.58
CA CYS E 303 -10.34 -31.00 -24.68
C CYS E 303 -10.51 -32.26 -25.57
N GLU E 304 -9.89 -32.30 -26.75
CA GLU E 304 -10.06 -33.43 -27.67
C GLU E 304 -9.38 -34.69 -27.08
N ASN E 305 -8.33 -34.49 -26.28
CA ASN E 305 -7.52 -35.57 -25.74
C ASN E 305 -7.94 -35.92 -24.31
N THR E 306 -9.06 -35.36 -23.83
CA THR E 306 -9.56 -35.69 -22.49
C THR E 306 -10.53 -36.90 -22.61
N VAL E 307 -10.20 -37.98 -21.90
CA VAL E 307 -11.07 -39.13 -21.73
C VAL E 307 -11.68 -39.04 -20.31
N LEU E 308 -12.97 -39.39 -20.20
CA LEU E 308 -13.77 -39.21 -18.99
C LEU E 308 -14.18 -40.57 -18.42
N LEU E 309 -13.88 -40.87 -17.15
CA LEU E 309 -14.26 -42.19 -16.57
C LEU E 309 -15.79 -42.33 -16.56
N SER E 310 -16.53 -41.26 -16.28
CA SER E 310 -18.00 -41.31 -16.21
C SER E 310 -18.62 -40.87 -17.52
N ASP E 311 -19.73 -41.53 -17.89
CA ASP E 311 -20.51 -41.23 -19.10
C ASP E 311 -20.95 -39.75 -19.04
N ASP E 312 -22.05 -39.49 -18.31
CA ASP E 312 -22.79 -38.25 -18.44
C ASP E 312 -22.06 -37.12 -17.71
N VAL E 313 -22.49 -35.91 -18.05
CA VAL E 313 -21.96 -34.66 -17.56
C VAL E 313 -22.68 -34.31 -16.25
N LYS E 314 -21.90 -34.04 -15.19
CA LYS E 314 -22.43 -33.74 -13.85
C LYS E 314 -23.30 -32.49 -13.92
N LEU E 315 -24.58 -32.64 -13.60
CA LEU E 315 -25.57 -31.53 -13.66
C LEU E 315 -25.60 -30.75 -12.33
N THR E 316 -25.26 -31.41 -11.21
CA THR E 316 -25.27 -30.79 -9.88
C THR E 316 -23.90 -30.97 -9.22
N LEU E 317 -23.67 -30.31 -8.08
CA LEU E 317 -22.41 -30.38 -7.32
C LEU E 317 -22.55 -31.24 -6.06
N GLU E 318 -23.27 -32.37 -6.12
CA GLU E 318 -23.49 -33.26 -4.95
C GLU E 318 -22.26 -34.17 -4.78
N GLU E 319 -21.87 -34.45 -3.52
CA GLU E 319 -20.69 -35.27 -3.19
C GLU E 319 -20.99 -36.74 -3.48
N ASN E 320 -20.00 -37.62 -3.26
CA ASN E 320 -20.13 -39.08 -3.47
C ASN E 320 -19.37 -39.83 -2.36
N ILE E 321 -19.53 -41.16 -2.34
CA ILE E 321 -18.97 -41.97 -1.29
C ILE E 321 -17.43 -41.80 -1.21
N THR E 322 -16.74 -41.61 -2.35
CA THR E 322 -15.25 -41.44 -2.30
C THR E 322 -14.85 -40.15 -1.58
N SER E 323 -15.50 -39.00 -1.88
CA SER E 323 -15.02 -37.64 -1.41
C SER E 323 -14.72 -37.66 0.11
N ASP E 324 -15.49 -38.47 0.84
CA ASP E 324 -15.67 -38.45 2.30
C ASP E 324 -14.48 -39.13 3.01
N THR E 325 -13.75 -39.99 2.28
CA THR E 325 -12.71 -40.85 2.85
C THR E 325 -11.49 -39.99 3.22
N ASN E 326 -10.57 -40.65 3.95
CA ASN E 326 -9.54 -39.98 4.68
C ASN E 326 -8.35 -39.70 3.75
N LEU E 327 -7.97 -38.43 3.61
CA LEU E 327 -6.92 -38.05 2.65
C LEU E 327 -5.53 -38.52 3.11
N LEU E 328 -5.24 -38.53 4.41
CA LEU E 328 -3.91 -38.96 4.89
C LEU E 328 -3.78 -40.48 4.75
N ASN E 329 -4.86 -41.21 5.04
CA ASN E 329 -4.90 -42.65 4.80
C ASN E 329 -4.57 -42.93 3.34
N TYR E 330 -5.25 -42.23 2.42
CA TYR E 330 -5.08 -42.47 0.99
C TYR E 330 -3.62 -42.22 0.60
N LEU E 331 -3.08 -41.06 0.99
CA LEU E 331 -1.72 -40.67 0.62
C LEU E 331 -0.68 -41.64 1.22
N GLN E 332 -0.85 -42.09 2.47
CA GLN E 332 0.13 -42.94 3.14
C GLN E 332 0.16 -44.32 2.46
N GLN E 333 -1.00 -44.80 2.01
CA GLN E 333 -1.11 -46.05 1.24
C GLN E 333 -0.19 -46.02 0.02
N ILE E 334 0.00 -44.84 -0.57
CA ILE E 334 0.86 -44.63 -1.72
C ILE E 334 2.30 -44.44 -1.27
N SER E 335 2.50 -43.76 -0.13
CA SER E 335 3.85 -43.39 0.27
C SER E 335 3.86 -42.92 1.73
N ASP E 336 4.92 -43.32 2.44
CA ASP E 336 5.26 -42.88 3.79
C ASP E 336 6.06 -41.57 3.73
N ASN E 337 6.65 -41.29 2.56
CA ASN E 337 7.64 -40.27 2.45
C ASN E 337 7.00 -38.97 1.93
N ILE E 338 6.18 -38.36 2.79
CA ILE E 338 5.65 -37.01 2.56
C ILE E 338 6.06 -36.16 3.77
N PHE E 339 6.74 -35.04 3.47
CA PHE E 339 7.30 -34.14 4.46
C PHE E 339 6.68 -32.73 4.34
N VAL E 340 6.63 -32.06 5.48
CA VAL E 340 6.17 -30.73 5.60
C VAL E 340 7.37 -29.84 5.97
N TYR E 341 7.91 -29.08 5.01
CA TYR E 341 8.80 -27.98 5.34
C TYR E 341 7.97 -26.94 6.10
N TYR E 342 8.55 -26.35 7.14
CA TYR E 342 7.83 -25.33 7.91
C TYR E 342 8.80 -24.27 8.43
N ALA E 343 8.32 -23.03 8.46
CA ALA E 343 8.95 -21.88 9.08
C ALA E 343 7.86 -21.04 9.76
N ARG E 344 8.26 -20.22 10.73
CA ARG E 344 7.30 -19.38 11.41
C ARG E 344 7.99 -18.14 11.97
N GLU E 345 7.19 -17.07 12.11
CA GLU E 345 7.63 -15.73 12.55
C GLU E 345 6.56 -15.12 13.46
N ARG E 346 6.99 -14.53 14.57
CA ARG E 346 6.12 -13.74 15.43
C ARG E 346 5.73 -12.40 14.79
N VAL E 347 4.41 -12.14 14.76
CA VAL E 347 3.75 -10.88 14.36
C VAL E 347 2.84 -10.53 15.54
N SER E 348 3.07 -9.41 16.21
CA SER E 348 2.33 -9.11 17.43
C SER E 348 2.41 -10.29 18.41
N ASN E 349 1.23 -10.86 18.74
CA ASN E 349 1.08 -11.90 19.75
C ASN E 349 0.67 -13.21 19.08
N SER E 350 0.89 -13.29 17.76
CA SER E 350 0.59 -14.44 16.90
C SER E 350 1.87 -14.93 16.23
N LEU E 351 1.81 -16.15 15.71
CA LEU E 351 2.76 -16.66 14.75
C LEU E 351 2.08 -16.70 13.39
N VAL E 352 2.82 -16.31 12.35
CA VAL E 352 2.47 -16.66 10.97
C VAL E 352 3.39 -17.82 10.51
N TRP E 353 2.89 -18.57 9.53
CA TRP E 353 3.44 -19.87 9.13
C TRP E 353 3.63 -19.95 7.62
N TYR E 354 4.78 -20.47 7.23
CA TYR E 354 5.07 -20.76 5.84
C TYR E 354 5.29 -22.28 5.74
N THR E 355 4.50 -22.99 4.93
CA THR E 355 4.69 -24.47 4.77
C THR E 355 4.90 -24.81 3.28
N LYS E 356 5.55 -25.96 3.06
CA LYS E 356 5.56 -26.62 1.74
C LYS E 356 5.53 -28.14 1.95
N ILE E 357 4.59 -28.77 1.23
CA ILE E 357 4.45 -30.18 1.26
C ILE E 357 5.19 -30.76 0.05
N VAL E 358 6.03 -31.77 0.30
CA VAL E 358 7.03 -32.34 -0.64
C VAL E 358 7.09 -33.86 -0.44
N SER E 359 7.11 -34.60 -1.55
CA SER E 359 7.41 -36.05 -1.54
C SER E 359 8.23 -36.43 -2.77
N PRO E 360 9.40 -37.11 -2.64
CA PRO E 360 10.10 -37.66 -3.80
C PRO E 360 9.36 -38.89 -4.36
N ASP E 361 8.34 -39.38 -3.65
CA ASP E 361 7.49 -40.45 -4.18
C ASP E 361 6.40 -39.86 -5.08
N PHE E 362 6.28 -38.52 -5.10
CA PHE E 362 5.37 -37.83 -6.02
C PHE E 362 6.22 -36.92 -6.93
N PHE E 363 5.57 -36.26 -7.90
CA PHE E 363 6.22 -35.23 -8.69
C PHE E 363 6.72 -34.11 -7.76
N LEU E 364 8.01 -33.81 -7.84
CA LEU E 364 8.67 -32.79 -7.02
C LEU E 364 8.42 -31.37 -7.57
N HIS E 365 8.05 -31.25 -8.84
CA HIS E 365 7.64 -29.98 -9.40
C HIS E 365 6.78 -30.25 -10.63
N MET E 366 6.33 -29.21 -11.33
CA MET E 366 5.25 -29.39 -12.34
C MET E 366 5.71 -29.05 -13.78
N ASN E 367 7.02 -29.04 -13.99
CA ASN E 367 7.59 -28.67 -15.28
C ASN E 367 8.19 -29.90 -15.96
N ASN E 368 7.37 -30.72 -16.62
CA ASN E 368 7.94 -31.96 -17.12
C ASN E 368 8.64 -31.69 -18.47
N SER E 369 9.00 -30.43 -18.72
CA SER E 369 9.95 -30.09 -19.78
C SER E 369 11.33 -29.80 -19.19
N GLY E 370 11.46 -29.73 -17.86
CA GLY E 370 12.75 -29.60 -17.19
C GLY E 370 13.18 -30.93 -16.63
N ALA E 371 14.07 -30.91 -15.64
CA ALA E 371 14.58 -32.10 -14.98
C ALA E 371 13.67 -32.47 -13.79
N ILE E 372 12.94 -33.59 -13.95
CA ILE E 372 11.84 -33.98 -13.09
C ILE E 372 11.90 -35.49 -12.84
N ASN E 373 11.52 -35.90 -11.62
CA ASN E 373 11.42 -37.33 -11.26
C ASN E 373 10.20 -37.94 -11.98
N ILE E 374 10.34 -38.18 -13.28
CA ILE E 374 9.24 -38.71 -14.15
C ILE E 374 8.72 -40.07 -13.65
N ASN E 375 9.60 -40.89 -13.07
CA ASN E 375 9.18 -42.18 -12.51
C ASN E 375 9.06 -42.03 -11.00
N ASN E 376 7.89 -42.38 -10.48
CA ASN E 376 7.58 -42.15 -9.09
C ASN E 376 6.36 -43.02 -8.78
N LYS E 377 5.80 -42.92 -7.58
CA LYS E 377 4.78 -43.87 -7.17
C LYS E 377 3.47 -43.66 -7.96
N ILE E 378 3.25 -42.53 -8.66
CA ILE E 378 1.95 -42.31 -9.38
C ILE E 378 2.09 -42.25 -10.92
N TYR E 379 3.31 -42.30 -11.46
CA TYR E 379 3.49 -42.36 -12.90
C TYR E 379 4.83 -43.03 -13.19
N HIS E 380 4.90 -43.70 -14.34
CA HIS E 380 6.14 -44.28 -14.87
C HIS E 380 6.18 -43.96 -16.39
N THR E 381 7.38 -43.68 -16.89
CA THR E 381 7.58 -43.45 -18.33
C THR E 381 6.81 -44.54 -19.11
N GLY E 382 5.92 -44.09 -20.02
CA GLY E 382 5.22 -45.00 -20.93
C GLY E 382 3.72 -45.08 -20.69
N ASP E 383 3.29 -44.82 -19.46
CA ASP E 383 1.87 -44.97 -19.14
C ASP E 383 1.03 -43.98 -19.96
N GLY E 384 1.58 -42.81 -20.26
CA GLY E 384 0.78 -41.72 -20.74
C GLY E 384 1.14 -41.37 -22.16
N ILE E 385 0.80 -40.13 -22.54
CA ILE E 385 1.13 -39.54 -23.86
C ILE E 385 2.61 -39.09 -23.83
N LYS E 386 3.35 -39.47 -24.87
CA LYS E 386 4.81 -39.49 -24.82
C LYS E 386 5.36 -38.07 -25.03
N VAL E 387 4.80 -37.36 -26.01
CA VAL E 387 5.20 -35.97 -26.32
C VAL E 387 4.99 -35.07 -25.09
N ARG E 388 4.06 -35.45 -24.22
CA ARG E 388 3.66 -34.66 -23.08
C ARG E 388 4.63 -34.84 -21.91
N GLU E 389 5.41 -35.93 -21.93
CA GLU E 389 6.43 -36.21 -20.89
C GLU E 389 7.60 -35.21 -20.97
N SER E 390 7.80 -34.58 -22.13
CA SER E 390 8.90 -33.59 -22.35
C SER E 390 8.37 -32.17 -22.60
N LYS E 391 7.04 -31.97 -22.51
CA LYS E 391 6.41 -30.69 -22.65
C LYS E 391 5.78 -30.28 -21.32
N MET E 392 5.81 -28.98 -21.00
CA MET E 392 5.17 -28.47 -19.80
C MET E 392 3.68 -28.19 -20.08
N VAL E 393 2.86 -28.58 -19.11
CA VAL E 393 1.43 -28.35 -19.07
C VAL E 393 1.14 -26.87 -19.30
N PRO E 394 0.09 -26.48 -20.09
CA PRO E 394 -0.24 -25.06 -20.30
C PRO E 394 -1.03 -24.47 -19.12
N PHE E 395 -0.30 -24.21 -18.02
CA PHE E 395 -0.80 -23.75 -16.74
C PHE E 395 0.22 -22.81 -16.09
N PRO E 396 -0.16 -21.63 -15.55
CA PRO E 396 0.84 -20.65 -15.08
C PRO E 396 1.37 -20.99 -13.68
N1 FMN F . -6.35 22.31 -20.80
C2 FMN F . -5.18 22.89 -20.41
O2 FMN F . -4.25 23.03 -21.23
N3 FMN F . -5.00 23.30 -19.13
C4 FMN F . -5.94 23.19 -18.18
O4 FMN F . -5.74 23.60 -17.01
C4A FMN F . -7.23 22.57 -18.54
N5 FMN F . -8.22 22.40 -17.62
C5A FMN F . -9.39 21.84 -17.98
C6 FMN F . -10.40 21.70 -17.03
C7 FMN F . -11.61 21.13 -17.39
C7M FMN F . -12.70 20.97 -16.37
C8 FMN F . -11.84 20.66 -18.77
C8M FMN F . -13.15 20.05 -19.13
C9 FMN F . -10.86 20.79 -19.73
C9A FMN F . -9.62 21.37 -19.40
N10 FMN F . -8.57 21.55 -20.35
C10 FMN F . -7.37 22.12 -19.94
C1' FMN F . -8.71 21.10 -21.75
C2' FMN F . -8.48 19.60 -21.82
O2' FMN F . -7.08 19.33 -21.51
C3' FMN F . -8.96 19.13 -23.19
O3' FMN F . -10.39 19.21 -23.28
C4' FMN F . -8.57 17.68 -23.48
O4' FMN F . -7.15 17.54 -23.45
C5' FMN F . -9.07 17.19 -24.82
O5' FMN F . -8.58 18.02 -25.87
P FMN F . -9.62 18.72 -26.86
O1P FMN F . -10.53 19.51 -25.94
O2P FMN F . -8.69 19.54 -27.72
O3P FMN F . -10.31 17.54 -27.54
ZN ZN G . -8.66 36.70 7.98
S SO4 H . -13.92 20.26 12.54
O1 SO4 H . -13.08 19.37 13.38
O2 SO4 H . -15.34 19.81 12.58
O3 SO4 H . -13.43 20.17 11.16
O4 SO4 H . -13.84 21.65 13.04
C1 GOL I . -14.11 29.51 11.49
O1 GOL I . -14.93 28.48 12.06
C2 GOL I . -13.13 28.99 10.42
O2 GOL I . -13.88 28.28 9.44
C3 GOL I . -12.39 30.15 9.74
O3 GOL I . -11.11 29.83 9.12
ZN ZN J . 16.60 -10.76 15.10
PG ATP K . 3.01 -10.40 40.08
O1G ATP K . 4.14 -11.41 40.07
O2G ATP K . 3.06 -9.38 38.97
O3G ATP K . 2.88 -9.74 41.44
PB ATP K . 1.22 -12.77 39.81
O1B ATP K . -0.16 -12.90 39.18
O2B ATP K . 2.38 -13.51 39.19
O3B ATP K . 1.58 -11.16 39.90
PA ATP K . 0.17 -14.63 41.68
O1A ATP K . -0.08 -15.43 40.42
O2A ATP K . 0.80 -15.29 42.88
O3A ATP K . 1.05 -13.31 41.32
O5' ATP K . -1.25 -14.02 42.13
C5' ATP K . -2.49 -14.29 41.45
C4' ATP K . -3.69 -14.36 42.39
O4' ATP K . -3.97 -15.74 42.73
C3' ATP K . -3.54 -13.62 43.73
O3' ATP K . -3.99 -12.25 43.63
C2' ATP K . -4.34 -14.47 44.72
O2' ATP K . -5.66 -13.97 44.91
C1' ATP K . -4.41 -15.86 44.09
N9 ATP K . -3.55 -16.84 44.83
C8 ATP K . -2.20 -16.98 44.73
N7 ATP K . -1.76 -17.98 45.54
C5 ATP K . -2.83 -18.49 46.19
C6 ATP K . -3.08 -19.56 47.20
N6 ATP K . -2.04 -20.29 47.68
N1 ATP K . -4.36 -19.78 47.60
C2 ATP K . -5.40 -19.06 47.13
N3 ATP K . -5.24 -18.07 46.22
C4 ATP K . -4.02 -17.74 45.72
C1 EDO L . 13.58 3.15 6.62
O1 EDO L . 13.10 2.89 7.94
C2 EDO L . 12.41 3.58 5.74
O2 EDO L . 12.01 4.91 6.08
C1 EDO M . -1.11 -18.38 16.83
O1 EDO M . -0.86 -17.51 15.72
C2 EDO M . -0.38 -19.70 16.59
O2 EDO M . -0.10 -19.89 15.19
PB ADP N . -3.67 -19.91 -4.37
O1B ADP N . -4.39 -20.46 -5.57
O2B ADP N . -2.83 -20.88 -3.55
O3B ADP N . -2.90 -18.66 -4.57
PA ADP N . -5.32 -18.23 -2.59
O1A ADP N . -6.58 -18.70 -1.88
O2A ADP N . -5.30 -17.09 -3.58
O3A ADP N . -4.89 -19.61 -3.33
O5' ADP N . -4.23 -17.96 -1.46
C5' ADP N . -3.02 -17.26 -1.74
C4' ADP N . -2.13 -17.28 -0.50
O4' ADP N . -2.74 -16.49 0.54
C3' ADP N . -1.92 -18.66 0.11
O3' ADP N . -0.60 -18.76 0.71
C2' ADP N . -2.93 -18.69 1.22
O2' ADP N . -2.60 -19.62 2.25
C1' ADP N . -2.83 -17.26 1.73
N9 ADP N . -3.98 -16.86 2.56
C8 ADP N . -5.27 -16.91 2.19
N7 ADP N . -6.08 -16.47 3.19
C5 ADP N . -5.28 -16.13 4.24
C6 ADP N . -5.48 -15.59 5.59
N6 ADP N . -6.72 -15.33 6.05
N1 ADP N . -4.40 -15.36 6.38
C2 ADP N . -3.16 -15.62 5.92
N3 ADP N . -2.90 -16.12 4.68
C4 ADP N . -3.90 -16.39 3.81
P PO4 O . -1.00 -20.25 -7.11
O1 PO4 O . -2.37 -20.72 -7.48
O2 PO4 O . -0.06 -20.61 -8.26
O3 PO4 O . -0.97 -18.73 -6.98
O4 PO4 O . -0.55 -20.87 -5.79
MG MG P . -4.05 -22.03 -7.04
MG MG Q . -0.69 -21.18 -3.63
MG MG R . -2.63 -17.46 -6.32
CL CL S . -13.29 -28.00 2.11
#